data_9BFD
#
_entry.id   9BFD
#
_cell.length_a   1.00
_cell.length_b   1.00
_cell.length_c   1.00
_cell.angle_alpha   90.00
_cell.angle_beta   90.00
_cell.angle_gamma   90.00
#
_symmetry.space_group_name_H-M   'P 1'
#
loop_
_entity.id
_entity.type
_entity.pdbx_description
1 polymer 'Tyrocidine synthase 1'
2 polymer 'Tyrocidine synthase 2'
3 non-polymer '(7S,10aR)-1-methyl-4-{4-[(5R)-1,1,5-trihydroxy-4,4-dimethyl-1,6,11-trioxo-2-oxa-7,10-diaza-1lambda~5~-phosphadodecan-12-yl]phenyl}-3,5,6,7,8,9,10,10a-octahydrocycloocta[d]pyridazin-7-yl [2-({N-[(2R)-2-hydroxy-3,3-dimethyl-4-(phosphonooxy)butanoyl]-beta-alanyl}amino)ethyl]carbamate'
4 non-polymer "5'-O-[(R)-hydroxy{[(2S)-pyrrolidin-2-ylcarbonyl]oxy}phosphoryl]adenosine"
#
loop_
_entity_poly.entity_id
_entity_poly.type
_entity_poly.pdbx_seq_one_letter_code
_entity_poly.pdbx_strand_id
1 'polypeptide(L)'
;MVANQANLIDNKRELEQHALVPYAQGKSIHQLFEEQAEAFPDRVAIVFENRRLSYQELNRKANQLARALLEKGVQTDSIV
GVMMEKSIENVIAILAVLKAGGAYVPIDIEYPRDRIQYILQDSQTKIVLTQKSVSQLVHDVGYSGEVVVLDEEQLDARET
ANLHQPSKPTDLAYVIYTSGTTGKPKGTMLEHKGIANLQSFFQNSFGVTEQDRIGLFASMSFDASVWEMFMALLSGASLY
ILSKQTIHDFAAFEHYLSENELTIITLPPTYLTHLTPERITSLRIMITAGSASSAPLVNKWKDKLRYINAYGPTETSICA
TIWEAPSNQLSVQSVPIGKPIQNTHIYIVNEDLQLLPTGSEGELCIGGVGLARGYWNRPDLTAEKFVDNPFVPGEKMYRT
GDLAKWLTDGTIEFLGRIDHQVKIRGHRIELGEIESVLLAHEHITEAVVIAREDQHAGQYLCAYYISQQEATPAQLRDYA
AQKLPAYMLPSYFVKLDKMPLTPNDKIDRKALPEPDLTANQSQAAYHPPRTETESILVSIWQNVLGIEKIGIRDNFYSLG
GDSIQAIQVVARLHSYQLKLETKDLLNYPTIEQVALFVKSTTRKSDQGIIAGNVPLTPIQKWFFGKNFTNTGHWNQSSVL
YRPEGFDPKVIQSVMDKIIEHHDALRMVYQHENGNVVQHNRGLGGQLYDFFSYNLTAQPDVQQAIEAETQRLHSSMNLQE
GPLVKVALFQTLHGDHLFLAIHHLVVDGISWRILFEDLATGYAQALAGQAISLPEKTDSFQSWSQWLQEYANEADLLSEI
PYWESLESQAKNVSLPKDYEVTDCKQKSVRNMRIRLHPEETEQLLKHANQAYQTEINDLLLAALGLAFAEWSKLAQIVIH
LEGHGREDIIEQANVARTVGWFTSQYPVLLDLKQTAPLSDYIKLTKENMRKIPRKGIGYDILKHVTLPENRGSLSFRVQP
EVTFNYLGQFDADMRTELFTRSPYSGGNTLGADGKNNLSPESEVYTALNITGLIEGGELVLTFSYSSEQYREESIQQLSQ
SYQKHLLAIIAHCTEKKEVERTPSDFSVKGLQMEEMDDIFELLANRLRGSRSHHHHHH
;
A
2 'polypeptide(L)'
;MGVFSKEQVQDMYALTPMQEGMLFHALLDQEHNSHLVQMSISLQGDLDVGLFTDSLHVLVERYDVFRTLFLYEKLKQPLQ
VVLKQRPIPIEFYDLSACDESEKQLRYTQYKRADQERTFHLAKDPLMRVALFQMSQHDYQVIWSFHHILMDGWCFSIIFD
DLLAIYLSLQNKTALSLEPVQPYSRFINWLEKQNKQAALNYWSDYLEAYEQKTTLPKKEAAFAKAFQPTQYRFSLNRTLT
KQLGTIASQNQVTLSTVIQTIWGVLLQKYNAAHDVLFGSVVSGRPTDIVGIDKMVGLFINTIPFRVQAKAGQTFSELLQA
VHKRTLQSQPYEHVPLYDIQTQSVLKQELIDHLLVIENYPLVEALQKKALNQQIGFTITAVEMFEPTNYDLTVMVMPKEE
LAFRFDYNAALFDEQVVQKLAGHLQQIADCVANNSGVELCQIPLLTEAETSQLLAKRTETAADYPAATMHELFSRQAEKT
PEQVAVVFADQHLTYRELDEKSNQLARFLRKKGIGTGSLVGTLLDRSLDMIVGILGVLKAGGAFVPIDPELPAERIAYML
THSRVPLVVTQNHLRAKVTTPTETIDINTAVIGEESRAPIESLNQPHDLFYIIYTSGTTGQPKGVMLEHRNMANLMHFTF
DQTNIAFHEKVLQYTTCSFDVCYQEIFSTLLSGGQLYLITNELRRHVEKLFAFIQEKQISILSLPVSFLKFIFNEQDYAQ
SFPRCVKHIITAGEQLVVTHELQKYLRQHRVFLHNHYGPSETHVVTTCTMDPGQAIPELPPIGKPISNTGIYILDEGLQL
KPEGIVGELYISGANVGRGYLHQPELTAEKFLDNPYQPGERMYRTGDLARWLPDGQLEFLGRIDHQVKIRGHRIELGEIE
SRLLNHPAIKEAVVIDRADETGGKFLCAYVVLQKALSDEEMRAYLAQALPEYMIPSFFVTLERIPVTPNGKTDRRALPKP
EGSAKTKADYVAPTTELEQKLVAIWEQILGVSPIGIQDHFFTLGGHSLKAIQLISRIQKECQADVPLRVLFEQPTIQALA
AYVELEHHHHHH
;
B
#
loop_
_chem_comp.id
_chem_comp.type
_chem_comp.name
_chem_comp.formula
A1AN1 non-polymer '(7S,10aR)-1-methyl-4-{4-[(5R)-1,1,5-trihydroxy-4,4-dimethyl-1,6,11-trioxo-2-oxa-7,10-diaza-1lambda~5~-phosphadodecan-12-yl]phenyl}-3,5,6,7,8,9,10,10a-octahydrocycloocta[d]pyridazin-7-yl [2-({N-[(2R)-2-hydroxy-3,3-dimethyl-4-(phosphonooxy)butanoyl]-beta-alanyl}amino)ethyl]carbamate' 'C39 H63 N7 O16 P2'
PR8 non-polymer 5'-O-[(R)-hydroxy{[(2S)-pyrrolidin-2-ylcarbonyl]oxy}phosphoryl]adenosine 'C15 H21 N6 O8 P'
#
# COMPACT_ATOMS: atom_id res chain seq x y z
N GLU A 534 35.22 -8.56 6.43
CA GLU A 534 36.20 -9.61 6.68
C GLU A 534 36.41 -10.46 5.43
N SER A 535 37.60 -11.05 5.32
CA SER A 535 37.94 -11.83 4.14
C SER A 535 36.92 -12.93 3.86
N ILE A 536 36.25 -13.41 4.89
CA ILE A 536 35.17 -14.37 4.68
C ILE A 536 34.11 -13.78 3.76
N LEU A 537 33.69 -12.54 4.02
CA LEU A 537 32.68 -11.92 3.17
C LEU A 537 33.26 -11.52 1.82
N VAL A 538 34.53 -11.13 1.78
CA VAL A 538 35.20 -10.90 0.50
C VAL A 538 35.12 -12.13 -0.38
N SER A 539 35.20 -13.32 0.22
CA SER A 539 35.01 -14.53 -0.57
C SER A 539 33.55 -14.73 -0.92
N ILE A 540 32.67 -14.66 0.09
CA ILE A 540 31.30 -15.08 -0.09
C ILE A 540 30.58 -14.20 -1.11
N TRP A 541 31.02 -12.96 -1.30
CA TRP A 541 30.52 -12.21 -2.46
C TRP A 541 30.98 -12.84 -3.76
N GLN A 542 32.27 -13.21 -3.85
CA GLN A 542 32.78 -13.66 -5.13
C GLN A 542 32.09 -14.94 -5.57
N ASN A 543 31.93 -15.87 -4.65
CA ASN A 543 31.27 -17.14 -4.94
C ASN A 543 29.74 -17.03 -5.02
N VAL A 544 29.17 -15.83 -5.05
CA VAL A 544 27.76 -15.64 -5.36
C VAL A 544 27.56 -14.77 -6.59
N LEU A 545 28.16 -13.58 -6.60
CA LEU A 545 28.04 -12.64 -7.71
C LEU A 545 28.87 -13.03 -8.92
N GLY A 546 29.83 -13.95 -8.76
CA GLY A 546 30.58 -14.41 -9.91
C GLY A 546 31.63 -13.47 -10.42
N ILE A 547 31.93 -12.39 -9.69
CA ILE A 547 32.94 -11.42 -10.09
C ILE A 547 34.14 -11.58 -9.18
N GLU A 548 35.33 -11.64 -9.77
CA GLU A 548 36.56 -11.96 -9.07
C GLU A 548 37.20 -10.72 -8.46
N LYS A 549 38.09 -10.96 -7.50
CA LYS A 549 38.97 -9.92 -6.96
C LYS A 549 38.19 -8.78 -6.32
N ILE A 550 37.10 -9.12 -5.63
CA ILE A 550 36.33 -8.12 -4.91
C ILE A 550 37.24 -7.41 -3.91
N GLY A 551 37.24 -6.08 -3.95
CA GLY A 551 38.09 -5.29 -3.09
C GLY A 551 37.45 -4.94 -1.76
N ILE A 552 38.23 -4.20 -0.96
CA ILE A 552 37.79 -3.85 0.39
C ILE A 552 36.63 -2.86 0.35
N ARG A 553 36.49 -2.08 -0.73
CA ARG A 553 35.35 -1.19 -0.83
C ARG A 553 34.87 -1.00 -2.27
N ASP A 554 34.99 -2.04 -3.09
CA ASP A 554 34.15 -2.11 -4.27
C ASP A 554 32.69 -2.21 -3.84
N ASN A 555 31.79 -1.85 -4.75
CA ASN A 555 30.39 -1.66 -4.41
C ASN A 555 29.58 -2.87 -4.84
N PHE A 556 28.78 -3.40 -3.93
CA PHE A 556 27.95 -4.56 -4.24
C PHE A 556 27.19 -4.39 -5.53
N TYR A 557 26.58 -3.21 -5.73
CA TYR A 557 25.88 -2.94 -6.98
C TYR A 557 26.84 -2.75 -8.15
N SER A 558 27.94 -2.03 -7.93
CA SER A 558 28.89 -1.81 -9.02
C SER A 558 29.47 -3.13 -9.51
N LEU A 559 29.65 -4.10 -8.60
CA LEU A 559 30.05 -5.44 -9.03
C LEU A 559 28.91 -6.19 -9.71
N GLY A 560 27.70 -5.64 -9.69
CA GLY A 560 26.56 -6.28 -10.29
C GLY A 560 25.68 -7.03 -9.33
N GLY A 561 25.70 -6.66 -8.05
CA GLY A 561 24.80 -7.26 -7.07
C GLY A 561 23.36 -7.09 -7.49
N ASP A 562 22.44 -7.60 -6.69
CA ASP A 562 21.05 -7.58 -7.12
C ASP A 562 20.15 -7.90 -5.94
N SER A 563 18.89 -7.47 -6.08
CA SER A 563 17.86 -7.66 -5.07
C SER A 563 17.77 -9.10 -4.56
N ILE A 564 18.20 -10.07 -5.36
CA ILE A 564 18.07 -11.48 -5.00
C ILE A 564 19.43 -11.97 -4.50
N GLN A 565 20.44 -11.88 -5.35
CA GLN A 565 21.79 -12.33 -5.05
C GLN A 565 22.22 -11.99 -3.63
N ALA A 566 21.62 -10.93 -3.06
CA ALA A 566 21.83 -10.63 -1.65
C ALA A 566 21.34 -11.77 -0.76
N ILE A 567 20.17 -12.33 -1.06
CA ILE A 567 19.69 -13.47 -0.29
C ILE A 567 20.71 -14.60 -0.33
N GLN A 568 21.29 -14.83 -1.52
CA GLN A 568 22.30 -15.88 -1.65
C GLN A 568 23.53 -15.58 -0.80
N VAL A 569 23.98 -14.32 -0.83
CA VAL A 569 25.15 -13.94 -0.03
C VAL A 569 24.87 -14.15 1.46
N VAL A 570 23.67 -13.78 1.90
CA VAL A 570 23.31 -13.93 3.31
C VAL A 570 23.23 -15.41 3.71
N ALA A 571 22.64 -16.25 2.86
CA ALA A 571 22.63 -17.69 3.13
C ALA A 571 24.03 -18.27 3.15
N ARG A 572 24.91 -17.83 2.25
CA ARG A 572 26.28 -18.33 2.25
C ARG A 572 27.04 -17.89 3.50
N LEU A 573 26.85 -16.64 3.93
CA LEU A 573 27.46 -16.19 5.16
C LEU A 573 26.92 -16.94 6.37
N HIS A 574 25.64 -17.31 6.34
CA HIS A 574 25.05 -18.09 7.42
C HIS A 574 25.75 -19.41 7.64
N SER A 575 26.44 -19.94 6.62
CA SER A 575 27.23 -21.15 6.81
C SER A 575 28.46 -20.93 7.67
N TYR A 576 28.87 -19.68 7.84
CA TYR A 576 29.92 -19.32 8.78
C TYR A 576 29.37 -18.89 10.14
N GLN A 577 28.11 -19.22 10.43
CA GLN A 577 27.48 -18.91 11.71
C GLN A 577 27.43 -17.41 11.97
N LEU A 578 27.57 -16.60 10.93
CA LEU A 578 27.40 -15.16 11.03
C LEU A 578 26.04 -14.76 10.51
N LYS A 579 25.39 -13.83 11.20
CA LYS A 579 24.10 -13.29 10.79
C LYS A 579 24.31 -11.89 10.22
N LEU A 580 23.70 -11.62 9.08
CA LEU A 580 23.67 -10.28 8.51
C LEU A 580 22.32 -10.07 7.85
N GLU A 581 21.65 -8.98 8.21
CA GLU A 581 20.45 -8.57 7.48
C GLU A 581 20.83 -7.99 6.13
N THR A 582 20.16 -8.44 5.08
CA THR A 582 20.32 -7.79 3.78
C THR A 582 19.91 -6.32 3.86
N LYS A 583 19.04 -5.99 4.81
CA LYS A 583 18.74 -4.59 5.12
C LYS A 583 19.99 -3.78 5.42
N ASP A 584 21.10 -4.43 5.81
CA ASP A 584 22.37 -3.74 5.91
C ASP A 584 23.29 -3.97 4.71
N LEU A 585 23.33 -5.19 4.16
CA LEU A 585 24.15 -5.42 2.99
C LEU A 585 23.78 -4.50 1.85
N LEU A 586 22.48 -4.26 1.65
CA LEU A 586 22.03 -3.37 0.59
C LEU A 586 22.26 -1.91 0.93
N ASN A 587 22.20 -1.56 2.22
CA ASN A 587 22.20 -0.16 2.61
C ASN A 587 23.59 0.41 2.82
N TYR A 588 24.56 -0.45 3.13
CA TYR A 588 25.97 -0.07 3.28
C TYR A 588 26.78 -0.92 2.31
N PRO A 589 26.66 -0.63 1.01
CA PRO A 589 27.03 -1.62 0.00
C PRO A 589 28.53 -1.81 -0.18
N THR A 590 29.32 -1.59 0.86
CA THR A 590 30.75 -1.81 0.78
C THR A 590 31.19 -2.70 1.94
N ILE A 591 32.12 -3.61 1.63
CA ILE A 591 32.56 -4.60 2.61
C ILE A 591 33.03 -3.92 3.89
N GLU A 592 33.96 -2.97 3.74
CA GLU A 592 34.49 -2.27 4.90
C GLU A 592 33.40 -1.65 5.74
N GLN A 593 32.26 -1.32 5.12
CA GLN A 593 31.22 -0.62 5.85
C GLN A 593 30.19 -1.57 6.44
N VAL A 594 29.99 -2.73 5.81
CA VAL A 594 29.04 -3.71 6.32
C VAL A 594 29.64 -4.60 7.39
N ALA A 595 30.98 -4.70 7.44
CA ALA A 595 31.63 -5.40 8.54
C ALA A 595 31.12 -4.95 9.91
N LEU A 596 30.68 -3.70 10.02
CA LEU A 596 30.11 -3.15 11.24
C LEU A 596 28.81 -3.83 11.68
N PHE A 597 28.29 -4.78 10.90
CA PHE A 597 27.03 -5.41 11.22
C PHE A 597 27.04 -6.93 11.17
N VAL A 598 28.18 -7.55 10.87
CA VAL A 598 28.26 -9.01 10.86
C VAL A 598 28.37 -9.52 12.29
N LYS A 599 27.45 -10.40 12.67
CA LYS A 599 27.27 -10.80 14.07
C LYS A 599 27.39 -12.32 14.16
N SER A 600 27.77 -12.79 15.35
CA SER A 600 27.72 -14.22 15.63
C SER A 600 26.27 -14.69 15.73
N THR A 601 26.02 -15.91 15.24
CA THR A 601 24.70 -16.50 15.38
C THR A 601 24.41 -16.98 16.80
N THR A 602 25.43 -17.19 17.62
CA THR A 602 25.24 -17.55 19.03
C THR A 602 26.16 -16.72 19.91
N ARG A 603 25.60 -16.16 20.97
CA ARG A 603 26.41 -15.52 22.00
C ARG A 603 27.14 -16.57 22.84
N LYS A 604 28.18 -16.10 23.54
CA LYS A 604 29.01 -16.93 24.41
C LYS A 604 29.10 -16.17 25.73
N SER A 605 28.06 -16.27 26.54
CA SER A 605 27.96 -15.48 27.75
C SER A 605 29.13 -15.75 28.70
N ASP A 606 29.43 -14.75 29.52
CA ASP A 606 30.64 -14.73 30.32
C ASP A 606 30.86 -16.02 31.09
N GLN A 607 31.93 -16.73 30.75
CA GLN A 607 32.33 -17.92 31.51
C GLN A 607 33.08 -17.56 32.78
N GLY A 608 33.46 -16.29 32.95
CA GLY A 608 34.09 -15.79 34.16
C GLY A 608 33.11 -15.37 35.24
N ILE A 609 33.29 -14.16 35.77
CA ILE A 609 32.68 -13.72 37.01
C ILE A 609 31.88 -12.46 36.75
N ILE A 610 30.67 -12.40 37.32
CA ILE A 610 29.90 -11.18 37.41
C ILE A 610 29.54 -10.92 38.86
N ALA A 611 29.41 -9.64 39.19
CA ALA A 611 29.27 -9.20 40.57
C ALA A 611 28.51 -7.89 40.62
N GLY A 612 28.22 -7.44 41.84
CA GLY A 612 27.52 -6.20 42.06
C GLY A 612 26.03 -6.36 42.29
N ASN A 613 25.35 -5.22 42.25
CA ASN A 613 23.92 -5.16 42.54
C ASN A 613 23.13 -6.07 41.60
N VAL A 614 22.20 -6.82 42.18
CA VAL A 614 21.27 -7.67 41.43
C VAL A 614 19.85 -7.30 41.85
N PRO A 615 19.06 -6.73 40.95
CA PRO A 615 17.70 -6.32 41.32
C PRO A 615 16.85 -7.51 41.74
N LEU A 616 16.05 -7.32 42.79
CA LEU A 616 15.13 -8.34 43.24
C LEU A 616 14.14 -8.72 42.15
N THR A 617 14.03 -10.02 41.89
CA THR A 617 12.99 -10.57 41.05
C THR A 617 11.66 -10.64 41.78
N PRO A 618 10.55 -10.77 41.04
CA PRO A 618 9.22 -10.74 41.67
C PRO A 618 9.03 -11.73 42.81
N ILE A 619 9.51 -12.96 42.68
CA ILE A 619 9.41 -13.92 43.78
C ILE A 619 10.25 -13.49 44.97
N GLN A 620 11.39 -12.85 44.74
CA GLN A 620 12.22 -12.37 45.84
C GLN A 620 11.58 -11.16 46.52
N LYS A 621 10.93 -10.29 45.75
CA LYS A 621 10.26 -9.17 46.35
C LYS A 621 9.05 -9.64 47.13
N TRP A 622 8.31 -10.61 46.59
CA TRP A 622 7.24 -11.24 47.35
C TRP A 622 7.77 -11.77 48.67
N PHE A 623 8.93 -12.41 48.65
CA PHE A 623 9.45 -13.03 49.86
C PHE A 623 9.75 -11.98 50.92
N PHE A 624 10.48 -10.93 50.55
CA PHE A 624 10.77 -9.89 51.53
C PHE A 624 9.52 -9.14 51.96
N GLY A 625 8.52 -9.04 51.09
CA GLY A 625 7.25 -8.46 51.48
C GLY A 625 6.45 -9.31 52.45
N LYS A 626 6.67 -10.63 52.44
CA LYS A 626 6.02 -11.51 53.40
C LYS A 626 6.61 -11.40 54.80
N ASN A 627 7.85 -10.96 54.94
CA ASN A 627 8.39 -10.49 56.22
C ASN A 627 8.39 -11.61 57.26
N PHE A 628 8.85 -12.78 56.85
CA PHE A 628 8.80 -13.94 57.73
C PHE A 628 9.58 -13.70 59.00
N THR A 629 9.13 -14.34 60.07
CA THR A 629 9.96 -14.49 61.27
C THR A 629 11.12 -15.42 60.97
N ASN A 630 12.35 -14.95 61.16
CA ASN A 630 13.55 -15.63 60.71
C ASN A 630 13.48 -15.91 59.21
N THR A 631 13.60 -14.83 58.43
CA THR A 631 13.82 -15.00 56.99
C THR A 631 15.07 -15.79 56.69
N GLY A 632 15.95 -15.96 57.66
CA GLY A 632 17.10 -16.83 57.53
C GLY A 632 16.78 -18.30 57.65
N HIS A 633 15.51 -18.68 57.57
CA HIS A 633 15.09 -20.07 57.68
C HIS A 633 13.95 -20.28 56.68
N TRP A 634 14.32 -20.32 55.40
CA TRP A 634 13.34 -20.49 54.32
C TRP A 634 14.15 -21.06 53.15
N ASN A 635 14.23 -22.39 53.09
CA ASN A 635 15.35 -23.04 52.44
C ASN A 635 14.86 -24.15 51.52
N GLN A 636 15.79 -24.66 50.73
CA GLN A 636 15.65 -25.92 50.02
C GLN A 636 16.90 -26.75 50.25
N SER A 637 16.76 -28.07 50.12
CA SER A 637 17.86 -28.96 50.46
C SER A 637 17.63 -30.32 49.81
N SER A 638 18.69 -31.12 49.80
CA SER A 638 18.59 -32.55 49.61
C SER A 638 19.83 -33.20 50.21
N VAL A 639 19.75 -34.50 50.45
CA VAL A 639 20.86 -35.28 50.99
C VAL A 639 21.22 -36.34 49.96
N LEU A 640 22.44 -36.27 49.45
CA LEU A 640 22.94 -37.31 48.56
C LEU A 640 23.54 -38.47 49.35
N TYR A 641 23.72 -39.58 48.65
CA TYR A 641 24.43 -40.73 49.21
C TYR A 641 25.19 -41.41 48.08
N ARG A 642 26.25 -42.12 48.45
CA ARG A 642 27.02 -42.89 47.50
C ARG A 642 27.41 -44.22 48.13
N PRO A 643 27.29 -45.33 47.39
CA PRO A 643 27.53 -46.65 48.00
C PRO A 643 28.86 -46.78 48.71
N GLU A 644 29.90 -46.12 48.22
CA GLU A 644 31.19 -46.07 48.89
C GLU A 644 31.48 -44.68 49.46
N GLY A 645 30.44 -43.87 49.64
CA GLY A 645 30.61 -42.60 50.31
C GLY A 645 31.26 -41.52 49.45
N PHE A 646 31.73 -40.48 50.14
CA PHE A 646 32.36 -39.33 49.52
C PHE A 646 33.61 -38.98 50.32
N ASP A 647 34.72 -38.76 49.62
CA ASP A 647 35.89 -38.20 50.26
C ASP A 647 35.66 -36.72 50.58
N PRO A 648 35.78 -36.29 51.83
CA PRO A 648 35.48 -34.89 52.17
C PRO A 648 36.28 -33.89 51.34
N LYS A 649 37.58 -34.11 51.17
CA LYS A 649 38.39 -33.18 50.39
C LYS A 649 37.94 -33.14 48.94
N VAL A 650 37.49 -34.27 48.39
CA VAL A 650 37.04 -34.32 47.00
C VAL A 650 35.74 -33.52 46.83
N ILE A 651 34.75 -33.78 47.68
CA ILE A 651 33.50 -33.05 47.56
C ILE A 651 33.68 -31.57 47.87
N GLN A 652 34.51 -31.24 48.85
CA GLN A 652 34.83 -29.83 49.07
C GLN A 652 35.50 -29.19 47.85
N SER A 653 36.42 -29.91 47.20
CA SER A 653 37.05 -29.40 46.01
C SER A 653 36.06 -29.23 44.86
N VAL A 654 35.01 -30.04 44.84
CA VAL A 654 33.95 -29.84 43.86
C VAL A 654 33.12 -28.61 44.21
N MET A 655 32.67 -28.52 45.46
CA MET A 655 31.82 -27.42 45.88
C MET A 655 32.52 -26.07 45.75
N ASP A 656 33.85 -26.05 45.79
CA ASP A 656 34.58 -24.83 45.46
C ASP A 656 34.23 -24.36 44.06
N LYS A 657 34.43 -25.22 43.07
CA LYS A 657 34.27 -24.76 41.69
C LYS A 657 32.80 -24.57 41.40
N ILE A 658 31.96 -25.51 41.83
CA ILE A 658 30.53 -25.43 41.54
C ILE A 658 29.90 -24.18 42.14
N ILE A 659 30.47 -23.66 43.24
CA ILE A 659 29.98 -22.40 43.79
C ILE A 659 30.69 -21.19 43.20
N GLU A 660 31.85 -21.37 42.59
CA GLU A 660 32.41 -20.33 41.71
C GLU A 660 31.57 -20.13 40.46
N HIS A 661 31.15 -21.21 39.82
CA HIS A 661 30.57 -21.11 38.47
C HIS A 661 29.28 -20.31 38.47
N HIS A 662 28.32 -20.68 39.30
CA HIS A 662 27.04 -19.99 39.34
C HIS A 662 27.11 -18.83 40.33
N ASP A 663 26.82 -17.63 39.84
CA ASP A 663 27.11 -16.43 40.60
C ASP A 663 25.99 -16.08 41.58
N ALA A 664 24.74 -16.39 41.26
CA ALA A 664 23.65 -16.00 42.15
C ALA A 664 23.78 -16.68 43.50
N LEU A 665 24.32 -17.89 43.54
CA LEU A 665 24.42 -18.60 44.80
C LEU A 665 25.32 -17.90 45.80
N ARG A 666 26.13 -16.94 45.36
CA ARG A 666 26.99 -16.15 46.23
C ARG A 666 26.32 -14.91 46.76
N MET A 667 25.10 -14.59 46.33
CA MET A 667 24.51 -13.31 46.63
C MET A 667 24.26 -13.17 48.13
N VAL A 668 24.14 -11.91 48.57
CA VAL A 668 23.79 -11.58 49.95
C VAL A 668 22.83 -10.41 49.92
N TYR A 669 22.14 -10.22 51.04
CA TYR A 669 20.94 -9.39 51.08
C TYR A 669 21.07 -8.39 52.22
N GLN A 670 21.32 -7.13 51.86
CA GLN A 670 21.71 -6.10 52.81
C GLN A 670 20.51 -5.65 53.63
N HIS A 671 20.48 -6.02 54.90
CA HIS A 671 19.40 -5.63 55.81
C HIS A 671 19.58 -4.18 56.27
N GLU A 672 19.57 -3.27 55.31
CA GLU A 672 19.87 -1.88 55.62
C GLU A 672 18.96 -0.93 54.83
N ASN A 673 19.04 0.35 55.22
CA ASN A 673 18.34 1.48 54.59
C ASN A 673 16.84 1.26 54.52
N GLY A 674 16.29 0.56 55.51
CA GLY A 674 14.86 0.37 55.60
C GLY A 674 14.27 -0.51 54.52
N ASN A 675 15.10 -1.17 53.73
CA ASN A 675 14.67 -1.90 52.55
C ASN A 675 15.58 -3.11 52.40
N VAL A 676 15.53 -3.75 51.24
CA VAL A 676 16.50 -4.75 50.86
C VAL A 676 17.04 -4.43 49.48
N VAL A 677 18.33 -4.67 49.28
CA VAL A 677 18.96 -4.64 47.97
C VAL A 677 19.91 -5.84 47.91
N GLN A 678 19.90 -6.55 46.79
CA GLN A 678 20.73 -7.74 46.67
C GLN A 678 22.10 -7.39 46.13
N HIS A 679 23.09 -8.16 46.54
CA HIS A 679 24.45 -8.02 46.06
C HIS A 679 25.03 -9.39 45.73
N ASN A 680 25.92 -9.41 44.75
CA ASN A 680 26.59 -10.62 44.31
C ASN A 680 28.09 -10.45 44.51
N ARG A 681 28.75 -11.51 44.95
CA ARG A 681 30.05 -11.42 45.61
C ARG A 681 31.14 -11.95 44.69
N GLY A 682 32.19 -11.16 44.52
CA GLY A 682 33.38 -11.64 43.87
C GLY A 682 34.12 -12.67 44.72
N LEU A 683 34.76 -13.62 44.06
CA LEU A 683 35.22 -14.83 44.73
C LEU A 683 36.10 -14.49 45.92
N GLY A 684 36.07 -15.37 46.92
CA GLY A 684 36.86 -15.21 48.12
C GLY A 684 36.56 -16.28 49.15
N GLY A 685 36.72 -15.96 50.42
CA GLY A 685 36.18 -16.78 51.48
C GLY A 685 34.67 -16.68 51.59
N GLN A 686 34.12 -17.52 52.47
CA GLN A 686 32.70 -17.48 52.82
C GLN A 686 31.81 -17.63 51.58
N LEU A 687 32.11 -18.62 50.76
CA LEU A 687 31.18 -19.03 49.73
C LEU A 687 30.08 -19.93 50.29
N TYR A 688 30.45 -20.97 51.03
CA TYR A 688 29.51 -21.92 51.57
C TYR A 688 29.95 -22.33 52.96
N ASP A 689 28.99 -22.80 53.76
CA ASP A 689 29.23 -23.25 55.11
C ASP A 689 29.24 -24.77 55.11
N PHE A 690 30.27 -25.35 55.68
CA PHE A 690 30.49 -26.79 55.59
C PHE A 690 30.64 -27.40 56.97
N PHE A 691 29.96 -28.53 57.18
CA PHE A 691 30.03 -29.25 58.43
C PHE A 691 30.26 -30.74 58.14
N SER A 692 30.97 -31.40 59.04
CA SER A 692 31.29 -32.81 58.87
C SER A 692 31.01 -33.56 60.17
N TYR A 693 30.44 -34.76 60.04
CA TYR A 693 29.99 -35.54 61.19
C TYR A 693 30.17 -37.02 60.89
N ASN A 694 30.33 -37.79 61.95
CA ASN A 694 30.23 -39.25 61.90
C ASN A 694 29.13 -39.68 62.86
N LEU A 695 28.12 -40.37 62.34
CA LEU A 695 26.95 -40.75 63.11
C LEU A 695 26.99 -42.20 63.59
N THR A 696 28.04 -42.93 63.26
CA THR A 696 28.07 -44.36 63.57
C THR A 696 27.97 -44.63 65.06
N ALA A 697 28.33 -43.65 65.89
CA ALA A 697 28.24 -43.82 67.34
C ALA A 697 26.80 -43.95 67.82
N GLN A 698 25.83 -43.44 67.07
CA GLN A 698 24.43 -43.53 67.44
C GLN A 698 23.71 -44.50 66.52
N PRO A 699 23.07 -45.54 67.04
CA PRO A 699 22.31 -46.44 66.16
C PRO A 699 21.18 -45.74 65.43
N ASP A 700 20.50 -44.79 66.07
CA ASP A 700 19.51 -43.95 65.40
C ASP A 700 20.23 -42.84 64.63
N VAL A 701 20.89 -43.25 63.55
CA VAL A 701 21.57 -42.29 62.68
C VAL A 701 20.59 -41.25 62.16
N GLN A 702 19.37 -41.69 61.82
CA GLN A 702 18.38 -40.78 61.27
C GLN A 702 18.03 -39.66 62.24
N GLN A 703 17.86 -39.99 63.52
CA GLN A 703 17.57 -38.95 64.51
C GLN A 703 18.75 -37.99 64.69
N ALA A 704 19.98 -38.52 64.67
CA ALA A 704 21.15 -37.67 64.86
C ALA A 704 21.33 -36.71 63.69
N ILE A 705 21.20 -37.22 62.47
CA ILE A 705 21.31 -36.34 61.31
C ILE A 705 20.14 -35.38 61.25
N GLU A 706 18.95 -35.81 61.66
CA GLU A 706 17.82 -34.90 61.69
C GLU A 706 18.10 -33.72 62.61
N ALA A 707 18.45 -34.02 63.86
CA ALA A 707 18.69 -32.97 64.85
C ALA A 707 19.85 -32.07 64.46
N GLU A 708 20.88 -32.61 63.80
CA GLU A 708 22.00 -31.75 63.43
C GLU A 708 21.69 -30.90 62.20
N THR A 709 21.04 -31.48 61.19
CA THR A 709 20.66 -30.71 60.01
C THR A 709 19.64 -29.63 60.33
N GLN A 710 18.79 -29.86 61.34
CA GLN A 710 17.89 -28.79 61.77
C GLN A 710 18.63 -27.51 62.13
N ARG A 711 19.88 -27.62 62.57
CA ARG A 711 20.65 -26.43 62.90
C ARG A 711 20.85 -25.53 61.68
N LEU A 712 21.45 -26.09 60.61
CA LEU A 712 21.93 -25.28 59.52
C LEU A 712 20.82 -24.46 58.88
N HIS A 713 19.61 -25.02 58.79
CA HIS A 713 18.49 -24.31 58.20
C HIS A 713 18.29 -22.95 58.86
N SER A 714 18.70 -22.82 60.13
CA SER A 714 18.51 -21.61 60.91
C SER A 714 19.57 -20.55 60.64
N SER A 715 20.67 -20.90 59.97
CA SER A 715 21.93 -20.18 60.09
C SER A 715 22.24 -19.32 58.87
N MET A 716 21.23 -18.91 58.13
CA MET A 716 21.43 -18.11 56.92
C MET A 716 21.65 -16.66 57.32
N ASN A 717 22.92 -16.26 57.43
CA ASN A 717 23.23 -14.87 57.68
C ASN A 717 23.01 -14.06 56.41
N LEU A 718 21.74 -13.83 56.07
CA LEU A 718 21.40 -13.17 54.82
C LEU A 718 22.15 -11.85 54.64
N GLN A 719 22.58 -11.21 55.72
CA GLN A 719 23.30 -9.94 55.58
C GLN A 719 24.63 -10.14 54.86
N GLU A 720 25.37 -11.16 55.26
CA GLU A 720 26.62 -11.53 54.60
C GLU A 720 27.05 -12.89 55.10
N GLY A 721 26.90 -13.92 54.27
CA GLY A 721 27.26 -15.26 54.65
C GLY A 721 27.03 -16.24 53.53
N PRO A 722 27.53 -17.45 53.70
CA PRO A 722 27.31 -18.47 52.67
C PRO A 722 25.86 -18.92 52.64
N LEU A 723 25.15 -18.61 51.56
CA LEU A 723 23.78 -19.06 51.36
C LEU A 723 23.69 -20.51 50.91
N VAL A 724 24.81 -21.21 50.81
CA VAL A 724 24.82 -22.65 50.59
C VAL A 724 25.38 -23.29 51.86
N LYS A 725 24.65 -24.25 52.40
CA LYS A 725 25.10 -25.03 53.54
C LYS A 725 25.39 -26.46 53.10
N VAL A 726 26.50 -27.01 53.58
CA VAL A 726 26.93 -28.35 53.23
C VAL A 726 27.25 -29.11 54.51
N ALA A 727 26.93 -30.39 54.54
CA ALA A 727 27.39 -31.24 55.62
C ALA A 727 27.62 -32.65 55.09
N LEU A 728 28.48 -33.39 55.79
CA LEU A 728 28.75 -34.79 55.48
C LEU A 728 28.59 -35.60 56.75
N PHE A 729 27.87 -36.72 56.66
CA PHE A 729 27.62 -37.58 57.80
C PHE A 729 28.14 -38.98 57.48
N GLN A 730 29.18 -39.39 58.20
CA GLN A 730 29.74 -40.73 58.04
C GLN A 730 28.92 -41.74 58.83
N THR A 731 28.85 -42.96 58.29
CA THR A 731 28.07 -44.02 58.92
C THR A 731 28.61 -45.37 58.44
N LEU A 732 28.30 -46.41 59.20
CA LEU A 732 28.73 -47.76 58.83
C LEU A 732 28.27 -48.12 57.42
N HIS A 733 27.08 -47.66 57.04
CA HIS A 733 26.52 -47.94 55.73
C HIS A 733 27.14 -47.09 54.62
N GLY A 734 28.03 -46.15 54.96
CA GLY A 734 28.65 -45.28 53.98
C GLY A 734 28.64 -43.85 54.47
N ASP A 735 28.88 -42.93 53.54
CA ASP A 735 28.93 -41.50 53.83
C ASP A 735 27.67 -40.83 53.28
N HIS A 736 27.06 -39.98 54.11
CA HIS A 736 25.88 -39.22 53.75
C HIS A 736 26.25 -37.76 53.53
N LEU A 737 25.82 -37.20 52.41
CA LEU A 737 26.28 -35.90 51.93
C LEU A 737 25.10 -34.93 51.92
N PHE A 738 25.20 -33.88 52.72
CA PHE A 738 24.13 -32.91 52.90
C PHE A 738 24.40 -31.65 52.10
N LEU A 739 23.39 -31.19 51.37
CA LEU A 739 23.39 -29.89 50.72
C LEU A 739 22.11 -29.15 51.08
N ALA A 740 22.24 -27.86 51.39
CA ALA A 740 21.10 -27.00 51.63
C ALA A 740 21.39 -25.61 51.10
N ILE A 741 20.36 -24.97 50.54
CA ILE A 741 20.51 -23.70 49.85
C ILE A 741 19.32 -22.82 50.21
N HIS A 742 19.58 -21.53 50.41
CA HIS A 742 18.49 -20.60 50.67
C HIS A 742 17.63 -20.42 49.43
N HIS A 743 16.32 -20.42 49.63
CA HIS A 743 15.39 -20.47 48.50
C HIS A 743 15.48 -19.25 47.61
N LEU A 744 15.94 -18.11 48.14
CA LEU A 744 16.07 -16.92 47.31
C LEU A 744 17.01 -17.13 46.14
N VAL A 745 17.87 -18.15 46.19
CA VAL A 745 18.89 -18.35 45.18
C VAL A 745 18.78 -19.70 44.49
N VAL A 746 17.65 -20.40 44.61
CA VAL A 746 17.52 -21.74 44.08
C VAL A 746 16.07 -22.01 43.68
N ASP A 747 15.88 -23.08 42.93
CA ASP A 747 14.59 -23.42 42.32
C ASP A 747 14.61 -24.91 42.02
N GLY A 748 13.43 -25.45 41.70
CA GLY A 748 13.37 -26.86 41.33
C GLY A 748 14.18 -27.15 40.08
N ILE A 749 13.90 -26.43 38.99
CA ILE A 749 14.70 -26.59 37.77
C ILE A 749 16.15 -26.29 38.08
N SER A 750 16.40 -25.26 38.89
CA SER A 750 17.76 -24.93 39.27
C SER A 750 18.38 -26.04 40.11
N TRP A 751 17.57 -26.79 40.85
CA TRP A 751 18.14 -27.90 41.59
C TRP A 751 18.48 -29.07 40.68
N ARG A 752 17.70 -29.27 39.60
CA ARG A 752 18.12 -30.20 38.58
C ARG A 752 19.46 -29.80 37.98
N ILE A 753 19.53 -28.55 37.47
CA ILE A 753 20.77 -28.02 36.94
C ILE A 753 21.93 -28.25 37.90
N LEU A 754 21.73 -27.92 39.17
CA LEU A 754 22.78 -28.03 40.17
C LEU A 754 23.18 -29.48 40.41
N PHE A 755 22.23 -30.41 40.36
CA PHE A 755 22.58 -31.80 40.56
C PHE A 755 23.32 -32.40 39.37
N GLU A 756 22.92 -32.05 38.16
CA GLU A 756 23.68 -32.55 37.00
C GLU A 756 25.06 -31.92 36.93
N ASP A 757 25.18 -30.64 37.29
CA ASP A 757 26.49 -30.02 37.41
C ASP A 757 27.34 -30.67 38.50
N LEU A 758 26.74 -30.98 39.65
CA LEU A 758 27.50 -31.63 40.71
C LEU A 758 27.86 -33.06 40.36
N ALA A 759 27.01 -33.74 39.60
CA ALA A 759 27.31 -35.10 39.16
C ALA A 759 28.50 -35.11 38.21
N THR A 760 28.51 -34.20 37.24
CA THR A 760 29.68 -34.10 36.37
C THR A 760 30.92 -33.65 37.15
N GLY A 761 30.77 -32.68 38.04
CA GLY A 761 31.90 -32.24 38.85
C GLY A 761 32.51 -33.37 39.67
N TYR A 762 31.68 -34.14 40.34
CA TYR A 762 32.18 -35.27 41.13
C TYR A 762 32.77 -36.36 40.26
N ALA A 763 32.17 -36.64 39.10
CA ALA A 763 32.78 -37.59 38.17
C ALA A 763 34.16 -37.12 37.74
N GLN A 764 34.30 -35.83 37.44
CA GLN A 764 35.60 -35.26 37.09
C GLN A 764 36.60 -35.38 38.24
N ALA A 765 36.18 -35.04 39.45
CA ALA A 765 37.08 -35.13 40.59
C ALA A 765 37.52 -36.56 40.86
N LEU A 766 36.59 -37.52 40.79
CA LEU A 766 36.96 -38.91 40.99
C LEU A 766 37.87 -39.42 39.88
N ALA A 767 37.64 -38.97 38.65
CA ALA A 767 38.54 -39.32 37.55
C ALA A 767 39.87 -38.60 37.65
N GLY A 768 39.98 -37.56 38.48
CA GLY A 768 41.23 -36.84 38.64
C GLY A 768 41.55 -35.85 37.54
N GLN A 769 40.62 -35.58 36.64
CA GLN A 769 40.84 -34.60 35.59
C GLN A 769 40.64 -33.18 36.13
N ALA A 770 41.12 -32.21 35.37
CA ALA A 770 40.83 -30.81 35.66
C ALA A 770 39.33 -30.55 35.53
N ILE A 771 38.74 -30.02 36.60
CA ILE A 771 37.30 -29.79 36.65
C ILE A 771 36.95 -28.58 35.81
N SER A 772 36.01 -28.76 34.89
CA SER A 772 35.44 -27.66 34.11
C SER A 772 34.03 -28.02 33.75
N LEU A 773 33.21 -27.01 33.50
CA LEU A 773 31.76 -27.18 33.49
C LEU A 773 31.14 -26.60 32.23
N PRO A 774 29.90 -26.97 31.94
CA PRO A 774 29.20 -26.39 30.79
C PRO A 774 29.31 -24.86 30.72
N GLU A 775 29.20 -24.36 29.50
CA GLU A 775 29.30 -22.93 29.24
C GLU A 775 28.18 -22.16 29.93
N LYS A 776 28.54 -21.08 30.61
CA LYS A 776 27.57 -20.31 31.39
C LYS A 776 26.55 -19.66 30.47
N THR A 777 25.27 -19.88 30.78
CA THR A 777 24.18 -19.11 30.19
C THR A 777 24.05 -17.76 30.88
N ASP A 778 23.06 -16.99 30.48
CA ASP A 778 22.91 -15.62 30.99
C ASP A 778 22.75 -15.64 32.50
N SER A 779 23.78 -15.17 33.21
CA SER A 779 23.85 -15.34 34.64
C SER A 779 22.90 -14.39 35.35
N PHE A 780 22.49 -14.79 36.56
CA PHE A 780 21.22 -14.32 37.11
C PHE A 780 21.15 -12.79 37.19
N GLN A 781 22.27 -12.13 37.45
CA GLN A 781 22.27 -10.67 37.43
C GLN A 781 21.76 -10.13 36.10
N SER A 782 22.27 -10.66 34.99
CA SER A 782 21.80 -10.23 33.67
C SER A 782 20.33 -10.58 33.47
N TRP A 783 19.87 -11.67 34.06
CA TRP A 783 18.44 -12.00 33.98
C TRP A 783 17.61 -10.94 34.69
N SER A 784 17.94 -10.65 35.95
CA SER A 784 17.22 -9.60 36.67
C SER A 784 17.26 -8.28 35.92
N GLN A 785 18.40 -7.96 35.31
CA GLN A 785 18.55 -6.69 34.60
C GLN A 785 17.63 -6.61 33.39
N TRP A 786 17.70 -7.59 32.48
CA TRP A 786 16.79 -7.57 31.35
C TRP A 786 15.34 -7.70 31.81
N LEU A 787 15.11 -8.33 32.96
CA LEU A 787 13.74 -8.48 33.46
C LEU A 787 13.17 -7.13 33.87
N GLN A 788 13.96 -6.32 34.58
CA GLN A 788 13.49 -4.98 34.91
C GLN A 788 13.40 -4.11 33.66
N GLU A 789 14.23 -4.37 32.67
CA GLU A 789 14.07 -3.71 31.38
C GLU A 789 12.77 -4.14 30.71
N TYR A 790 12.52 -5.45 30.68
CA TYR A 790 11.26 -5.97 30.15
C TYR A 790 10.07 -5.58 31.01
N ALA A 791 10.26 -5.45 32.32
CA ALA A 791 9.15 -5.21 33.23
C ALA A 791 8.36 -3.94 32.90
N ASN A 792 8.85 -3.11 31.98
CA ASN A 792 8.15 -1.89 31.59
C ASN A 792 7.85 -1.82 30.10
N GLU A 793 8.14 -2.87 29.34
CA GLU A 793 7.96 -2.84 27.90
C GLU A 793 6.48 -2.93 27.54
N ALA A 794 6.18 -2.55 26.29
CA ALA A 794 4.81 -2.55 25.81
C ALA A 794 4.23 -3.96 25.73
N ASP A 795 5.08 -4.98 25.54
CA ASP A 795 4.59 -6.35 25.45
C ASP A 795 3.86 -6.77 26.71
N LEU A 796 4.54 -6.71 27.86
CA LEU A 796 3.91 -7.14 29.11
C LEU A 796 2.67 -6.30 29.41
N LEU A 797 2.74 -4.99 29.16
CA LEU A 797 1.60 -4.13 29.43
C LEU A 797 0.38 -4.51 28.59
N SER A 798 0.59 -5.17 27.45
CA SER A 798 -0.53 -5.63 26.64
C SER A 798 -1.40 -6.65 27.38
N GLU A 799 -0.83 -7.34 28.37
CA GLU A 799 -1.57 -8.35 29.12
C GLU A 799 -2.56 -7.73 30.09
N ILE A 800 -2.40 -6.45 30.41
CA ILE A 800 -3.07 -5.84 31.55
C ILE A 800 -4.58 -6.08 31.54
N PRO A 801 -5.26 -5.99 30.39
CA PRO A 801 -6.70 -6.26 30.41
C PRO A 801 -7.07 -7.69 30.74
N TYR A 802 -6.20 -8.67 30.48
CA TYR A 802 -6.47 -10.02 30.92
C TYR A 802 -6.42 -10.13 32.43
N TRP A 803 -5.32 -9.68 33.04
CA TRP A 803 -5.19 -9.80 34.48
C TRP A 803 -6.21 -8.92 35.19
N GLU A 804 -6.65 -7.84 34.55
CA GLU A 804 -7.78 -7.09 35.07
C GLU A 804 -9.06 -7.90 35.03
N SER A 805 -9.33 -8.60 33.92
CA SER A 805 -10.52 -9.44 33.86
C SER A 805 -10.47 -10.52 34.94
N LEU A 806 -9.28 -11.04 35.20
CA LEU A 806 -9.10 -12.02 36.27
C LEU A 806 -9.43 -11.43 37.63
N GLU A 807 -8.73 -10.36 38.02
CA GLU A 807 -8.92 -9.84 39.36
C GLU A 807 -10.34 -9.32 39.55
N SER A 808 -10.86 -8.58 38.55
CA SER A 808 -12.22 -8.07 38.62
C SER A 808 -13.25 -9.20 38.72
N GLN A 809 -12.95 -10.39 38.20
CA GLN A 809 -13.87 -11.50 38.36
C GLN A 809 -13.64 -12.30 39.65
N ALA A 810 -12.46 -12.23 40.23
CA ALA A 810 -12.16 -13.01 41.43
C ALA A 810 -12.56 -12.33 42.72
N LYS A 811 -12.83 -11.02 42.68
CA LYS A 811 -12.95 -10.21 43.89
C LYS A 811 -13.63 -10.90 45.06
N ASN A 812 -14.76 -11.58 44.81
CA ASN A 812 -15.63 -12.04 45.88
C ASN A 812 -15.41 -13.50 46.25
N VAL A 813 -14.36 -14.14 45.74
CA VAL A 813 -14.08 -15.53 46.10
C VAL A 813 -13.62 -15.59 47.55
N SER A 814 -14.07 -16.61 48.27
CA SER A 814 -13.52 -16.88 49.59
C SER A 814 -13.81 -18.31 50.01
N LEU A 815 -12.78 -19.09 50.18
CA LEU A 815 -12.92 -20.44 50.70
C LEU A 815 -13.41 -20.42 52.14
N PRO A 816 -14.48 -21.11 52.49
CA PRO A 816 -15.00 -21.06 53.85
C PRO A 816 -14.06 -21.77 54.81
N LYS A 817 -14.10 -21.37 56.08
CA LYS A 817 -13.16 -21.85 57.08
C LYS A 817 -13.89 -22.63 58.16
N ASP A 818 -13.25 -23.70 58.65
CA ASP A 818 -13.80 -24.41 59.80
C ASP A 818 -13.65 -23.58 61.07
N TYR A 819 -12.54 -22.85 61.19
CA TYR A 819 -12.26 -21.95 62.30
C TYR A 819 -11.73 -20.64 61.74
N GLU A 820 -12.21 -19.53 62.27
CA GLU A 820 -11.85 -18.22 61.76
C GLU A 820 -10.62 -17.74 62.54
N VAL A 821 -9.49 -17.60 61.84
CA VAL A 821 -8.26 -17.10 62.45
C VAL A 821 -7.47 -16.36 61.38
N THR A 822 -6.74 -15.32 61.81
CA THR A 822 -6.07 -14.42 60.88
C THR A 822 -4.70 -14.91 60.44
N ASP A 823 -3.94 -15.57 61.32
CA ASP A 823 -2.66 -16.11 60.90
C ASP A 823 -2.34 -17.37 61.70
N CYS A 824 -1.49 -18.20 61.12
CA CYS A 824 -1.03 -19.43 61.75
C CYS A 824 0.46 -19.59 61.45
N LYS A 825 1.10 -20.50 62.17
CA LYS A 825 2.53 -20.74 62.02
C LYS A 825 2.77 -22.13 61.44
N GLN A 826 3.89 -22.26 60.72
CA GLN A 826 4.20 -23.50 60.01
C GLN A 826 4.12 -24.72 60.91
N LYS A 827 4.39 -24.55 62.20
CA LYS A 827 4.24 -25.64 63.14
C LYS A 827 2.80 -26.16 63.20
N SER A 828 1.83 -25.32 62.86
CA SER A 828 0.44 -25.78 62.81
C SER A 828 0.11 -26.59 61.57
N VAL A 829 0.95 -26.54 60.54
CA VAL A 829 0.62 -27.22 59.29
C VAL A 829 0.77 -28.72 59.47
N ARG A 830 -0.23 -29.46 58.98
CA ARG A 830 -0.18 -30.90 58.86
C ARG A 830 -0.44 -31.28 57.41
N ASN A 831 0.14 -32.39 56.97
CA ASN A 831 -0.07 -32.86 55.60
C ASN A 831 -0.63 -34.27 55.60
N MET A 832 -1.45 -34.55 54.58
CA MET A 832 -1.97 -35.88 54.33
C MET A 832 -1.92 -36.15 52.83
N ARG A 833 -1.88 -37.42 52.47
CA ARG A 833 -1.64 -37.84 51.10
C ARG A 833 -2.75 -38.73 50.58
N ILE A 834 -3.05 -38.58 49.29
CA ILE A 834 -3.89 -39.51 48.54
C ILE A 834 -3.09 -40.05 47.36
N ARG A 835 -3.34 -41.30 47.02
CA ARG A 835 -2.54 -42.01 46.01
C ARG A 835 -3.45 -42.58 44.94
N LEU A 836 -2.91 -42.69 43.73
CA LEU A 836 -3.51 -43.47 42.65
C LEU A 836 -2.65 -44.71 42.38
N HIS A 837 -3.32 -45.81 42.05
CA HIS A 837 -2.61 -47.04 41.74
C HIS A 837 -1.82 -46.92 40.44
N PRO A 838 -0.82 -47.78 40.24
CA PRO A 838 -0.03 -47.72 39.01
C PRO A 838 -0.85 -47.86 37.72
N GLU A 839 -1.93 -48.63 37.74
CA GLU A 839 -2.77 -48.73 36.54
C GLU A 839 -3.42 -47.39 36.21
N GLU A 840 -4.08 -46.80 37.20
CA GLU A 840 -4.69 -45.49 36.99
C GLU A 840 -3.64 -44.44 36.68
N THR A 841 -2.45 -44.54 37.27
CA THR A 841 -1.40 -43.56 36.98
C THR A 841 -0.93 -43.68 35.54
N GLU A 842 -0.74 -44.89 35.05
CA GLU A 842 -0.29 -45.05 33.68
C GLU A 842 -1.38 -44.67 32.69
N GLN A 843 -2.64 -44.91 33.03
CA GLN A 843 -3.73 -44.40 32.21
C GLN A 843 -3.70 -42.87 32.17
N LEU A 844 -3.56 -42.24 33.33
CA LEU A 844 -3.53 -40.78 33.39
C LEU A 844 -2.41 -40.21 32.53
N LEU A 845 -1.22 -40.81 32.61
CA LEU A 845 -0.09 -40.28 31.85
C LEU A 845 -0.25 -40.54 30.35
N LYS A 846 -0.52 -41.79 29.96
CA LYS A 846 -0.28 -42.20 28.58
C LYS A 846 -1.51 -42.14 27.68
N HIS A 847 -2.70 -42.05 28.23
CA HIS A 847 -3.87 -42.22 27.38
C HIS A 847 -4.89 -41.10 27.48
N ALA A 848 -5.22 -40.65 28.69
CA ALA A 848 -6.29 -39.67 28.86
C ALA A 848 -6.04 -38.40 28.06
N ASN A 849 -4.78 -38.04 27.84
CA ASN A 849 -4.49 -36.80 27.13
C ASN A 849 -5.09 -36.79 25.74
N GLN A 850 -5.18 -37.94 25.08
CA GLN A 850 -5.53 -37.95 23.66
C GLN A 850 -6.99 -37.61 23.43
N ALA A 851 -7.87 -37.88 24.39
CA ALA A 851 -9.29 -37.67 24.17
C ALA A 851 -9.61 -36.19 23.94
N TYR A 852 -8.81 -35.29 24.50
CA TYR A 852 -9.05 -33.86 24.40
C TYR A 852 -7.79 -33.08 24.07
N GLN A 853 -6.69 -33.75 23.75
CA GLN A 853 -5.42 -33.10 23.50
C GLN A 853 -5.06 -32.17 24.67
N THR A 854 -5.31 -32.66 25.88
CA THR A 854 -4.92 -31.97 27.10
C THR A 854 -3.48 -32.29 27.44
N GLU A 855 -2.93 -31.56 28.41
CA GLU A 855 -1.80 -32.06 29.19
C GLU A 855 -2.24 -32.39 30.60
N ILE A 856 -1.32 -33.05 31.32
CA ILE A 856 -1.65 -33.60 32.64
C ILE A 856 -2.23 -32.55 33.56
N ASN A 857 -1.69 -31.33 33.52
CA ASN A 857 -2.17 -30.28 34.41
C ASN A 857 -3.64 -29.96 34.18
N ASP A 858 -4.13 -30.11 32.95
CA ASP A 858 -5.52 -29.78 32.68
C ASP A 858 -6.48 -30.75 33.36
N LEU A 859 -6.10 -32.02 33.44
CA LEU A 859 -6.96 -33.01 34.08
C LEU A 859 -6.93 -32.90 35.59
N LEU A 860 -5.73 -32.78 36.17
CA LEU A 860 -5.61 -32.60 37.62
C LEU A 860 -6.36 -31.36 38.08
N LEU A 861 -6.33 -30.29 37.29
CA LEU A 861 -7.00 -29.07 37.71
C LEU A 861 -8.51 -29.20 37.56
N ALA A 862 -8.96 -29.88 36.50
CA ALA A 862 -10.40 -30.12 36.38
C ALA A 862 -10.92 -30.95 37.54
N ALA A 863 -10.20 -32.00 37.92
CA ALA A 863 -10.60 -32.77 39.09
C ALA A 863 -10.64 -31.90 40.34
N LEU A 864 -9.70 -30.96 40.46
CA LEU A 864 -9.72 -30.10 41.64
C LEU A 864 -10.93 -29.21 41.62
N GLY A 865 -11.30 -28.73 40.43
CA GLY A 865 -12.49 -27.91 40.30
C GLY A 865 -13.72 -28.66 40.75
N LEU A 866 -13.88 -29.90 40.28
CA LEU A 866 -15.04 -30.68 40.68
C LEU A 866 -15.04 -30.92 42.19
N ALA A 867 -13.87 -31.17 42.76
CA ALA A 867 -13.78 -31.39 44.20
C ALA A 867 -14.25 -30.18 44.99
N PHE A 868 -13.84 -28.99 44.56
CA PHE A 868 -14.30 -27.78 45.25
C PHE A 868 -15.77 -27.47 44.95
N ALA A 869 -16.26 -27.83 43.77
CA ALA A 869 -17.69 -27.65 43.48
C ALA A 869 -18.54 -28.51 44.41
N GLU A 870 -18.11 -29.74 44.68
CA GLU A 870 -18.84 -30.60 45.60
C GLU A 870 -18.67 -30.15 47.05
N TRP A 871 -17.45 -29.78 47.43
CA TRP A 871 -17.09 -29.55 48.83
C TRP A 871 -17.36 -28.12 49.28
N SER A 872 -16.89 -27.13 48.53
CA SER A 872 -17.10 -25.74 48.93
C SER A 872 -18.46 -25.20 48.53
N LYS A 873 -19.06 -25.75 47.48
CA LYS A 873 -20.34 -25.28 46.94
C LYS A 873 -20.30 -23.80 46.55
N LEU A 874 -19.11 -23.26 46.35
CA LEU A 874 -18.98 -21.93 45.75
C LEU A 874 -19.25 -21.99 44.26
N ALA A 875 -19.49 -20.81 43.68
CA ALA A 875 -19.62 -20.75 42.23
C ALA A 875 -18.26 -20.74 41.55
N GLN A 876 -17.22 -20.26 42.24
CA GLN A 876 -15.89 -20.17 41.65
C GLN A 876 -14.86 -20.38 42.76
N ILE A 877 -13.64 -20.72 42.33
CA ILE A 877 -12.49 -20.71 43.23
C ILE A 877 -11.29 -20.25 42.42
N VAL A 878 -10.32 -19.63 43.11
CA VAL A 878 -9.04 -19.23 42.51
C VAL A 878 -7.96 -20.16 43.03
N ILE A 879 -7.22 -20.78 42.13
CA ILE A 879 -6.12 -21.68 42.46
C ILE A 879 -4.83 -21.10 41.89
N HIS A 880 -3.80 -21.00 42.74
CA HIS A 880 -2.49 -20.52 42.33
C HIS A 880 -1.61 -21.66 41.87
N LEU A 881 -0.84 -21.44 40.80
CA LEU A 881 0.08 -22.43 40.29
C LEU A 881 1.48 -21.84 40.17
N GLU A 882 2.49 -22.67 40.46
CA GLU A 882 3.89 -22.30 40.31
C GLU A 882 4.41 -22.76 38.95
N GLY A 883 4.35 -21.87 37.96
CA GLY A 883 5.12 -22.09 36.75
C GLY A 883 6.61 -21.93 36.99
N HIS A 884 7.40 -22.60 36.15
CA HIS A 884 8.85 -22.56 36.31
C HIS A 884 9.47 -21.25 35.84
N GLY A 885 8.69 -20.35 35.25
CA GLY A 885 9.25 -19.15 34.68
C GLY A 885 10.05 -19.44 33.41
N ARG A 886 11.07 -18.61 33.17
CA ARG A 886 12.02 -18.82 32.08
C ARG A 886 11.30 -18.86 30.73
N GLU A 887 10.20 -18.12 30.62
CA GLU A 887 9.21 -18.35 29.57
C GLU A 887 9.53 -17.68 28.26
N ASP A 888 10.80 -17.62 27.87
CA ASP A 888 11.20 -16.96 26.63
C ASP A 888 10.65 -15.53 26.56
N ILE A 889 10.75 -14.83 27.68
CA ILE A 889 10.18 -13.49 27.80
C ILE A 889 11.08 -12.46 27.13
N ILE A 890 12.34 -12.42 27.53
CA ILE A 890 13.33 -11.53 26.92
C ILE A 890 13.94 -12.27 25.73
N GLU A 891 13.68 -11.75 24.53
CA GLU A 891 13.95 -12.52 23.31
C GLU A 891 15.42 -12.91 23.22
N GLN A 892 16.32 -12.01 23.58
CA GLN A 892 17.75 -12.31 23.48
C GLN A 892 18.22 -13.25 24.58
N ALA A 893 17.43 -13.46 25.62
CA ALA A 893 17.92 -14.15 26.80
C ALA A 893 18.07 -15.64 26.55
N ASN A 894 19.03 -16.25 27.23
CA ASN A 894 19.11 -17.70 27.39
C ASN A 894 19.34 -17.98 28.87
N VAL A 895 18.37 -18.61 29.52
CA VAL A 895 18.50 -18.96 30.93
C VAL A 895 18.44 -20.46 31.15
N ALA A 896 18.65 -21.25 30.09
CA ALA A 896 18.49 -22.69 30.22
C ALA A 896 19.46 -23.31 31.20
N ARG A 897 20.54 -22.60 31.55
CA ARG A 897 21.53 -23.09 32.50
C ARG A 897 21.63 -22.19 33.74
N THR A 898 20.73 -21.22 33.88
CA THR A 898 20.80 -20.27 34.97
C THR A 898 20.29 -20.92 36.26
N VAL A 899 20.95 -20.61 37.37
CA VAL A 899 20.55 -21.09 38.69
C VAL A 899 20.02 -19.91 39.48
N GLY A 900 18.76 -20.00 39.90
CA GLY A 900 18.11 -18.92 40.63
C GLY A 900 16.71 -19.36 40.99
N TRP A 901 16.04 -18.51 41.77
CA TRP A 901 14.61 -18.68 42.04
C TRP A 901 13.82 -18.01 40.93
N PHE A 902 13.34 -18.81 39.97
CA PHE A 902 12.63 -18.29 38.81
C PHE A 902 11.12 -18.47 38.91
N THR A 903 10.63 -19.25 39.86
CA THR A 903 9.21 -19.56 40.01
C THR A 903 8.32 -18.33 39.79
N SER A 904 7.36 -18.47 38.87
CA SER A 904 6.34 -17.46 38.64
C SER A 904 5.00 -17.97 39.15
N GLN A 905 4.35 -17.17 40.00
CA GLN A 905 3.07 -17.51 40.60
C GLN A 905 1.94 -16.74 39.94
N TYR A 906 0.96 -17.46 39.39
CA TYR A 906 -0.19 -16.80 38.80
C TYR A 906 -1.48 -17.44 39.28
N PRO A 907 -2.49 -16.64 39.58
CA PRO A 907 -3.82 -17.19 39.89
C PRO A 907 -4.54 -17.70 38.65
N VAL A 908 -5.39 -18.70 38.84
CA VAL A 908 -6.36 -19.12 37.83
C VAL A 908 -7.72 -19.25 38.47
N LEU A 909 -8.74 -18.65 37.84
CA LEU A 909 -10.12 -18.80 38.25
C LEU A 909 -10.71 -20.04 37.58
N LEU A 910 -11.31 -20.93 38.38
CA LEU A 910 -12.08 -22.04 37.85
C LEU A 910 -13.57 -21.74 37.92
N ASP A 911 -14.27 -21.96 36.81
CA ASP A 911 -15.73 -22.09 36.85
C ASP A 911 -16.12 -23.45 37.41
N LEU A 912 -17.01 -23.45 38.39
CA LEU A 912 -17.54 -24.68 38.97
C LEU A 912 -19.02 -24.91 38.68
N LYS A 913 -19.66 -24.08 37.86
CA LYS A 913 -21.11 -24.17 37.68
C LYS A 913 -21.50 -25.35 36.81
N GLN A 914 -21.01 -25.40 35.58
CA GLN A 914 -21.49 -26.36 34.59
C GLN A 914 -20.68 -27.66 34.63
N THR A 915 -20.67 -28.28 35.80
CA THR A 915 -19.92 -29.51 35.99
C THR A 915 -20.62 -30.74 35.42
N ALA A 916 -21.93 -30.66 35.16
CA ALA A 916 -22.67 -31.88 34.82
C ALA A 916 -22.23 -32.48 33.49
N PRO A 917 -22.20 -31.75 32.38
CA PRO A 917 -21.59 -32.30 31.16
C PRO A 917 -20.07 -32.33 31.24
N LEU A 918 -19.53 -33.38 31.85
CA LEU A 918 -18.09 -33.46 32.08
C LEU A 918 -17.30 -33.33 30.79
N SER A 919 -17.86 -33.83 29.68
CA SER A 919 -17.26 -33.68 28.36
C SER A 919 -16.99 -32.22 28.01
N ASP A 920 -17.64 -31.27 28.68
CA ASP A 920 -17.48 -29.88 28.36
C ASP A 920 -16.89 -29.08 29.51
N TYR A 921 -16.99 -29.58 30.74
CA TYR A 921 -16.19 -29.02 31.83
C TYR A 921 -14.71 -29.24 31.60
N ILE A 922 -14.32 -30.42 31.13
CA ILE A 922 -12.92 -30.66 30.81
C ILE A 922 -12.43 -29.70 29.74
N LYS A 923 -13.24 -29.46 28.70
CA LYS A 923 -12.83 -28.53 27.65
C LYS A 923 -12.77 -27.10 28.17
N LEU A 924 -13.74 -26.69 28.98
CA LEU A 924 -13.68 -25.36 29.58
C LEU A 924 -12.42 -25.16 30.41
N THR A 925 -12.00 -26.18 31.16
CA THR A 925 -10.76 -26.06 31.93
C THR A 925 -9.53 -26.02 31.04
N LYS A 926 -9.50 -26.84 29.99
CA LYS A 926 -8.38 -26.77 29.06
C LYS A 926 -8.25 -25.39 28.46
N GLU A 927 -9.35 -24.83 27.95
CA GLU A 927 -9.23 -23.55 27.29
C GLU A 927 -8.97 -22.41 28.27
N ASN A 928 -9.48 -22.51 29.51
CA ASN A 928 -9.07 -21.54 30.51
C ASN A 928 -7.56 -21.56 30.71
N MET A 929 -6.97 -22.76 30.77
CA MET A 929 -5.52 -22.84 30.92
C MET A 929 -4.79 -22.32 29.68
N ARG A 930 -5.43 -22.39 28.53
CA ARG A 930 -4.78 -21.90 27.31
C ARG A 930 -4.95 -20.39 27.11
N LYS A 931 -5.87 -19.76 27.82
CA LYS A 931 -6.04 -18.31 27.69
C LYS A 931 -5.03 -17.50 28.50
N ILE A 932 -4.27 -18.13 29.38
CA ILE A 932 -3.24 -17.41 30.15
C ILE A 932 -2.13 -16.95 29.21
N PRO A 933 -1.79 -15.65 29.20
CA PRO A 933 -1.16 -15.07 28.01
C PRO A 933 0.29 -15.48 27.79
N ARG A 934 1.08 -15.61 28.86
CA ARG A 934 2.48 -16.00 28.72
C ARG A 934 2.83 -17.07 29.75
N LYS A 935 1.90 -17.97 30.02
CA LYS A 935 2.03 -18.94 31.09
C LYS A 935 2.33 -18.28 32.43
N GLY A 936 1.74 -17.10 32.66
CA GLY A 936 1.64 -16.53 33.99
C GLY A 936 2.83 -15.76 34.50
N ILE A 937 3.95 -15.73 33.77
CA ILE A 937 5.12 -14.96 34.20
C ILE A 937 4.78 -13.49 34.39
N GLY A 938 3.79 -12.98 33.66
CA GLY A 938 3.54 -11.55 33.68
C GLY A 938 3.00 -11.02 35.00
N TYR A 939 2.17 -11.81 35.68
CA TYR A 939 1.40 -11.28 36.80
C TYR A 939 2.31 -10.86 37.95
N ASP A 940 3.30 -11.69 38.30
CA ASP A 940 4.23 -11.31 39.35
C ASP A 940 5.00 -10.04 38.99
N ILE A 941 5.40 -9.91 37.72
CA ILE A 941 6.13 -8.69 37.32
C ILE A 941 5.26 -7.46 37.48
N LEU A 942 3.99 -7.55 37.06
CA LEU A 942 3.08 -6.43 37.31
C LEU A 942 2.91 -6.17 38.80
N LYS A 943 2.88 -7.22 39.61
CA LYS A 943 2.64 -7.05 41.04
C LYS A 943 3.82 -6.42 41.76
N HIS A 944 5.04 -6.66 41.32
CA HIS A 944 6.18 -6.28 42.15
C HIS A 944 7.22 -5.41 41.46
N VAL A 945 7.34 -5.51 40.14
CA VAL A 945 8.52 -4.98 39.45
C VAL A 945 8.18 -3.93 38.40
N THR A 946 6.97 -3.91 37.85
CA THR A 946 6.59 -2.83 36.96
C THR A 946 6.58 -1.50 37.71
N LEU A 947 6.82 -0.43 36.98
CA LEU A 947 6.76 0.91 37.55
C LEU A 947 5.32 1.18 38.02
N PRO A 948 5.12 1.58 39.28
CA PRO A 948 3.78 1.48 39.87
C PRO A 948 2.75 2.37 39.19
N GLU A 949 3.17 3.41 38.47
CA GLU A 949 2.22 4.20 37.70
C GLU A 949 1.89 3.56 36.36
N ASN A 950 2.67 2.56 35.93
CA ASN A 950 2.58 1.99 34.60
C ASN A 950 1.58 0.85 34.51
N ARG A 951 1.03 0.38 35.62
CA ARG A 951 0.44 -0.94 35.73
C ARG A 951 -1.08 -0.92 35.90
N GLY A 952 -1.71 0.23 35.72
CA GLY A 952 -3.17 0.31 35.62
C GLY A 952 -3.92 -0.04 36.89
N SER A 953 -5.14 -0.53 36.69
CA SER A 953 -6.11 -0.72 37.76
C SER A 953 -5.84 -1.94 38.63
N LEU A 954 -4.88 -2.79 38.27
CA LEU A 954 -4.71 -4.07 38.94
C LEU A 954 -4.53 -3.86 40.44
N SER A 955 -5.41 -4.48 41.23
CA SER A 955 -5.36 -4.33 42.68
C SER A 955 -4.34 -5.27 43.32
N PHE A 956 -4.13 -6.44 42.72
CA PHE A 956 -3.29 -7.48 43.34
C PHE A 956 -3.78 -7.89 44.72
N ARG A 957 -5.07 -7.72 44.99
CA ARG A 957 -5.61 -8.00 46.32
C ARG A 957 -5.89 -9.48 46.54
N VAL A 958 -5.96 -10.28 45.48
CA VAL A 958 -6.27 -11.70 45.61
C VAL A 958 -5.13 -12.42 46.31
N GLN A 959 -5.45 -13.24 47.30
CA GLN A 959 -4.46 -13.88 48.14
C GLN A 959 -4.57 -15.40 48.03
N PRO A 960 -3.45 -16.11 48.13
CA PRO A 960 -3.45 -17.56 47.84
C PRO A 960 -4.03 -18.41 48.97
N GLU A 961 -5.36 -18.38 49.09
CA GLU A 961 -6.02 -19.32 49.97
C GLU A 961 -5.70 -20.77 49.60
N VAL A 962 -5.67 -21.05 48.30
CA VAL A 962 -5.39 -22.38 47.78
C VAL A 962 -4.33 -22.25 46.69
N THR A 963 -3.37 -23.17 46.68
CA THR A 963 -2.40 -23.20 45.61
C THR A 963 -2.18 -24.64 45.16
N PHE A 964 -1.96 -24.80 43.86
CA PHE A 964 -1.80 -26.11 43.24
C PHE A 964 -0.55 -26.14 42.39
N ASN A 965 0.24 -27.20 42.54
CA ASN A 965 1.40 -27.44 41.71
C ASN A 965 1.47 -28.93 41.41
N TYR A 966 2.04 -29.27 40.27
CA TYR A 966 2.32 -30.67 39.92
C TYR A 966 3.76 -30.76 39.47
N LEU A 967 4.60 -31.39 40.28
CA LEU A 967 5.97 -31.67 39.89
C LEU A 967 6.00 -32.81 38.87
N GLY A 968 7.14 -32.93 38.20
CA GLY A 968 7.36 -34.05 37.31
C GLY A 968 7.74 -35.30 38.07
N GLN A 969 8.41 -36.21 37.37
CA GLN A 969 9.01 -37.35 38.03
C GLN A 969 10.08 -36.91 39.03
N PHE A 970 10.38 -37.80 39.97
CA PHE A 970 11.51 -37.65 40.88
C PHE A 970 12.86 -37.70 40.17
N ASP A 971 12.90 -38.07 38.90
CA ASP A 971 14.16 -38.18 38.18
C ASP A 971 14.87 -36.85 37.99
N ALA A 972 14.29 -35.75 38.46
CA ALA A 972 15.05 -34.51 38.59
C ALA A 972 16.04 -34.57 39.75
N ASP A 973 15.86 -35.53 40.66
CA ASP A 973 16.85 -35.84 41.69
C ASP A 973 17.72 -37.03 41.31
N MET A 974 17.10 -38.14 40.90
CA MET A 974 17.84 -39.31 40.43
C MET A 974 18.32 -39.18 38.99
N ARG A 975 18.81 -38.00 38.62
CA ARG A 975 19.22 -37.72 37.26
C ARG A 975 20.56 -38.34 36.90
N THR A 976 21.27 -38.91 37.87
CA THR A 976 22.51 -39.62 37.58
C THR A 976 22.69 -40.74 38.59
N GLU A 977 23.43 -41.77 38.17
CA GLU A 977 23.60 -43.00 38.93
C GLU A 977 24.79 -42.99 39.87
N LEU A 978 25.71 -42.04 39.72
CA LEU A 978 26.94 -42.07 40.51
C LEU A 978 26.68 -41.85 42.00
N PHE A 979 25.54 -41.27 42.36
CA PHE A 979 25.12 -41.19 43.75
C PHE A 979 23.61 -41.25 43.80
N THR A 980 23.08 -41.49 44.99
CA THR A 980 21.64 -41.65 45.15
C THR A 980 21.19 -40.90 46.40
N ARG A 981 19.88 -40.68 46.48
CA ARG A 981 19.32 -40.01 47.65
C ARG A 981 19.59 -40.82 48.91
N SER A 982 20.01 -40.12 49.95
CA SER A 982 20.22 -40.77 51.25
C SER A 982 18.90 -41.40 51.71
N PRO A 983 18.89 -42.70 52.05
CA PRO A 983 17.69 -43.26 52.69
C PRO A 983 17.25 -42.48 53.91
N TYR A 984 18.19 -42.05 54.75
CA TYR A 984 17.91 -41.04 55.76
C TYR A 984 17.70 -39.68 55.12
N SER A 985 16.57 -39.50 54.44
CA SER A 985 16.24 -38.20 53.88
C SER A 985 15.66 -37.25 54.91
N GLY A 986 14.97 -37.79 55.90
CA GLY A 986 14.32 -36.97 56.91
C GLY A 986 13.35 -35.98 56.30
N GLY A 987 13.14 -34.88 57.02
CA GLY A 987 12.31 -33.78 56.55
C GLY A 987 12.96 -32.91 55.50
N ASN A 988 14.03 -33.40 54.88
CA ASN A 988 14.97 -32.57 54.14
C ASN A 988 14.83 -32.73 52.63
N THR A 989 13.62 -33.03 52.17
CA THR A 989 13.34 -33.15 50.75
C THR A 989 13.15 -31.78 50.11
N LEU A 990 13.23 -31.75 48.78
CA LEU A 990 13.11 -30.50 48.04
C LEU A 990 11.71 -29.92 48.17
N GLY A 991 10.69 -30.74 48.02
CA GLY A 991 9.34 -30.29 47.77
C GLY A 991 8.57 -29.97 49.03
N ALA A 992 7.24 -29.90 48.88
CA ALA A 992 6.36 -29.57 49.99
C ALA A 992 6.42 -30.60 51.12
N ASP A 993 6.95 -31.79 50.87
CA ASP A 993 7.15 -32.75 51.94
C ASP A 993 8.46 -32.54 52.70
N GLY A 994 9.22 -31.51 52.38
CA GLY A 994 10.32 -31.10 53.25
C GLY A 994 9.80 -30.61 54.59
N LYS A 995 10.48 -30.99 55.66
CA LYS A 995 10.03 -30.69 57.01
C LYS A 995 10.88 -29.66 57.73
N ASN A 996 12.19 -29.68 57.53
CA ASN A 996 13.10 -28.77 58.21
C ASN A 996 13.27 -27.43 57.50
N ASN A 997 12.83 -27.32 56.26
CA ASN A 997 13.32 -26.27 55.37
C ASN A 997 12.69 -24.91 55.61
N LEU A 998 11.63 -24.83 56.42
CA LEU A 998 11.17 -23.55 56.93
C LEU A 998 11.16 -23.52 58.45
N SER A 999 11.39 -22.34 59.01
CA SER A 999 11.34 -22.19 60.45
C SER A 999 9.94 -22.47 60.96
N PRO A 1000 9.78 -23.27 62.02
CA PRO A 1000 8.45 -23.47 62.61
C PRO A 1000 7.71 -22.19 62.98
N GLU A 1001 8.44 -21.10 63.21
CA GLU A 1001 7.81 -19.84 63.57
C GLU A 1001 7.36 -19.03 62.37
N SER A 1002 7.62 -19.50 61.16
CA SER A 1002 7.21 -18.77 59.96
C SER A 1002 5.70 -18.72 59.84
N GLU A 1003 5.21 -17.65 59.20
CA GLU A 1003 3.80 -17.56 58.85
C GLU A 1003 3.38 -18.70 57.93
N VAL A 1004 2.09 -19.02 57.96
CA VAL A 1004 1.41 -19.74 56.89
C VAL A 1004 1.04 -18.77 55.77
N TYR A 1005 1.65 -18.95 54.60
CA TYR A 1005 1.35 -18.09 53.45
C TYR A 1005 0.28 -18.67 52.54
N THR A 1006 -0.04 -19.95 52.65
CA THR A 1006 -1.11 -20.56 51.87
C THR A 1006 -1.89 -21.54 52.75
N ALA A 1007 -3.22 -21.49 52.63
CA ALA A 1007 -4.08 -22.27 53.52
C ALA A 1007 -4.19 -23.74 53.09
N LEU A 1008 -4.38 -24.00 51.80
CA LEU A 1008 -4.29 -25.34 51.24
C LEU A 1008 -3.15 -25.39 50.22
N ASN A 1009 -2.17 -26.23 50.48
CA ASN A 1009 -1.05 -26.43 49.57
C ASN A 1009 -1.09 -27.85 49.01
N ILE A 1010 -1.28 -27.95 47.70
CA ILE A 1010 -1.55 -29.22 47.03
C ILE A 1010 -0.46 -29.40 45.97
N THR A 1011 0.34 -30.45 46.10
CA THR A 1011 1.46 -30.69 45.20
C THR A 1011 1.46 -32.13 44.75
N GLY A 1012 1.60 -32.33 43.43
CA GLY A 1012 1.66 -33.66 42.85
C GLY A 1012 3.08 -34.10 42.54
N LEU A 1013 3.30 -35.40 42.63
CA LEU A 1013 4.56 -36.01 42.23
C LEU A 1013 4.27 -37.45 41.85
N ILE A 1014 5.21 -38.05 41.12
CA ILE A 1014 5.17 -39.48 40.85
C ILE A 1014 6.38 -40.13 41.51
N GLU A 1015 6.12 -41.19 42.27
CA GLU A 1015 7.16 -42.04 42.83
C GLU A 1015 6.78 -43.49 42.57
N GLY A 1016 7.74 -44.29 42.12
CA GLY A 1016 7.48 -45.69 41.90
C GLY A 1016 6.33 -45.97 40.95
N GLY A 1017 5.97 -45.01 40.10
CA GLY A 1017 4.85 -45.16 39.21
C GLY A 1017 3.49 -44.84 39.79
N GLU A 1018 3.42 -44.24 40.98
CA GLU A 1018 2.16 -43.77 41.54
C GLU A 1018 2.15 -42.25 41.63
N LEU A 1019 1.07 -41.64 41.17
CA LEU A 1019 0.81 -40.23 41.48
C LEU A 1019 0.45 -40.08 42.96
N VAL A 1020 1.07 -39.10 43.61
CA VAL A 1020 0.72 -38.71 44.97
C VAL A 1020 0.32 -37.24 44.96
N LEU A 1021 -0.86 -36.93 45.47
CA LEU A 1021 -1.25 -35.56 45.78
C LEU A 1021 -1.18 -35.38 47.30
N THR A 1022 -0.40 -34.39 47.73
CA THR A 1022 -0.26 -34.05 49.14
C THR A 1022 -1.10 -32.83 49.45
N PHE A 1023 -2.03 -32.96 50.39
CA PHE A 1023 -2.77 -31.82 50.92
C PHE A 1023 -2.13 -31.39 52.23
N SER A 1024 -1.47 -30.23 52.23
CA SER A 1024 -0.94 -29.62 53.44
C SER A 1024 -1.86 -28.48 53.85
N TYR A 1025 -2.23 -28.45 55.13
CA TYR A 1025 -3.23 -27.51 55.59
C TYR A 1025 -2.86 -27.00 56.98
N SER A 1026 -3.36 -25.80 57.29
CA SER A 1026 -3.20 -25.22 58.62
C SER A 1026 -4.28 -25.75 59.54
N SER A 1027 -3.90 -26.62 60.47
CA SER A 1027 -4.74 -26.85 61.63
C SER A 1027 -5.00 -25.53 62.32
N GLU A 1028 -6.18 -25.40 62.92
CA GLU A 1028 -6.72 -24.13 63.39
C GLU A 1028 -7.18 -23.23 62.25
N GLN A 1029 -7.31 -23.76 61.04
CA GLN A 1029 -8.19 -23.14 60.04
C GLN A 1029 -9.16 -24.16 59.49
N TYR A 1030 -8.75 -25.43 59.45
CA TYR A 1030 -9.60 -26.54 59.06
C TYR A 1030 -9.31 -27.71 59.98
N ARG A 1031 -10.27 -28.63 60.07
CA ARG A 1031 -10.05 -29.86 60.82
C ARG A 1031 -9.89 -31.05 59.91
N GLU A 1032 -9.20 -32.06 60.43
CA GLU A 1032 -8.72 -33.20 59.65
C GLU A 1032 -9.81 -33.81 58.76
N GLU A 1033 -11.02 -33.96 59.30
CA GLU A 1033 -12.09 -34.59 58.54
C GLU A 1033 -12.44 -33.81 57.27
N SER A 1034 -12.35 -32.49 57.32
CA SER A 1034 -12.74 -31.73 56.13
C SER A 1034 -11.69 -31.85 55.03
N ILE A 1035 -10.42 -32.03 55.38
CA ILE A 1035 -9.43 -32.24 54.35
C ILE A 1035 -9.44 -33.68 53.87
N GLN A 1036 -9.77 -34.63 54.74
CA GLN A 1036 -10.02 -35.99 54.26
C GLN A 1036 -11.16 -36.00 53.26
N GLN A 1037 -12.21 -35.21 53.50
CA GLN A 1037 -13.33 -35.13 52.56
C GLN A 1037 -12.89 -34.53 51.23
N LEU A 1038 -12.25 -33.36 51.27
CA LEU A 1038 -11.79 -32.75 50.03
C LEU A 1038 -10.84 -33.65 49.25
N SER A 1039 -9.95 -34.37 49.94
CA SER A 1039 -9.01 -35.25 49.25
C SER A 1039 -9.68 -36.49 48.68
N GLN A 1040 -10.69 -37.03 49.36
CA GLN A 1040 -11.43 -38.14 48.76
C GLN A 1040 -12.29 -37.70 47.59
N SER A 1041 -12.91 -36.52 47.67
CA SER A 1041 -13.59 -35.99 46.50
C SER A 1041 -12.64 -35.77 45.34
N TYR A 1042 -11.40 -35.36 45.64
CA TYR A 1042 -10.41 -35.22 44.58
C TYR A 1042 -10.08 -36.56 43.95
N GLN A 1043 -9.76 -37.56 44.75
CA GLN A 1043 -9.42 -38.86 44.18
C GLN A 1043 -10.57 -39.42 43.35
N LYS A 1044 -11.79 -39.31 43.87
CA LYS A 1044 -12.96 -39.78 43.15
C LYS A 1044 -13.08 -39.12 41.78
N HIS A 1045 -12.94 -37.80 41.73
CA HIS A 1045 -13.15 -37.14 40.46
C HIS A 1045 -11.97 -37.31 39.52
N LEU A 1046 -10.75 -37.43 40.05
CA LEU A 1046 -9.62 -37.70 39.19
C LEU A 1046 -9.76 -39.07 38.52
N LEU A 1047 -10.20 -40.07 39.29
CA LEU A 1047 -10.49 -41.37 38.69
C LEU A 1047 -11.61 -41.27 37.65
N ALA A 1048 -12.66 -40.50 37.96
CA ALA A 1048 -13.73 -40.33 36.98
C ALA A 1048 -13.23 -39.70 35.67
N ILE A 1049 -12.37 -38.69 35.77
CA ILE A 1049 -11.85 -38.04 34.57
C ILE A 1049 -10.90 -38.97 33.82
N ILE A 1050 -10.04 -39.70 34.53
CA ILE A 1050 -9.16 -40.66 33.85
C ILE A 1050 -9.98 -41.66 33.07
N ALA A 1051 -11.03 -42.21 33.69
CA ALA A 1051 -11.87 -43.18 33.01
C ALA A 1051 -12.55 -42.55 31.80
N HIS A 1052 -13.29 -41.45 32.02
CA HIS A 1052 -13.98 -40.79 30.93
C HIS A 1052 -13.06 -40.48 29.75
N CYS A 1053 -11.84 -40.02 30.03
CA CYS A 1053 -10.89 -39.73 28.97
C CYS A 1053 -10.28 -40.97 28.34
N THR A 1054 -10.40 -42.14 28.97
CA THR A 1054 -9.94 -43.34 28.28
C THR A 1054 -11.05 -44.03 27.49
N GLU A 1055 -12.27 -44.06 28.03
CA GLU A 1055 -13.40 -44.67 27.32
C GLU A 1055 -13.77 -43.93 26.05
N LYS A 1056 -13.63 -42.61 26.03
CA LYS A 1056 -13.93 -41.84 24.83
C LYS A 1056 -12.93 -42.16 23.72
N LYS A 1057 -13.44 -42.62 22.58
CA LYS A 1057 -12.60 -43.08 21.48
C LYS A 1057 -12.26 -41.99 20.45
N GLU A 1058 -13.05 -40.92 20.38
CA GLU A 1058 -12.74 -39.82 19.48
C GLU A 1058 -11.81 -38.82 20.14
N VAL A 1059 -10.91 -38.25 19.35
CA VAL A 1059 -10.15 -37.05 19.71
C VAL A 1059 -11.02 -35.84 19.42
N GLU A 1060 -11.70 -35.30 20.46
CA GLU A 1060 -12.48 -34.08 20.33
C GLU A 1060 -11.56 -32.90 20.62
N ARG A 1061 -10.90 -32.41 19.58
CA ARG A 1061 -10.04 -31.25 19.71
C ARG A 1061 -10.84 -30.00 20.07
N THR A 1062 -10.14 -29.06 20.70
CA THR A 1062 -10.71 -27.82 21.21
C THR A 1062 -10.11 -26.63 20.49
N PRO A 1063 -10.77 -25.47 20.54
CA PRO A 1063 -10.39 -24.37 19.65
C PRO A 1063 -8.92 -23.95 19.72
N SER A 1064 -8.24 -24.19 20.83
CA SER A 1064 -6.82 -23.85 20.93
C SER A 1064 -5.95 -24.74 20.05
N ASP A 1065 -6.46 -25.89 19.63
CA ASP A 1065 -5.66 -26.82 18.85
C ASP A 1065 -5.41 -26.37 17.42
N PHE A 1066 -6.09 -25.32 16.93
CA PHE A 1066 -6.19 -25.08 15.50
C PHE A 1066 -5.48 -23.82 15.02
N SER A 1067 -4.57 -23.26 15.82
CA SER A 1067 -3.66 -22.22 15.35
C SER A 1067 -4.37 -21.01 14.74
N VAL A 1068 -5.67 -20.85 15.02
CA VAL A 1068 -6.40 -19.65 14.64
C VAL A 1068 -6.65 -18.84 15.90
N LYS A 1069 -6.19 -17.59 15.89
CA LYS A 1069 -6.29 -16.74 17.08
C LYS A 1069 -7.75 -16.37 17.35
N GLY A 1070 -8.15 -16.50 18.61
CA GLY A 1070 -9.48 -16.08 19.02
C GLY A 1070 -10.60 -17.00 18.59
N LEU A 1071 -10.28 -18.21 18.17
CA LEU A 1071 -11.32 -19.18 17.81
C LEU A 1071 -12.12 -19.59 19.04
N GLN A 1072 -13.41 -19.81 18.85
CA GLN A 1072 -14.30 -20.17 19.94
C GLN A 1072 -15.11 -21.40 19.56
N MET A 1073 -15.66 -22.07 20.57
CA MET A 1073 -16.37 -23.33 20.35
C MET A 1073 -17.45 -23.19 19.29
N GLU A 1074 -18.26 -22.13 19.37
CA GLU A 1074 -19.34 -21.96 18.40
C GLU A 1074 -18.80 -21.80 17.00
N GLU A 1075 -17.70 -21.07 16.84
CA GLU A 1075 -17.12 -20.90 15.52
C GLU A 1075 -16.41 -22.16 15.06
N MET A 1076 -15.70 -22.85 15.95
CA MET A 1076 -15.01 -24.06 15.55
C MET A 1076 -15.99 -25.13 15.07
N ASP A 1077 -17.03 -25.39 15.86
CA ASP A 1077 -18.03 -26.37 15.43
C ASP A 1077 -18.89 -25.89 14.27
N ASP A 1078 -19.03 -24.58 14.04
CA ASP A 1078 -19.68 -24.13 12.82
C ASP A 1078 -18.79 -24.37 11.60
N ILE A 1079 -17.49 -24.12 11.73
CA ILE A 1079 -16.57 -24.43 10.65
C ILE A 1079 -16.61 -25.92 10.33
N PHE A 1080 -16.55 -26.76 11.36
CA PHE A 1080 -16.58 -28.20 11.10
C PHE A 1080 -17.89 -28.64 10.47
N GLU A 1081 -19.01 -28.02 10.84
CA GLU A 1081 -20.26 -28.32 10.14
C GLU A 1081 -20.19 -27.91 8.68
N LEU A 1082 -19.57 -26.77 8.41
CA LEU A 1082 -19.46 -26.29 7.03
C LEU A 1082 -18.54 -27.16 6.18
N LEU A 1083 -17.51 -27.77 6.78
CA LEU A 1083 -16.72 -28.75 6.05
C LEU A 1083 -17.55 -29.96 5.67
N ALA A 1084 -18.38 -30.47 6.58
CA ALA A 1084 -19.24 -31.60 6.24
C ALA A 1084 -20.23 -31.25 5.14
N ASN A 1085 -20.69 -30.01 5.08
CA ASN A 1085 -21.53 -29.55 3.99
C ASN A 1085 -20.75 -29.13 2.75
N ARG A 1086 -19.45 -29.45 2.68
CA ARG A 1086 -18.66 -29.04 1.53
C ARG A 1086 -17.59 -30.07 1.16
N LEU A 1087 -17.74 -31.32 1.56
CA LEU A 1087 -16.83 -32.37 1.15
C LEU A 1087 -17.59 -33.69 0.94
N VAL B 3 -16.89 -40.02 3.23
CA VAL B 3 -17.61 -39.10 4.09
C VAL B 3 -16.64 -38.35 4.99
N PHE B 4 -17.01 -37.13 5.36
CA PHE B 4 -16.15 -36.30 6.19
C PHE B 4 -16.12 -36.81 7.62
N SER B 5 -15.00 -36.57 8.30
CA SER B 5 -14.91 -36.70 9.74
C SER B 5 -13.92 -35.66 10.25
N LYS B 6 -14.14 -35.19 11.48
CA LYS B 6 -13.29 -34.16 12.05
C LYS B 6 -11.83 -34.57 12.04
N GLU B 7 -11.54 -35.87 12.13
CA GLU B 7 -10.17 -36.34 12.21
C GLU B 7 -9.35 -35.95 10.98
N GLN B 8 -10.01 -35.64 9.86
CA GLN B 8 -9.29 -35.34 8.63
C GLN B 8 -8.73 -33.93 8.57
N VAL B 9 -9.14 -33.02 9.44
CA VAL B 9 -8.56 -31.69 9.47
C VAL B 9 -7.27 -31.72 10.28
N GLN B 10 -6.20 -31.19 9.69
CA GLN B 10 -4.93 -31.06 10.39
C GLN B 10 -4.78 -29.74 11.14
N ASP B 11 -5.14 -28.63 10.51
CA ASP B 11 -4.98 -27.31 11.12
C ASP B 11 -5.84 -26.31 10.37
N MET B 12 -5.96 -25.13 10.97
CA MET B 12 -6.55 -23.96 10.32
C MET B 12 -5.64 -22.76 10.51
N TYR B 13 -5.74 -21.80 9.59
CA TYR B 13 -5.03 -20.53 9.69
C TYR B 13 -5.86 -19.44 9.04
N ALA B 14 -5.63 -18.20 9.46
CA ALA B 14 -6.01 -17.05 8.65
C ALA B 14 -5.13 -16.93 7.41
N LEU B 15 -5.69 -16.27 6.39
CA LEU B 15 -5.00 -16.08 5.12
C LEU B 15 -3.90 -15.02 5.23
N THR B 16 -2.82 -15.21 4.48
CA THR B 16 -1.84 -14.16 4.28
C THR B 16 -2.37 -13.07 3.36
N PRO B 17 -1.80 -11.86 3.43
CA PRO B 17 -2.30 -10.74 2.61
C PRO B 17 -2.54 -11.06 1.14
N MET B 18 -1.61 -11.79 0.51
CA MET B 18 -1.75 -12.05 -0.91
C MET B 18 -2.64 -13.24 -1.20
N GLN B 19 -2.77 -14.17 -0.24
CA GLN B 19 -3.83 -15.15 -0.37
C GLN B 19 -5.18 -14.45 -0.29
N GLU B 20 -5.30 -13.42 0.55
CA GLU B 20 -6.54 -12.65 0.58
C GLU B 20 -6.80 -11.93 -0.73
N GLY B 21 -5.73 -11.45 -1.37
CA GLY B 21 -5.89 -10.82 -2.68
C GLY B 21 -6.35 -11.78 -3.76
N MET B 22 -5.81 -12.99 -3.78
CA MET B 22 -6.25 -13.92 -4.82
C MET B 22 -7.56 -14.61 -4.48
N LEU B 23 -7.89 -14.75 -3.19
CA LEU B 23 -9.25 -15.11 -2.83
C LEU B 23 -10.23 -14.08 -3.33
N PHE B 24 -9.91 -12.80 -3.17
CA PHE B 24 -10.76 -11.76 -3.73
C PHE B 24 -10.92 -11.95 -5.23
N HIS B 25 -9.82 -12.19 -5.94
CA HIS B 25 -9.94 -12.39 -7.38
C HIS B 25 -10.87 -13.53 -7.72
N ALA B 26 -10.64 -14.69 -7.09
CA ALA B 26 -11.44 -15.87 -7.42
C ALA B 26 -12.91 -15.68 -7.09
N LEU B 27 -13.23 -14.93 -6.03
CA LEU B 27 -14.62 -14.64 -5.73
C LEU B 27 -15.23 -13.56 -6.61
N LEU B 28 -14.41 -12.68 -7.17
CA LEU B 28 -14.95 -11.64 -8.04
C LEU B 28 -15.28 -12.18 -9.43
N ASP B 29 -14.31 -12.82 -10.08
CA ASP B 29 -14.38 -13.15 -11.50
C ASP B 29 -15.16 -14.42 -11.79
N GLN B 30 -15.86 -14.98 -10.79
CA GLN B 30 -16.43 -16.31 -10.88
C GLN B 30 -17.12 -16.60 -12.22
N GLU B 31 -17.85 -15.64 -12.75
CA GLU B 31 -18.64 -15.89 -13.95
C GLU B 31 -17.78 -16.26 -15.15
N HIS B 32 -16.52 -15.84 -15.16
CA HIS B 32 -15.56 -16.32 -16.15
C HIS B 32 -14.17 -16.40 -15.51
N ASN B 33 -14.12 -16.85 -14.27
CA ASN B 33 -12.87 -16.81 -13.52
C ASN B 33 -11.85 -17.75 -14.15
N SER B 34 -10.59 -17.32 -14.13
CA SER B 34 -9.46 -18.24 -14.17
C SER B 34 -8.19 -17.48 -13.82
N HIS B 35 -7.56 -17.86 -12.70
CA HIS B 35 -6.31 -17.26 -12.25
C HIS B 35 -5.32 -18.40 -12.03
N LEU B 36 -4.89 -18.99 -13.13
CA LEU B 36 -4.47 -20.39 -13.17
C LEU B 36 -3.18 -20.48 -13.97
N VAL B 37 -2.07 -20.74 -13.29
CA VAL B 37 -0.83 -21.07 -13.98
C VAL B 37 -0.98 -22.41 -14.67
N GLN B 38 -0.43 -22.53 -15.87
CA GLN B 38 -0.29 -23.82 -16.52
C GLN B 38 1.13 -23.98 -17.04
N MET B 39 1.85 -24.94 -16.52
CA MET B 39 3.09 -25.40 -17.13
C MET B 39 2.76 -26.43 -18.20
N SER B 40 3.50 -26.38 -19.30
CA SER B 40 3.68 -27.56 -20.15
C SER B 40 5.16 -27.93 -20.14
N ILE B 41 5.44 -29.16 -19.74
CA ILE B 41 6.79 -29.67 -19.65
C ILE B 41 6.84 -30.92 -20.52
N SER B 42 7.72 -30.93 -21.51
CA SER B 42 7.85 -32.09 -22.38
C SER B 42 9.11 -32.85 -21.99
N LEU B 43 8.96 -34.16 -21.79
CA LEU B 43 10.03 -35.02 -21.33
C LEU B 43 10.25 -36.10 -22.37
N GLN B 44 11.47 -36.21 -22.88
CA GLN B 44 11.86 -37.27 -23.79
C GLN B 44 12.74 -38.27 -23.05
N GLY B 45 12.52 -39.55 -23.32
CA GLY B 45 13.25 -40.63 -22.70
C GLY B 45 12.29 -41.67 -22.15
N ASP B 46 12.77 -42.42 -21.16
CA ASP B 46 11.99 -43.49 -20.55
C ASP B 46 11.48 -43.03 -19.18
N LEU B 47 10.17 -42.96 -19.03
CA LEU B 47 9.54 -42.45 -17.82
C LEU B 47 8.46 -43.41 -17.37
N ASP B 48 8.56 -43.88 -16.13
CA ASP B 48 7.57 -44.79 -15.55
C ASP B 48 6.40 -43.97 -15.00
N VAL B 49 5.26 -44.02 -15.70
CA VAL B 49 4.12 -43.20 -15.30
C VAL B 49 3.59 -43.61 -13.94
N GLY B 50 3.83 -44.85 -13.53
CA GLY B 50 3.48 -45.26 -12.18
C GLY B 50 4.28 -44.53 -11.12
N LEU B 51 5.61 -44.55 -11.26
CA LEU B 51 6.44 -43.85 -10.28
C LEU B 51 6.29 -42.34 -10.36
N PHE B 52 5.88 -41.80 -11.51
CA PHE B 52 5.55 -40.37 -11.58
C PHE B 52 4.23 -40.04 -10.90
N THR B 53 3.25 -40.94 -10.97
CA THR B 53 2.03 -40.76 -10.19
C THR B 53 2.32 -40.83 -8.71
N ASP B 54 3.09 -41.84 -8.29
CA ASP B 54 3.38 -41.97 -6.87
C ASP B 54 4.20 -40.81 -6.36
N SER B 55 5.18 -40.33 -7.15
CA SER B 55 5.96 -39.19 -6.71
C SER B 55 5.13 -37.92 -6.64
N LEU B 56 4.13 -37.76 -7.51
CA LEU B 56 3.19 -36.65 -7.35
C LEU B 56 2.41 -36.76 -6.05
N HIS B 57 1.98 -37.97 -5.70
CA HIS B 57 1.20 -38.10 -4.47
C HIS B 57 2.06 -37.87 -3.23
N VAL B 58 3.30 -38.36 -3.24
CA VAL B 58 4.21 -38.04 -2.14
C VAL B 58 4.47 -36.54 -2.07
N LEU B 59 4.58 -35.88 -3.22
CA LEU B 59 4.79 -34.44 -3.22
C LEU B 59 3.62 -33.70 -2.61
N VAL B 60 2.40 -34.18 -2.86
CA VAL B 60 1.24 -33.52 -2.26
C VAL B 60 1.14 -33.81 -0.77
N GLU B 61 1.56 -35.00 -0.33
CA GLU B 61 1.68 -35.24 1.10
C GLU B 61 2.69 -34.33 1.76
N ARG B 62 3.80 -34.04 1.06
CA ARG B 62 4.91 -33.30 1.65
C ARG B 62 4.55 -31.85 1.97
N TYR B 63 3.74 -31.20 1.15
CA TYR B 63 3.51 -29.76 1.28
C TYR B 63 2.08 -29.49 1.71
N ASP B 64 1.94 -28.86 2.88
CA ASP B 64 0.61 -28.61 3.42
C ASP B 64 -0.18 -27.68 2.53
N VAL B 65 0.51 -26.79 1.81
CA VAL B 65 -0.20 -25.84 0.96
C VAL B 65 -0.84 -26.52 -0.24
N PHE B 66 -0.38 -27.71 -0.62
CA PHE B 66 -1.05 -28.47 -1.66
C PHE B 66 -2.30 -29.18 -1.13
N ARG B 67 -2.46 -29.27 0.18
CA ARG B 67 -3.66 -29.84 0.80
C ARG B 67 -4.54 -28.78 1.45
N THR B 68 -4.23 -27.49 1.28
CA THR B 68 -5.05 -26.44 1.85
C THR B 68 -6.32 -26.25 1.03
N LEU B 69 -7.45 -26.12 1.72
CA LEU B 69 -8.66 -25.61 1.12
C LEU B 69 -9.06 -24.33 1.85
N PHE B 70 -9.64 -23.40 1.10
CA PHE B 70 -9.94 -22.08 1.60
C PHE B 70 -11.44 -21.96 1.82
N LEU B 71 -11.83 -21.63 3.05
CA LEU B 71 -13.23 -21.62 3.46
C LEU B 71 -13.64 -20.21 3.81
N TYR B 72 -14.62 -19.67 3.08
CA TYR B 72 -15.04 -18.29 3.21
C TYR B 72 -16.55 -18.13 3.36
N GLU B 73 -17.31 -19.22 3.33
CA GLU B 73 -18.74 -19.11 2.99
C GLU B 73 -19.51 -18.34 4.05
N LYS B 74 -19.55 -18.86 5.28
CA LYS B 74 -20.33 -18.22 6.33
C LYS B 74 -19.48 -17.80 7.52
N LEU B 75 -18.16 -17.94 7.41
CA LEU B 75 -17.29 -17.75 8.56
C LEU B 75 -17.08 -16.26 8.82
N LYS B 76 -16.70 -15.95 10.07
CA LYS B 76 -16.35 -14.58 10.40
C LYS B 76 -15.17 -14.10 9.57
N GLN B 77 -14.30 -15.03 9.16
CA GLN B 77 -13.00 -14.71 8.59
C GLN B 77 -12.66 -15.83 7.63
N PRO B 78 -12.09 -15.52 6.46
CA PRO B 78 -11.56 -16.59 5.60
C PRO B 78 -10.51 -17.39 6.35
N LEU B 79 -10.59 -18.72 6.20
CA LEU B 79 -9.60 -19.61 6.80
C LEU B 79 -8.94 -20.47 5.73
N GLN B 80 -7.65 -20.71 5.90
CA GLN B 80 -7.05 -21.92 5.38
C GLN B 80 -7.50 -23.11 6.22
N VAL B 81 -7.91 -24.18 5.57
CA VAL B 81 -8.09 -25.46 6.24
C VAL B 81 -7.15 -26.46 5.58
N VAL B 82 -6.25 -27.04 6.35
CA VAL B 82 -5.29 -28.02 5.85
C VAL B 82 -5.85 -29.39 6.15
N LEU B 83 -6.20 -30.14 5.11
CA LEU B 83 -6.61 -31.52 5.27
C LEU B 83 -5.38 -32.40 5.46
N LYS B 84 -5.57 -33.51 6.17
CA LYS B 84 -4.45 -34.42 6.42
C LYS B 84 -4.03 -35.16 5.16
N GLN B 85 -4.99 -35.56 4.34
CA GLN B 85 -4.73 -36.28 3.10
C GLN B 85 -5.66 -35.75 2.02
N ARG B 86 -5.11 -35.48 0.84
CA ARG B 86 -5.95 -35.00 -0.25
C ARG B 86 -5.33 -35.28 -1.61
N PRO B 87 -5.52 -36.48 -2.18
CA PRO B 87 -4.90 -36.79 -3.47
C PRO B 87 -5.40 -35.88 -4.58
N ILE B 88 -4.49 -35.53 -5.49
CA ILE B 88 -4.83 -34.67 -6.62
C ILE B 88 -5.22 -35.50 -7.84
N PRO B 89 -6.07 -34.97 -8.72
CA PRO B 89 -6.27 -35.58 -10.04
C PRO B 89 -5.01 -35.75 -10.87
N ILE B 90 -4.60 -36.98 -11.12
CA ILE B 90 -3.54 -37.30 -12.09
C ILE B 90 -4.14 -38.17 -13.18
N GLU B 91 -4.04 -37.71 -14.43
CA GLU B 91 -4.55 -38.42 -15.59
C GLU B 91 -3.41 -38.85 -16.49
N PHE B 92 -3.53 -40.05 -17.06
CA PHE B 92 -2.56 -40.58 -18.02
C PHE B 92 -3.31 -40.91 -19.31
N TYR B 93 -2.90 -40.27 -20.41
CA TYR B 93 -3.46 -40.53 -21.73
C TYR B 93 -2.42 -41.19 -22.61
N ASP B 94 -2.67 -42.44 -23.00
CA ASP B 94 -1.80 -43.12 -23.97
C ASP B 94 -2.27 -42.71 -25.36
N LEU B 95 -1.69 -41.63 -25.88
CA LEU B 95 -1.97 -41.16 -27.23
C LEU B 95 -1.17 -41.89 -28.30
N SER B 96 -0.26 -42.80 -27.93
CA SER B 96 0.71 -43.34 -28.87
C SER B 96 0.09 -44.12 -30.01
N ALA B 97 -1.20 -44.46 -29.95
CA ALA B 97 -1.85 -45.11 -31.07
C ALA B 97 -2.31 -44.13 -32.15
N CYS B 98 -2.43 -42.85 -31.84
CA CYS B 98 -2.94 -41.88 -32.78
C CYS B 98 -1.82 -41.34 -33.68
N ASP B 99 -2.22 -40.80 -34.83
CA ASP B 99 -1.30 -40.15 -35.74
C ASP B 99 -1.00 -38.73 -35.30
N GLU B 100 0.13 -38.20 -35.81
CA GLU B 100 0.65 -36.93 -35.31
C GLU B 100 -0.37 -35.82 -35.41
N SER B 101 -1.09 -35.73 -36.53
CA SER B 101 -2.08 -34.68 -36.70
C SER B 101 -3.28 -34.88 -35.79
N GLU B 102 -3.51 -36.11 -35.32
CA GLU B 102 -4.55 -36.37 -34.34
C GLU B 102 -4.04 -36.15 -32.93
N LYS B 103 -2.83 -36.64 -32.63
CA LYS B 103 -2.24 -36.46 -31.32
C LYS B 103 -2.13 -34.99 -30.94
N GLN B 104 -1.52 -34.18 -31.81
CA GLN B 104 -1.34 -32.77 -31.47
C GLN B 104 -2.66 -32.01 -31.36
N LEU B 105 -3.68 -32.46 -32.08
CA LEU B 105 -5.00 -31.86 -31.93
C LEU B 105 -5.63 -32.23 -30.59
N ARG B 106 -5.66 -33.51 -30.26
CA ARG B 106 -6.23 -33.94 -28.99
C ARG B 106 -5.50 -33.30 -27.81
N TYR B 107 -4.17 -33.23 -27.89
CA TYR B 107 -3.39 -32.50 -26.91
C TYR B 107 -3.85 -31.04 -26.79
N THR B 108 -3.90 -30.32 -27.91
CA THR B 108 -4.17 -28.89 -27.77
C THR B 108 -5.59 -28.64 -27.32
N GLN B 109 -6.53 -29.49 -27.73
CA GLN B 109 -7.91 -29.37 -27.26
C GLN B 109 -7.99 -29.58 -25.76
N TYR B 110 -7.25 -30.57 -25.24
CA TYR B 110 -7.19 -30.74 -23.79
C TYR B 110 -6.58 -29.53 -23.12
N LYS B 111 -5.44 -29.07 -23.62
CA LYS B 111 -4.73 -27.97 -22.96
C LYS B 111 -5.58 -26.69 -22.93
N ARG B 112 -6.29 -26.42 -24.02
CA ARG B 112 -7.19 -25.27 -24.05
C ARG B 112 -8.35 -25.44 -23.09
N ALA B 113 -8.96 -26.62 -23.04
CA ALA B 113 -10.05 -26.79 -22.08
C ALA B 113 -9.56 -26.73 -20.65
N ASP B 114 -8.34 -27.22 -20.39
CA ASP B 114 -7.78 -27.14 -19.04
C ASP B 114 -7.48 -25.70 -18.63
N GLN B 115 -7.12 -24.84 -19.59
CA GLN B 115 -7.02 -23.43 -19.23
C GLN B 115 -8.37 -22.85 -18.86
N GLU B 116 -9.46 -23.48 -19.29
CA GLU B 116 -10.81 -23.00 -19.01
C GLU B 116 -11.41 -23.59 -17.73
N ARG B 117 -10.97 -24.78 -17.33
CA ARG B 117 -11.55 -25.50 -16.20
C ARG B 117 -11.14 -24.83 -14.88
N THR B 118 -12.05 -24.03 -14.33
CA THR B 118 -11.83 -23.34 -13.07
C THR B 118 -11.68 -24.31 -11.91
N PHE B 119 -11.01 -23.83 -10.86
CA PHE B 119 -10.91 -24.52 -9.58
C PHE B 119 -11.90 -23.94 -8.60
N HIS B 120 -12.56 -24.81 -7.83
CA HIS B 120 -13.32 -24.38 -6.67
C HIS B 120 -12.39 -24.35 -5.47
N LEU B 121 -12.20 -23.17 -4.88
CA LEU B 121 -11.22 -23.02 -3.82
C LEU B 121 -11.52 -23.89 -2.61
N ALA B 122 -12.79 -24.25 -2.40
CA ALA B 122 -13.14 -25.18 -1.34
C ALA B 122 -13.18 -26.63 -1.81
N LYS B 123 -14.08 -26.94 -2.75
CA LYS B 123 -14.50 -28.33 -2.99
C LYS B 123 -13.49 -29.15 -3.78
N ASP B 124 -12.51 -28.54 -4.44
CA ASP B 124 -11.75 -29.29 -5.44
C ASP B 124 -10.25 -29.10 -5.23
N PRO B 125 -9.48 -30.18 -5.32
CA PRO B 125 -8.02 -30.06 -5.19
C PRO B 125 -7.46 -29.01 -6.14
N LEU B 126 -6.62 -28.13 -5.60
CA LEU B 126 -6.07 -27.00 -6.32
C LEU B 126 -4.81 -27.33 -7.10
N MET B 127 -4.56 -28.60 -7.41
CA MET B 127 -3.57 -28.95 -8.43
C MET B 127 -4.14 -30.00 -9.37
N ARG B 128 -3.67 -29.96 -10.62
CA ARG B 128 -3.95 -30.97 -11.62
C ARG B 128 -2.66 -31.32 -12.34
N VAL B 129 -2.49 -32.60 -12.65
CA VAL B 129 -1.43 -33.06 -13.54
C VAL B 129 -2.06 -33.94 -14.61
N ALA B 130 -1.55 -33.82 -15.83
CA ALA B 130 -1.86 -34.75 -16.91
C ALA B 130 -0.56 -35.17 -17.58
N LEU B 131 -0.35 -36.47 -17.73
CA LEU B 131 0.71 -36.99 -18.58
C LEU B 131 0.12 -37.42 -19.92
N PHE B 132 0.75 -36.97 -21.00
CA PHE B 132 0.43 -37.42 -22.35
C PHE B 132 1.63 -38.17 -22.91
N GLN B 133 1.41 -39.40 -23.34
CA GLN B 133 2.44 -40.17 -24.03
C GLN B 133 2.24 -39.96 -25.53
N MET B 134 2.99 -39.02 -26.10
CA MET B 134 2.87 -38.75 -27.53
C MET B 134 3.55 -39.82 -28.38
N SER B 135 4.59 -40.45 -27.87
CA SER B 135 5.35 -41.43 -28.62
C SER B 135 6.07 -42.34 -27.64
N GLN B 136 6.74 -43.37 -28.18
CA GLN B 136 7.38 -44.36 -27.34
C GLN B 136 8.35 -43.75 -26.33
N HIS B 137 8.87 -42.54 -26.61
CA HIS B 137 9.77 -41.87 -25.69
C HIS B 137 9.51 -40.37 -25.60
N ASP B 138 8.30 -39.91 -25.91
CA ASP B 138 7.96 -38.49 -25.88
C ASP B 138 6.71 -38.30 -25.03
N TYR B 139 6.82 -37.47 -23.99
CA TYR B 139 5.73 -37.20 -23.08
C TYR B 139 5.54 -35.69 -22.96
N GLN B 140 4.31 -35.28 -22.69
CA GLN B 140 4.02 -33.93 -22.23
C GLN B 140 3.31 -33.98 -20.88
N VAL B 141 3.74 -33.12 -19.97
CA VAL B 141 3.05 -32.90 -18.71
C VAL B 141 2.35 -31.56 -18.79
N ILE B 142 1.04 -31.56 -18.56
CA ILE B 142 0.29 -30.36 -18.28
C ILE B 142 0.03 -30.33 -16.78
N TRP B 143 0.41 -29.24 -16.15
CA TRP B 143 0.33 -29.15 -14.68
C TRP B 143 -0.21 -27.77 -14.35
N SER B 144 -1.43 -27.73 -13.86
CA SER B 144 -2.12 -26.47 -13.62
C SER B 144 -2.58 -26.40 -12.18
N PHE B 145 -2.50 -25.20 -11.62
CA PHE B 145 -2.77 -25.00 -10.22
C PHE B 145 -3.20 -23.56 -10.02
N HIS B 146 -3.99 -23.34 -8.97
CA HIS B 146 -4.41 -21.98 -8.68
C HIS B 146 -3.20 -21.25 -8.11
N HIS B 147 -3.06 -19.96 -8.46
CA HIS B 147 -1.88 -19.27 -7.96
C HIS B 147 -1.92 -19.11 -6.44
N ILE B 148 -3.11 -19.02 -5.86
CA ILE B 148 -3.28 -18.78 -4.43
C ILE B 148 -2.40 -19.74 -3.64
N LEU B 149 -2.00 -20.85 -4.26
CA LEU B 149 -1.15 -21.81 -3.56
C LEU B 149 0.27 -21.30 -3.40
N MET B 150 0.87 -20.83 -4.49
CA MET B 150 2.29 -20.54 -4.45
C MET B 150 2.65 -19.52 -5.53
N ASP B 151 3.73 -18.79 -5.30
CA ASP B 151 4.40 -18.05 -6.36
C ASP B 151 4.85 -19.00 -7.46
N GLY B 152 4.59 -18.60 -8.70
CA GLY B 152 4.89 -19.49 -9.81
C GLY B 152 6.33 -19.95 -9.82
N TRP B 153 7.26 -19.09 -9.37
CA TRP B 153 8.66 -19.46 -9.35
C TRP B 153 8.95 -20.56 -8.34
N CYS B 154 8.09 -20.73 -7.33
CA CYS B 154 8.27 -21.84 -6.40
C CYS B 154 8.30 -23.17 -7.12
N PHE B 155 7.72 -23.24 -8.32
CA PHE B 155 7.74 -24.46 -9.10
C PHE B 155 9.16 -25.00 -9.29
N SER B 156 10.18 -24.15 -9.23
CA SER B 156 11.55 -24.68 -9.26
C SER B 156 11.84 -25.57 -8.07
N ILE B 157 11.38 -25.17 -6.88
CA ILE B 157 11.57 -26.00 -5.68
C ILE B 157 10.68 -27.22 -5.76
N ILE B 158 9.43 -27.03 -6.16
CA ILE B 158 8.48 -28.13 -6.17
C ILE B 158 8.92 -29.20 -7.17
N PHE B 159 9.46 -28.78 -8.32
CA PHE B 159 9.92 -29.75 -9.31
C PHE B 159 11.26 -30.35 -8.98
N ASP B 160 12.13 -29.63 -8.27
CA ASP B 160 13.34 -30.27 -7.73
C ASP B 160 12.97 -31.35 -6.74
N ASP B 161 12.03 -31.05 -5.85
CA ASP B 161 11.50 -32.06 -4.93
C ASP B 161 10.91 -33.24 -5.70
N LEU B 162 10.09 -32.97 -6.71
CA LEU B 162 9.47 -34.05 -7.46
C LEU B 162 10.50 -34.96 -8.11
N LEU B 163 11.54 -34.38 -8.73
CA LEU B 163 12.56 -35.22 -9.34
C LEU B 163 13.39 -35.96 -8.30
N ALA B 164 13.57 -35.37 -7.12
CA ALA B 164 14.26 -36.10 -6.06
C ALA B 164 13.44 -37.28 -5.58
N ILE B 165 12.13 -37.11 -5.45
CA ILE B 165 11.26 -38.21 -5.08
C ILE B 165 11.29 -39.29 -6.16
N TYR B 166 11.21 -38.89 -7.42
CA TYR B 166 11.23 -39.86 -8.50
C TYR B 166 12.52 -40.67 -8.51
N LEU B 167 13.66 -40.01 -8.33
CA LEU B 167 14.92 -40.74 -8.29
C LEU B 167 14.99 -41.66 -7.07
N SER B 168 14.55 -41.18 -5.90
CA SER B 168 14.51 -42.03 -4.72
C SER B 168 13.66 -43.28 -4.94
N LEU B 169 12.52 -43.12 -5.63
CA LEU B 169 11.66 -44.26 -5.91
C LEU B 169 12.31 -45.22 -6.90
N GLN B 170 12.69 -44.72 -8.07
CA GLN B 170 13.19 -45.62 -9.11
C GLN B 170 14.48 -46.30 -8.70
N ASN B 171 15.25 -45.70 -7.78
CA ASN B 171 16.46 -46.29 -7.26
C ASN B 171 16.32 -46.71 -5.80
N LYS B 172 15.09 -46.91 -5.34
CA LYS B 172 14.80 -47.54 -4.04
C LYS B 172 15.72 -47.02 -2.94
N THR B 173 15.75 -45.69 -2.80
CA THR B 173 16.66 -45.04 -1.86
C THR B 173 15.92 -43.96 -1.10
N ALA B 174 16.29 -43.79 0.17
CA ALA B 174 15.56 -42.86 1.04
C ALA B 174 15.64 -41.42 0.53
N LEU B 175 14.60 -40.66 0.84
CA LEU B 175 14.56 -39.24 0.51
C LEU B 175 15.56 -38.47 1.36
N SER B 176 16.48 -37.76 0.70
CA SER B 176 17.40 -36.83 1.35
C SER B 176 16.81 -35.46 1.58
N LEU B 177 15.52 -35.26 1.27
CA LEU B 177 14.95 -33.91 1.26
C LEU B 177 15.02 -33.27 2.64
N GLU B 178 15.52 -32.04 2.67
CA GLU B 178 15.57 -31.27 3.91
C GLU B 178 14.16 -30.94 4.41
N PRO B 179 14.01 -30.78 5.72
CA PRO B 179 12.68 -30.51 6.29
C PRO B 179 12.01 -29.30 5.65
N VAL B 180 10.72 -29.45 5.37
CA VAL B 180 9.93 -28.37 4.77
C VAL B 180 9.85 -27.20 5.73
N GLN B 181 10.24 -26.02 5.24
CA GLN B 181 10.05 -24.78 5.98
C GLN B 181 8.57 -24.43 6.09
N PRO B 182 7.98 -24.44 7.28
CA PRO B 182 6.51 -24.35 7.38
C PRO B 182 6.01 -22.93 7.15
N TYR B 183 4.98 -22.81 6.29
CA TYR B 183 4.38 -21.53 5.96
C TYR B 183 3.70 -20.89 7.17
N SER B 184 3.37 -21.68 8.18
CA SER B 184 2.88 -21.10 9.43
C SER B 184 3.94 -20.23 10.09
N ARG B 185 5.22 -20.42 9.77
CA ARG B 185 6.23 -19.50 10.29
C ARG B 185 5.99 -18.11 9.74
N PHE B 186 5.65 -18.01 8.46
CA PHE B 186 5.37 -16.71 7.87
C PHE B 186 4.07 -16.15 8.39
N ILE B 187 3.04 -16.97 8.54
CA ILE B 187 1.78 -16.48 9.12
C ILE B 187 2.03 -15.90 10.51
N ASN B 188 2.77 -16.61 11.35
CA ASN B 188 3.08 -16.10 12.69
C ASN B 188 3.89 -14.82 12.62
N TRP B 189 4.88 -14.76 11.74
CA TRP B 189 5.70 -13.56 11.66
C TRP B 189 4.86 -12.38 11.19
N LEU B 190 3.94 -12.61 10.26
CA LEU B 190 3.04 -11.55 9.82
C LEU B 190 2.16 -11.06 10.96
N GLU B 191 1.81 -11.93 11.89
CA GLU B 191 1.01 -11.47 13.02
C GLU B 191 1.84 -10.78 14.09
N LYS B 192 3.12 -11.13 14.22
CA LYS B 192 4.01 -10.45 15.16
C LYS B 192 4.39 -9.04 14.73
N GLN B 193 4.33 -8.73 13.44
CA GLN B 193 4.77 -7.43 12.95
C GLN B 193 3.83 -6.28 13.31
N ASN B 194 4.42 -5.10 13.49
CA ASN B 194 3.74 -3.86 13.85
C ASN B 194 3.04 -3.27 12.62
N LYS B 195 1.76 -3.61 12.47
CA LYS B 195 1.02 -3.25 11.27
C LYS B 195 0.96 -1.74 11.07
N GLN B 196 0.66 -0.99 12.14
CA GLN B 196 0.41 0.44 11.97
C GLN B 196 1.65 1.20 11.54
N ALA B 197 2.84 0.80 11.99
CA ALA B 197 4.03 1.50 11.52
C ALA B 197 4.18 1.36 10.01
N ALA B 198 3.80 0.20 9.47
CA ALA B 198 3.88 0.01 8.03
C ALA B 198 2.83 0.84 7.31
N LEU B 199 1.60 0.87 7.82
CA LEU B 199 0.61 1.73 7.19
C LEU B 199 0.99 3.20 7.26
N ASN B 200 1.72 3.60 8.32
CA ASN B 200 2.22 4.97 8.37
C ASN B 200 3.29 5.22 7.32
N TYR B 201 4.17 4.24 7.11
CA TYR B 201 5.16 4.39 6.04
C TYR B 201 4.49 4.55 4.70
N TRP B 202 3.47 3.74 4.42
CA TRP B 202 2.81 3.83 3.13
C TRP B 202 1.98 5.10 2.98
N SER B 203 1.42 5.63 4.07
CA SER B 203 0.76 6.93 3.97
C SER B 203 1.74 8.08 3.81
N ASP B 204 2.98 7.92 4.26
CA ASP B 204 4.02 8.90 3.98
C ASP B 204 4.53 8.81 2.55
N TYR B 205 4.73 7.59 2.06
CA TYR B 205 5.24 7.37 0.71
C TYR B 205 4.34 7.97 -0.36
N LEU B 206 3.03 7.97 -0.15
CA LEU B 206 2.09 8.53 -1.09
C LEU B 206 1.71 9.97 -0.78
N GLU B 207 2.50 10.65 0.06
CA GLU B 207 2.06 11.88 0.70
C GLU B 207 1.44 12.87 -0.29
N ALA B 208 2.18 13.26 -1.31
CA ALA B 208 1.76 14.33 -2.20
C ALA B 208 1.16 13.85 -3.51
N TYR B 209 0.83 12.57 -3.64
CA TYR B 209 0.51 12.02 -4.96
C TYR B 209 -0.79 12.60 -5.49
N GLU B 210 -0.69 13.50 -6.46
CA GLU B 210 -1.80 14.33 -6.90
C GLU B 210 -2.64 13.65 -7.99
N GLN B 211 -2.02 13.31 -9.12
CA GLN B 211 -2.72 12.99 -10.35
C GLN B 211 -2.45 11.56 -10.78
N LYS B 212 -3.50 10.80 -11.02
CA LYS B 212 -3.38 9.39 -11.38
C LYS B 212 -2.62 9.22 -12.69
N THR B 213 -1.72 8.25 -12.70
CA THR B 213 -1.02 7.90 -13.93
C THR B 213 -1.96 7.18 -14.90
N THR B 214 -1.64 7.28 -16.19
CA THR B 214 -2.44 6.65 -17.23
C THR B 214 -1.54 6.28 -18.40
N LEU B 215 -2.06 5.40 -19.23
CA LEU B 215 -1.58 5.14 -20.59
C LEU B 215 -2.78 5.24 -21.51
N PRO B 216 -2.56 5.52 -22.80
CA PRO B 216 -3.68 5.93 -23.65
C PRO B 216 -4.63 4.77 -23.92
N LYS B 217 -5.73 4.75 -23.18
CA LYS B 217 -6.76 3.74 -23.34
C LYS B 217 -7.62 4.01 -24.56
N LYS B 218 -8.10 2.93 -25.18
CA LYS B 218 -8.82 3.04 -26.44
C LYS B 218 -10.26 3.50 -26.24
N GLU B 219 -10.89 3.09 -25.14
CA GLU B 219 -12.28 3.41 -24.88
C GLU B 219 -12.56 3.20 -23.40
N ALA B 220 -13.68 3.75 -22.95
CA ALA B 220 -14.15 3.46 -21.59
C ALA B 220 -14.55 2.00 -21.49
N ALA B 221 -14.27 1.39 -20.33
CA ALA B 221 -14.52 -0.03 -20.12
C ALA B 221 -16.02 -0.26 -19.89
N PHE B 222 -16.78 -0.10 -20.98
CA PHE B 222 -18.23 -0.28 -20.90
C PHE B 222 -18.60 -1.71 -20.57
N ALA B 223 -17.76 -2.68 -20.91
CA ALA B 223 -17.96 -4.07 -20.52
C ALA B 223 -16.61 -4.75 -20.36
N LYS B 224 -16.57 -5.72 -19.44
CA LYS B 224 -15.34 -6.44 -19.14
C LYS B 224 -15.05 -7.53 -20.18
N ALA B 225 -14.99 -7.10 -21.44
CA ALA B 225 -14.43 -7.96 -22.48
C ALA B 225 -12.92 -8.01 -22.37
N PHE B 226 -12.36 -9.21 -22.48
CA PHE B 226 -10.92 -9.40 -22.35
C PHE B 226 -10.43 -10.35 -23.42
N GLN B 227 -9.30 -10.01 -24.04
CA GLN B 227 -8.62 -10.91 -24.96
C GLN B 227 -7.11 -10.77 -24.78
N PRO B 228 -6.47 -11.71 -24.09
CA PRO B 228 -5.04 -11.55 -23.76
C PRO B 228 -4.17 -11.54 -25.02
N THR B 229 -3.49 -10.42 -25.23
CA THR B 229 -2.68 -10.19 -26.42
C THR B 229 -1.28 -9.80 -25.99
N GLN B 230 -0.30 -10.05 -26.86
CA GLN B 230 1.08 -9.76 -26.54
C GLN B 230 1.73 -8.91 -27.63
N TYR B 231 2.73 -8.14 -27.22
CA TYR B 231 3.75 -7.57 -28.10
C TYR B 231 5.08 -7.75 -27.40
N ARG B 232 6.13 -8.07 -28.15
CA ARG B 232 7.44 -8.15 -27.53
C ARG B 232 8.52 -7.59 -28.45
N PHE B 233 9.55 -7.03 -27.82
CA PHE B 233 10.67 -6.42 -28.52
C PHE B 233 11.86 -6.41 -27.58
N SER B 234 13.04 -6.18 -28.15
CA SER B 234 14.28 -6.20 -27.38
C SER B 234 15.23 -5.13 -27.88
N LEU B 235 16.08 -4.64 -26.98
CA LEU B 235 17.14 -3.71 -27.32
C LEU B 235 18.39 -4.45 -27.79
N ASN B 236 19.18 -3.76 -28.62
CA ASN B 236 20.43 -4.30 -29.13
C ASN B 236 21.39 -4.64 -27.99
N ARG B 237 22.42 -5.42 -28.33
CA ARG B 237 23.44 -5.81 -27.35
C ARG B 237 24.12 -4.60 -26.74
N THR B 238 24.55 -3.66 -27.59
CA THR B 238 25.30 -2.50 -27.11
C THR B 238 24.47 -1.62 -26.19
N LEU B 239 23.20 -1.42 -26.53
CA LEU B 239 22.34 -0.61 -25.67
C LEU B 239 22.11 -1.28 -24.32
N THR B 240 21.93 -2.60 -24.31
CA THR B 240 21.79 -3.32 -23.05
C THR B 240 23.05 -3.21 -22.20
N LYS B 241 24.23 -3.43 -22.80
CA LYS B 241 25.45 -3.33 -22.00
C LYS B 241 25.71 -1.91 -21.54
N GLN B 242 25.29 -0.91 -22.31
CA GLN B 242 25.53 0.46 -21.88
C GLN B 242 24.58 0.87 -20.77
N LEU B 243 23.33 0.39 -20.81
CA LEU B 243 22.46 0.55 -19.65
C LEU B 243 23.04 -0.13 -18.42
N GLY B 244 23.62 -1.33 -18.60
CA GLY B 244 24.27 -1.96 -17.47
C GLY B 244 25.44 -1.16 -16.92
N THR B 245 26.19 -0.51 -17.80
CA THR B 245 27.29 0.33 -17.33
C THR B 245 26.77 1.56 -16.59
N ILE B 246 25.75 2.21 -17.13
CA ILE B 246 25.08 3.30 -16.43
C ILE B 246 24.70 2.86 -15.02
N ALA B 247 24.10 1.67 -14.90
CA ALA B 247 23.70 1.18 -13.59
C ALA B 247 24.91 0.98 -12.69
N SER B 248 25.92 0.28 -13.20
CA SER B 248 27.12 0.00 -12.41
C SER B 248 27.85 1.26 -11.97
N GLN B 249 27.58 2.40 -12.62
CA GLN B 249 28.28 3.63 -12.28
C GLN B 249 27.44 4.59 -11.45
N ASN B 250 26.12 4.59 -11.58
CA ASN B 250 25.26 5.35 -10.68
C ASN B 250 24.97 4.61 -9.38
N GLN B 251 25.57 3.45 -9.17
CA GLN B 251 25.43 2.70 -7.91
C GLN B 251 24.01 2.20 -7.72
N VAL B 252 23.39 1.68 -8.77
CA VAL B 252 22.06 1.11 -8.71
C VAL B 252 22.07 -0.24 -9.44
N THR B 253 21.03 -1.01 -9.21
CA THR B 253 20.76 -2.18 -10.04
C THR B 253 20.22 -1.76 -11.41
N LEU B 254 20.45 -2.63 -12.40
CA LEU B 254 19.84 -2.41 -13.71
C LEU B 254 18.32 -2.43 -13.62
N SER B 255 17.76 -3.12 -12.63
CA SER B 255 16.32 -3.04 -12.40
C SER B 255 15.89 -1.61 -12.11
N THR B 256 16.67 -0.89 -11.31
CA THR B 256 16.35 0.51 -11.04
C THR B 256 16.47 1.38 -12.28
N VAL B 257 17.44 1.08 -13.16
CA VAL B 257 17.53 1.79 -14.43
C VAL B 257 16.28 1.55 -15.27
N ILE B 258 15.90 0.29 -15.44
CA ILE B 258 14.69 -0.03 -16.19
C ILE B 258 13.47 0.67 -15.60
N GLN B 259 13.36 0.68 -14.28
CA GLN B 259 12.21 1.33 -13.64
C GLN B 259 12.26 2.84 -13.77
N THR B 260 13.44 3.44 -13.80
CA THR B 260 13.52 4.88 -14.00
C THR B 260 13.20 5.25 -15.44
N ILE B 261 13.66 4.44 -16.40
CA ILE B 261 13.31 4.69 -17.79
C ILE B 261 11.80 4.57 -18.00
N TRP B 262 11.18 3.54 -17.40
CA TRP B 262 9.72 3.48 -17.43
C TRP B 262 9.09 4.71 -16.80
N GLY B 263 9.62 5.16 -15.67
CA GLY B 263 9.11 6.37 -15.05
C GLY B 263 9.19 7.59 -15.96
N VAL B 264 10.32 7.79 -16.62
CA VAL B 264 10.47 8.91 -17.54
C VAL B 264 9.49 8.80 -18.70
N LEU B 265 9.29 7.58 -19.21
CA LEU B 265 8.28 7.38 -20.24
C LEU B 265 6.90 7.79 -19.75
N LEU B 266 6.52 7.30 -18.57
CA LEU B 266 5.22 7.64 -17.99
C LEU B 266 5.07 9.13 -17.78
N GLN B 267 6.14 9.81 -17.37
CA GLN B 267 6.12 11.26 -17.22
C GLN B 267 5.86 11.94 -18.55
N LYS B 268 6.59 11.56 -19.60
CA LYS B 268 6.35 12.17 -20.91
C LYS B 268 4.93 11.92 -21.40
N TYR B 269 4.42 10.70 -21.23
CA TYR B 269 3.06 10.41 -21.63
C TYR B 269 2.02 11.15 -20.79
N ASN B 270 2.34 11.43 -19.53
CA ASN B 270 1.36 12.01 -18.61
C ASN B 270 1.50 13.52 -18.45
N ALA B 271 2.55 14.13 -19.01
CA ALA B 271 2.80 15.55 -18.82
C ALA B 271 2.88 15.89 -17.33
N ALA B 272 3.54 15.04 -16.56
CA ALA B 272 3.63 15.19 -15.13
C ALA B 272 5.00 14.72 -14.67
N HIS B 273 5.44 15.25 -13.53
CA HIS B 273 6.76 14.90 -13.00
C HIS B 273 6.69 13.82 -11.92
N ASP B 274 5.51 13.51 -11.41
CA ASP B 274 5.32 12.51 -10.37
C ASP B 274 4.43 11.40 -10.93
N VAL B 275 4.97 10.20 -11.10
CA VAL B 275 4.23 9.10 -11.70
C VAL B 275 4.38 7.87 -10.83
N LEU B 276 3.26 7.20 -10.60
CA LEU B 276 3.17 6.01 -9.76
C LEU B 276 2.71 4.82 -10.60
N PHE B 277 3.40 3.70 -10.48
CA PHE B 277 2.98 2.47 -11.12
C PHE B 277 3.20 1.31 -10.17
N GLY B 278 2.51 0.20 -10.45
CA GLY B 278 2.64 -0.98 -9.61
C GLY B 278 3.94 -1.72 -9.87
N SER B 279 4.59 -2.11 -8.78
CA SER B 279 5.75 -2.99 -8.83
C SER B 279 5.45 -4.30 -8.12
N VAL B 280 5.89 -5.40 -8.72
CA VAL B 280 5.71 -6.74 -8.16
C VAL B 280 7.00 -7.13 -7.46
N VAL B 281 6.93 -7.32 -6.15
CA VAL B 281 8.12 -7.52 -5.33
C VAL B 281 8.02 -8.86 -4.62
N SER B 282 9.15 -9.53 -4.48
CA SER B 282 9.26 -10.79 -3.76
C SER B 282 9.23 -10.52 -2.27
N GLY B 283 8.03 -10.43 -1.72
CA GLY B 283 7.86 -9.98 -0.34
C GLY B 283 8.41 -10.93 0.71
N ARG B 284 9.47 -11.65 0.38
CA ARG B 284 10.15 -12.55 1.30
C ARG B 284 11.10 -11.80 2.22
N PRO B 285 10.74 -11.56 3.48
CA PRO B 285 11.64 -10.84 4.39
C PRO B 285 12.88 -11.67 4.71
N THR B 286 14.05 -11.03 4.61
CA THR B 286 15.30 -11.72 4.94
C THR B 286 15.38 -12.12 6.41
N ASP B 287 14.52 -11.54 7.26
CA ASP B 287 14.53 -11.88 8.68
C ASP B 287 14.08 -13.30 8.95
N ILE B 288 13.21 -13.85 8.10
CA ILE B 288 12.68 -15.19 8.34
C ILE B 288 13.76 -16.22 8.07
N VAL B 289 13.93 -17.15 9.02
CA VAL B 289 14.81 -18.29 8.79
C VAL B 289 14.27 -19.16 7.67
N GLY B 290 15.10 -19.42 6.67
CA GLY B 290 14.77 -20.37 5.63
C GLY B 290 13.74 -19.90 4.62
N ILE B 291 13.41 -18.62 4.59
CA ILE B 291 12.40 -18.13 3.66
C ILE B 291 12.81 -18.32 2.21
N ASP B 292 14.11 -18.47 1.94
CA ASP B 292 14.57 -18.62 0.58
C ASP B 292 14.17 -19.94 -0.06
N LYS B 293 13.63 -20.88 0.72
CA LYS B 293 13.19 -22.17 0.20
C LYS B 293 11.77 -22.48 0.66
N MET B 294 10.98 -21.46 0.98
CA MET B 294 9.65 -21.63 1.54
C MET B 294 8.61 -21.51 0.44
N VAL B 295 7.73 -22.50 0.37
CA VAL B 295 6.77 -22.62 -0.72
C VAL B 295 5.44 -22.06 -0.23
N GLY B 296 4.94 -21.06 -0.94
CA GLY B 296 3.79 -20.32 -0.48
C GLY B 296 3.62 -19.10 -1.34
N LEU B 297 2.60 -18.30 -0.99
CA LEU B 297 2.28 -17.10 -1.74
C LEU B 297 2.87 -15.90 -0.99
N PHE B 298 3.92 -15.31 -1.57
CA PHE B 298 4.62 -14.17 -1.00
C PHE B 298 4.63 -12.96 -1.92
N ILE B 299 4.55 -13.15 -3.23
CA ILE B 299 4.68 -12.06 -4.17
C ILE B 299 3.63 -11.00 -3.88
N ASN B 300 4.08 -9.77 -3.66
CA ASN B 300 3.19 -8.66 -3.33
C ASN B 300 3.32 -7.58 -4.39
N THR B 301 2.23 -6.88 -4.65
CA THR B 301 2.24 -5.69 -5.50
C THR B 301 2.36 -4.46 -4.61
N ILE B 302 3.39 -3.65 -4.85
CA ILE B 302 3.61 -2.44 -4.08
C ILE B 302 3.61 -1.23 -5.02
N PRO B 303 3.12 -0.07 -4.59
CA PRO B 303 3.21 1.11 -5.45
C PRO B 303 4.63 1.61 -5.55
N PHE B 304 5.11 1.78 -6.79
CA PHE B 304 6.44 2.29 -7.06
C PHE B 304 6.30 3.70 -7.61
N ARG B 305 7.03 4.65 -7.02
CA ARG B 305 6.82 6.07 -7.30
C ARG B 305 8.13 6.71 -7.71
N VAL B 306 8.15 7.27 -8.92
CA VAL B 306 9.30 7.99 -9.47
C VAL B 306 8.89 9.45 -9.61
N GLN B 307 9.66 10.35 -9.01
CA GLN B 307 9.30 11.76 -8.97
C GLN B 307 10.50 12.60 -9.36
N ALA B 308 10.30 13.51 -10.32
CA ALA B 308 11.37 14.36 -10.81
C ALA B 308 11.21 15.79 -10.31
N LYS B 309 12.32 16.39 -9.90
CA LYS B 309 12.42 17.83 -9.78
C LYS B 309 12.55 18.47 -11.16
N ALA B 310 12.19 19.76 -11.25
CA ALA B 310 12.10 20.41 -12.54
C ALA B 310 13.45 20.42 -13.25
N GLY B 311 14.55 20.49 -12.51
CA GLY B 311 15.88 20.52 -13.08
C GLY B 311 16.69 19.26 -12.88
N GLN B 312 16.06 18.17 -12.47
CA GLN B 312 16.79 16.97 -12.07
C GLN B 312 17.37 16.25 -13.27
N THR B 313 18.59 15.74 -13.12
CA THR B 313 19.19 14.89 -14.13
C THR B 313 18.78 13.44 -13.90
N PHE B 314 18.89 12.64 -14.96
CA PHE B 314 18.54 11.22 -14.87
C PHE B 314 19.37 10.49 -13.82
N SER B 315 20.67 10.77 -13.74
CA SER B 315 21.47 10.26 -12.63
C SER B 315 20.85 10.56 -11.27
N GLU B 316 20.45 11.81 -11.07
CA GLU B 316 19.88 12.20 -9.79
C GLU B 316 18.49 11.63 -9.57
N LEU B 317 17.82 11.15 -10.61
CA LEU B 317 16.58 10.43 -10.38
C LEU B 317 16.84 8.96 -10.10
N LEU B 318 17.91 8.42 -10.69
CA LEU B 318 18.35 7.07 -10.38
C LEU B 318 18.63 6.91 -8.89
N GLN B 319 19.44 7.81 -8.34
CA GLN B 319 19.74 7.72 -6.91
C GLN B 319 18.50 7.91 -6.05
N ALA B 320 17.60 8.80 -6.45
CA ALA B 320 16.36 8.99 -5.71
C ALA B 320 15.52 7.72 -5.68
N VAL B 321 15.35 7.09 -6.84
CA VAL B 321 14.58 5.85 -6.92
C VAL B 321 15.25 4.74 -6.13
N HIS B 322 16.59 4.70 -6.14
CA HIS B 322 17.30 3.72 -5.32
C HIS B 322 17.00 3.91 -3.85
N LYS B 323 17.10 5.15 -3.36
CA LYS B 323 16.80 5.40 -1.96
C LYS B 323 15.37 5.04 -1.61
N ARG B 324 14.42 5.38 -2.48
CA ARG B 324 13.03 5.07 -2.18
C ARG B 324 12.79 3.57 -2.13
N THR B 325 13.37 2.81 -3.05
CA THR B 325 13.19 1.36 -3.03
C THR B 325 13.85 0.73 -1.82
N LEU B 326 15.02 1.24 -1.41
CA LEU B 326 15.62 0.75 -0.17
C LEU B 326 14.75 1.04 1.04
N GLN B 327 14.16 2.24 1.11
CA GLN B 327 13.29 2.57 2.22
C GLN B 327 12.01 1.74 2.23
N SER B 328 11.53 1.32 1.06
CA SER B 328 10.28 0.59 1.02
C SER B 328 10.41 -0.86 1.46
N GLN B 329 11.59 -1.44 1.28
CA GLN B 329 11.78 -2.88 1.52
C GLN B 329 11.34 -3.36 2.89
N PRO B 330 11.53 -2.61 3.99
CA PRO B 330 10.97 -3.07 5.28
C PRO B 330 9.46 -3.24 5.30
N TYR B 331 8.73 -2.54 4.45
CA TYR B 331 7.28 -2.45 4.57
C TYR B 331 6.53 -3.05 3.39
N GLU B 332 7.19 -3.84 2.55
CA GLU B 332 6.59 -4.34 1.32
C GLU B 332 5.75 -5.60 1.53
N HIS B 333 5.56 -6.06 2.76
CA HIS B 333 4.63 -7.14 3.04
C HIS B 333 3.23 -6.65 3.34
N VAL B 334 3.01 -5.33 3.34
CA VAL B 334 1.68 -4.78 3.59
C VAL B 334 0.76 -5.12 2.43
N PRO B 335 -0.48 -5.48 2.70
CA PRO B 335 -1.42 -5.75 1.59
C PRO B 335 -1.73 -4.47 0.83
N LEU B 336 -1.79 -4.59 -0.49
CA LEU B 336 -2.09 -3.43 -1.32
C LEU B 336 -3.48 -2.89 -1.04
N TYR B 337 -4.42 -3.77 -0.66
CA TYR B 337 -5.77 -3.32 -0.31
C TYR B 337 -5.79 -2.40 0.91
N ASP B 338 -4.79 -2.50 1.80
CA ASP B 338 -4.66 -1.54 2.88
C ASP B 338 -3.96 -0.27 2.43
N ILE B 339 -2.87 -0.41 1.67
CA ILE B 339 -2.17 0.75 1.13
C ILE B 339 -3.12 1.67 0.37
N GLN B 340 -4.05 1.11 -0.39
CA GLN B 340 -4.98 1.93 -1.14
C GLN B 340 -5.74 2.89 -0.24
N THR B 341 -6.08 2.46 0.98
CA THR B 341 -6.79 3.36 1.87
C THR B 341 -5.91 4.52 2.33
N GLN B 342 -4.59 4.33 2.33
CA GLN B 342 -3.64 5.41 2.58
C GLN B 342 -3.42 6.32 1.38
N SER B 343 -4.37 6.38 0.43
CA SER B 343 -4.24 7.26 -0.72
C SER B 343 -5.60 7.89 -1.01
N VAL B 344 -5.56 9.11 -1.53
CA VAL B 344 -6.80 9.76 -1.96
C VAL B 344 -7.42 9.08 -3.16
N LEU B 345 -6.62 8.33 -3.93
CA LEU B 345 -7.13 7.64 -5.11
C LEU B 345 -7.97 6.43 -4.73
N LYS B 346 -7.78 5.88 -3.54
CA LYS B 346 -8.43 4.64 -3.14
C LYS B 346 -8.27 3.55 -4.19
N GLN B 347 -9.37 3.18 -4.83
CA GLN B 347 -9.40 1.97 -5.65
C GLN B 347 -8.47 2.03 -6.86
N GLU B 348 -8.09 3.24 -7.30
CA GLU B 348 -7.49 3.42 -8.61
C GLU B 348 -5.99 3.70 -8.55
N LEU B 349 -5.35 3.41 -7.42
CA LEU B 349 -3.98 3.86 -7.21
C LEU B 349 -3.05 3.25 -8.25
N ILE B 350 -3.08 1.93 -8.40
CA ILE B 350 -2.26 1.20 -9.35
C ILE B 350 -3.16 0.74 -10.49
N ASP B 351 -2.74 0.98 -11.73
CA ASP B 351 -3.48 0.50 -12.88
C ASP B 351 -2.63 -0.18 -13.95
N HIS B 352 -1.33 -0.34 -13.74
CA HIS B 352 -0.55 -1.26 -14.55
C HIS B 352 0.68 -1.68 -13.77
N LEU B 353 1.28 -2.79 -14.19
CA LEU B 353 2.40 -3.39 -13.47
C LEU B 353 3.64 -3.40 -14.36
N LEU B 354 4.78 -3.11 -13.75
CA LEU B 354 6.08 -3.38 -14.36
C LEU B 354 6.75 -4.49 -13.55
N VAL B 355 7.03 -5.61 -14.21
CA VAL B 355 7.63 -6.78 -13.58
C VAL B 355 8.99 -7.02 -14.21
N ILE B 356 10.01 -7.21 -13.36
CA ILE B 356 11.35 -7.53 -13.83
C ILE B 356 11.64 -8.98 -13.46
N GLU B 357 11.90 -9.80 -14.47
CA GLU B 357 12.12 -11.23 -14.29
C GLU B 357 13.62 -11.54 -14.36
N ASN B 358 14.31 -11.28 -13.26
CA ASN B 358 15.76 -11.49 -13.26
C ASN B 358 16.12 -12.96 -13.48
N TYR B 359 15.27 -13.88 -13.02
CA TYR B 359 15.49 -15.31 -13.21
C TYR B 359 14.15 -16.00 -13.44
N PRO B 360 13.82 -16.34 -14.68
CA PRO B 360 12.50 -16.90 -14.97
C PRO B 360 12.37 -18.33 -14.46
N LEU B 361 11.13 -18.82 -14.51
CA LEU B 361 10.88 -20.22 -14.17
C LEU B 361 11.37 -21.14 -15.29
N VAL B 362 11.00 -20.84 -16.53
CA VAL B 362 11.64 -21.46 -17.68
C VAL B 362 13.15 -21.19 -17.65
N GLU B 363 13.89 -22.00 -18.41
CA GLU B 363 15.35 -22.02 -18.35
C GLU B 363 15.89 -22.56 -17.04
N ALA B 364 15.37 -22.07 -15.91
CA ALA B 364 15.78 -22.65 -14.63
C ALA B 364 15.28 -24.07 -14.52
N LEU B 365 13.96 -24.26 -14.65
CA LEU B 365 13.42 -25.60 -14.74
C LEU B 365 14.01 -26.36 -15.93
N GLN B 366 14.32 -25.64 -17.01
CA GLN B 366 14.90 -26.26 -18.20
C GLN B 366 16.40 -26.50 -18.11
N LYS B 367 16.99 -26.41 -16.93
CA LYS B 367 18.38 -26.80 -16.79
C LYS B 367 18.63 -27.68 -15.57
N LYS B 368 17.93 -27.44 -14.46
CA LYS B 368 18.11 -28.22 -13.25
C LYS B 368 18.01 -29.73 -13.50
N ALA B 369 17.09 -30.14 -14.37
CA ALA B 369 16.89 -31.57 -14.61
C ALA B 369 18.10 -32.27 -15.18
N LEU B 370 19.10 -31.54 -15.68
CA LEU B 370 20.33 -32.18 -16.13
C LEU B 370 21.19 -32.68 -14.97
N ASN B 371 20.83 -32.32 -13.73
CA ASN B 371 21.59 -32.72 -12.56
C ASN B 371 21.34 -34.16 -12.13
N GLN B 372 20.40 -34.87 -12.76
CA GLN B 372 20.04 -36.21 -12.33
C GLN B 372 20.23 -37.21 -13.47
N GLN B 373 20.59 -38.44 -13.08
CA GLN B 373 20.84 -39.54 -14.00
C GLN B 373 19.57 -40.23 -14.47
N ILE B 374 18.39 -39.63 -14.22
CA ILE B 374 17.14 -40.29 -14.56
C ILE B 374 17.00 -40.46 -16.07
N GLY B 375 16.07 -41.34 -16.46
CA GLY B 375 15.93 -41.79 -17.83
C GLY B 375 15.35 -40.78 -18.80
N PHE B 376 15.11 -39.54 -18.39
CA PHE B 376 14.50 -38.56 -19.26
C PHE B 376 15.15 -37.19 -19.07
N THR B 377 15.00 -36.35 -20.09
CA THR B 377 15.51 -34.99 -20.09
C THR B 377 14.39 -34.04 -20.45
N ILE B 378 14.34 -32.89 -19.77
CA ILE B 378 13.35 -31.87 -20.08
C ILE B 378 13.66 -31.28 -21.45
N THR B 379 12.78 -31.52 -22.42
CA THR B 379 13.02 -31.17 -23.81
C THR B 379 12.41 -29.83 -24.22
N ALA B 380 11.29 -29.45 -23.62
CA ALA B 380 10.65 -28.16 -23.89
C ALA B 380 9.82 -27.79 -22.68
N VAL B 381 9.55 -26.49 -22.55
CA VAL B 381 8.81 -25.99 -21.39
C VAL B 381 8.04 -24.75 -21.81
N GLU B 382 6.89 -24.56 -21.18
CA GLU B 382 6.00 -23.45 -21.48
C GLU B 382 5.30 -23.03 -20.19
N MET B 383 4.80 -21.80 -20.18
CA MET B 383 4.02 -21.31 -19.07
C MET B 383 2.84 -20.49 -19.59
N PHE B 384 1.70 -20.61 -18.92
CA PHE B 384 0.54 -19.77 -19.14
C PHE B 384 0.11 -19.16 -17.81
N GLU B 385 -0.31 -17.89 -17.86
CA GLU B 385 -0.87 -17.23 -16.68
C GLU B 385 -1.89 -16.16 -17.05
N PRO B 386 -3.16 -16.33 -16.70
CA PRO B 386 -4.08 -15.19 -16.76
C PRO B 386 -3.58 -14.05 -15.88
N THR B 387 -4.08 -12.84 -16.18
CA THR B 387 -3.75 -11.68 -15.38
C THR B 387 -4.87 -10.65 -15.49
N ASN B 388 -5.13 -9.94 -14.39
CA ASN B 388 -6.26 -9.01 -14.36
C ASN B 388 -5.95 -7.67 -15.02
N TYR B 389 -4.72 -7.18 -14.91
CA TYR B 389 -4.44 -5.81 -15.33
C TYR B 389 -4.48 -5.65 -16.85
N ASP B 390 -4.90 -4.46 -17.27
CA ASP B 390 -5.08 -4.20 -18.70
C ASP B 390 -3.75 -4.14 -19.42
N LEU B 391 -2.69 -3.75 -18.72
CA LEU B 391 -1.33 -3.88 -19.22
C LEU B 391 -0.45 -4.44 -18.11
N THR B 392 0.42 -5.37 -18.47
CA THR B 392 1.57 -5.72 -17.67
C THR B 392 2.82 -5.60 -18.53
N VAL B 393 3.90 -5.09 -17.95
CA VAL B 393 5.18 -4.98 -18.63
C VAL B 393 6.15 -5.94 -17.98
N MET B 394 6.65 -6.90 -18.76
CA MET B 394 7.63 -7.87 -18.31
C MET B 394 8.97 -7.49 -18.90
N VAL B 395 10.02 -7.52 -18.08
CA VAL B 395 11.36 -7.18 -18.53
C VAL B 395 12.30 -8.29 -18.11
N MET B 396 13.17 -8.70 -19.04
CA MET B 396 13.98 -9.89 -18.92
C MET B 396 15.40 -9.53 -19.34
N PRO B 397 16.25 -9.17 -18.39
CA PRO B 397 17.56 -8.58 -18.72
C PRO B 397 18.58 -9.61 -19.18
N LYS B 398 18.30 -10.22 -20.33
CA LYS B 398 19.21 -11.19 -20.93
C LYS B 398 20.36 -10.48 -21.62
N GLU B 399 21.09 -11.18 -22.49
CA GLU B 399 22.14 -10.53 -23.28
C GLU B 399 21.58 -9.37 -24.08
N GLU B 400 20.36 -9.50 -24.59
CA GLU B 400 19.57 -8.38 -25.06
C GLU B 400 18.39 -8.16 -24.11
N LEU B 401 18.22 -6.93 -23.66
CA LEU B 401 17.14 -6.61 -22.73
C LEU B 401 15.82 -6.78 -23.44
N ALA B 402 15.08 -7.83 -23.10
CA ALA B 402 13.85 -8.19 -23.78
C ALA B 402 12.64 -7.68 -23.00
N PHE B 403 11.63 -7.22 -23.73
CA PHE B 403 10.44 -6.63 -23.15
C PHE B 403 9.22 -7.33 -23.71
N ARG B 404 8.18 -7.46 -22.90
CA ARG B 404 6.91 -7.98 -23.38
C ARG B 404 5.76 -7.24 -22.72
N PHE B 405 4.78 -6.88 -23.53
CA PHE B 405 3.57 -6.20 -23.08
C PHE B 405 2.40 -7.18 -23.19
N ASP B 406 1.80 -7.53 -22.06
CA ASP B 406 0.56 -8.29 -22.04
C ASP B 406 -0.57 -7.30 -21.82
N TYR B 407 -1.41 -7.11 -22.84
CA TYR B 407 -2.39 -6.04 -22.81
C TYR B 407 -3.74 -6.54 -23.30
N ASN B 408 -4.80 -5.93 -22.78
CA ASN B 408 -6.15 -6.19 -23.25
C ASN B 408 -6.36 -5.43 -24.55
N ALA B 409 -6.38 -6.15 -25.66
CA ALA B 409 -6.56 -5.50 -26.96
C ALA B 409 -7.90 -4.81 -27.09
N ALA B 410 -8.82 -5.04 -26.14
CA ALA B 410 -10.06 -4.27 -26.11
C ALA B 410 -9.83 -2.83 -25.66
N LEU B 411 -8.68 -2.53 -25.07
CA LEU B 411 -8.43 -1.20 -24.52
C LEU B 411 -7.22 -0.50 -25.10
N PHE B 412 -6.19 -1.23 -25.53
CA PHE B 412 -5.02 -0.63 -26.16
C PHE B 412 -4.88 -1.10 -27.60
N ASP B 413 -4.79 -0.15 -28.53
CA ASP B 413 -4.55 -0.46 -29.93
C ASP B 413 -3.14 -1.00 -30.12
N GLU B 414 -2.98 -1.87 -31.13
CA GLU B 414 -1.66 -2.39 -31.44
C GLU B 414 -0.67 -1.30 -31.80
N GLN B 415 -1.13 -0.23 -32.45
CA GLN B 415 -0.23 0.88 -32.77
C GLN B 415 0.18 1.65 -31.53
N VAL B 416 -0.70 1.75 -30.54
CA VAL B 416 -0.36 2.41 -29.29
C VAL B 416 0.79 1.69 -28.59
N VAL B 417 0.69 0.36 -28.46
CA VAL B 417 1.76 -0.41 -27.85
C VAL B 417 3.02 -0.40 -28.71
N GLN B 418 2.87 -0.46 -30.03
CA GLN B 418 4.02 -0.39 -30.92
C GLN B 418 4.79 0.93 -30.71
N LYS B 419 4.05 2.03 -30.65
CA LYS B 419 4.69 3.33 -30.45
C LYS B 419 5.29 3.42 -29.06
N LEU B 420 4.57 2.93 -28.05
CA LEU B 420 5.12 2.91 -26.70
C LEU B 420 6.46 2.16 -26.67
N ALA B 421 6.58 1.08 -27.43
CA ALA B 421 7.85 0.38 -27.51
C ALA B 421 8.91 1.21 -28.21
N GLY B 422 8.53 1.95 -29.25
CA GLY B 422 9.50 2.82 -29.90
C GLY B 422 9.98 3.93 -28.99
N HIS B 423 9.06 4.48 -28.19
CA HIS B 423 9.41 5.50 -27.22
C HIS B 423 10.32 4.95 -26.14
N LEU B 424 10.06 3.72 -25.69
CA LEU B 424 10.95 3.11 -24.69
C LEU B 424 12.34 2.91 -25.25
N GLN B 425 12.43 2.51 -26.53
CA GLN B 425 13.73 2.40 -27.16
C GLN B 425 14.44 3.75 -27.22
N GLN B 426 13.69 4.80 -27.55
CA GLN B 426 14.33 6.10 -27.71
C GLN B 426 14.83 6.64 -26.38
N ILE B 427 14.02 6.53 -25.33
CA ILE B 427 14.47 6.93 -24.00
C ILE B 427 15.70 6.12 -23.59
N ALA B 428 15.65 4.81 -23.78
CA ALA B 428 16.77 3.97 -23.37
C ALA B 428 18.06 4.40 -24.06
N ASP B 429 17.99 4.63 -25.38
CA ASP B 429 19.18 5.06 -26.11
C ASP B 429 19.69 6.40 -25.62
N CYS B 430 18.78 7.35 -25.38
CA CYS B 430 19.21 8.67 -24.92
C CYS B 430 19.93 8.56 -23.59
N VAL B 431 19.33 7.86 -22.63
CA VAL B 431 19.96 7.68 -21.34
C VAL B 431 21.31 6.98 -21.49
N ALA B 432 21.37 5.96 -22.34
CA ALA B 432 22.59 5.17 -22.46
C ALA B 432 23.74 6.00 -23.00
N ASN B 433 23.47 6.90 -23.94
CA ASN B 433 24.57 7.67 -24.52
C ASN B 433 25.09 8.73 -23.56
N ASN B 434 24.20 9.37 -22.79
CA ASN B 434 24.59 10.46 -21.89
C ASN B 434 23.85 10.30 -20.57
N SER B 435 24.54 9.78 -19.56
CA SER B 435 23.91 9.54 -18.27
C SER B 435 23.26 10.80 -17.70
N GLY B 436 23.86 11.96 -17.95
CA GLY B 436 23.50 13.20 -17.29
C GLY B 436 22.53 14.11 -18.02
N VAL B 437 21.84 13.63 -19.06
CA VAL B 437 20.88 14.48 -19.75
C VAL B 437 19.82 14.95 -18.75
N GLU B 438 19.33 16.17 -18.96
CA GLU B 438 18.17 16.64 -18.23
C GLU B 438 16.94 15.82 -18.62
N LEU B 439 16.07 15.60 -17.65
CA LEU B 439 14.87 14.80 -17.90
C LEU B 439 14.00 15.41 -18.98
N CYS B 440 13.83 16.74 -18.95
CA CYS B 440 13.07 17.44 -19.99
C CYS B 440 13.77 17.49 -21.33
N GLN B 441 15.01 17.02 -21.44
CA GLN B 441 15.76 17.05 -22.69
C GLN B 441 15.86 15.70 -23.39
N ILE B 442 15.36 14.63 -22.78
CA ILE B 442 15.24 13.33 -23.47
C ILE B 442 14.08 13.33 -24.46
N PRO B 443 14.33 13.06 -25.74
CA PRO B 443 13.23 12.91 -26.69
C PRO B 443 12.60 11.53 -26.64
N LEU B 444 11.30 11.48 -26.95
CA LEU B 444 10.63 10.22 -27.19
C LEU B 444 10.66 9.75 -28.64
N LEU B 445 10.92 10.63 -29.60
CA LEU B 445 10.55 10.38 -30.98
C LEU B 445 11.74 9.97 -31.84
N THR B 446 11.55 8.94 -32.65
CA THR B 446 12.45 8.56 -33.72
C THR B 446 12.23 9.46 -34.94
N GLU B 447 13.12 9.30 -35.92
CA GLU B 447 13.07 10.16 -37.12
C GLU B 447 11.76 9.99 -37.89
N ALA B 448 11.16 8.80 -37.88
CA ALA B 448 9.88 8.63 -38.56
C ALA B 448 8.77 9.45 -37.92
N GLU B 449 8.77 9.57 -36.59
CA GLU B 449 7.82 10.44 -35.92
C GLU B 449 8.14 11.91 -36.17
N THR B 450 9.43 12.26 -36.08
CA THR B 450 9.84 13.66 -36.16
C THR B 450 9.54 14.27 -37.52
N SER B 451 9.99 13.61 -38.58
CA SER B 451 9.77 14.16 -39.91
C SER B 451 8.29 14.30 -40.23
N GLN B 452 7.47 13.34 -39.78
CA GLN B 452 6.02 13.45 -39.96
C GLN B 452 5.45 14.67 -39.23
N LEU B 453 5.87 14.86 -37.97
CA LEU B 453 5.32 15.99 -37.23
C LEU B 453 5.80 17.32 -37.77
N LEU B 454 7.02 17.38 -38.31
CA LEU B 454 7.47 18.61 -38.93
C LEU B 454 6.81 18.84 -40.28
N ALA B 455 6.51 17.76 -41.02
CA ALA B 455 5.79 17.87 -42.27
C ALA B 455 4.39 18.40 -42.04
N LYS B 456 3.82 18.13 -40.87
CA LYS B 456 2.54 18.75 -40.53
C LYS B 456 2.60 20.27 -40.55
N ARG B 457 3.80 20.86 -40.46
CA ARG B 457 3.95 22.28 -40.77
C ARG B 457 3.91 22.56 -42.27
N THR B 458 4.84 21.97 -43.02
CA THR B 458 5.03 22.32 -44.42
C THR B 458 3.84 21.97 -45.29
N GLU B 459 2.99 21.04 -44.85
CA GLU B 459 1.74 20.76 -45.55
C GLU B 459 0.77 21.94 -45.51
N THR B 460 1.05 22.96 -44.69
CA THR B 460 0.32 24.22 -44.73
C THR B 460 0.97 25.26 -45.63
N ALA B 461 2.07 24.93 -46.32
CA ALA B 461 2.84 25.92 -47.05
C ALA B 461 1.98 26.63 -48.08
N ALA B 462 2.29 27.91 -48.30
CA ALA B 462 1.64 28.69 -49.34
C ALA B 462 2.57 29.81 -49.79
N ASP B 463 2.27 30.36 -50.96
CA ASP B 463 2.85 31.61 -51.43
C ASP B 463 1.79 32.70 -51.38
N TYR B 464 2.13 33.83 -50.77
CA TYR B 464 1.25 34.98 -50.72
C TYR B 464 2.04 36.25 -51.02
N PRO B 465 1.41 37.23 -51.67
CA PRO B 465 2.15 38.41 -52.13
C PRO B 465 2.66 39.29 -51.00
N ALA B 466 2.27 39.05 -49.75
CA ALA B 466 2.72 39.82 -48.61
C ALA B 466 2.44 41.32 -48.77
N ALA B 467 1.42 41.66 -49.56
CA ALA B 467 1.06 43.06 -49.73
C ALA B 467 0.55 43.68 -48.44
N THR B 468 0.83 44.97 -48.26
CA THR B 468 0.40 45.67 -47.06
C THR B 468 -1.11 45.64 -46.94
N MET B 469 -1.60 45.66 -45.69
CA MET B 469 -3.00 45.41 -45.46
C MET B 469 -3.88 46.48 -46.11
N HIS B 470 -3.41 47.73 -46.10
CA HIS B 470 -4.16 48.78 -46.77
C HIS B 470 -3.92 48.79 -48.28
N GLU B 471 -2.82 48.20 -48.74
CA GLU B 471 -2.68 47.95 -50.17
C GLU B 471 -3.67 46.88 -50.63
N LEU B 472 -3.80 45.79 -49.88
CA LEU B 472 -4.80 44.78 -50.21
C LEU B 472 -6.20 45.36 -50.18
N PHE B 473 -6.48 46.25 -49.22
CA PHE B 473 -7.76 46.96 -49.25
C PHE B 473 -7.89 47.79 -50.53
N SER B 474 -6.92 48.67 -50.79
CA SER B 474 -7.05 49.56 -51.94
C SER B 474 -7.27 48.77 -53.22
N ARG B 475 -6.49 47.71 -53.41
CA ARG B 475 -6.61 46.89 -54.61
C ARG B 475 -7.91 46.13 -54.66
N GLN B 476 -8.58 45.96 -53.51
CA GLN B 476 -9.92 45.40 -53.57
C GLN B 476 -10.99 46.48 -53.78
N ALA B 477 -10.84 47.64 -53.14
CA ALA B 477 -11.87 48.67 -53.20
C ALA B 477 -12.11 49.14 -54.64
N GLU B 478 -11.05 49.21 -55.44
CA GLU B 478 -11.23 49.53 -56.86
C GLU B 478 -12.06 48.49 -57.60
N LYS B 479 -12.22 47.29 -57.06
CA LYS B 479 -13.02 46.27 -57.72
C LYS B 479 -14.51 46.55 -57.66
N THR B 480 -14.98 47.31 -56.67
CA THR B 480 -16.41 47.63 -56.56
C THR B 480 -16.58 48.96 -55.83
N PRO B 481 -16.18 50.07 -56.45
CA PRO B 481 -16.27 51.36 -55.76
C PRO B 481 -17.71 51.78 -55.49
N GLU B 482 -18.66 51.35 -56.32
CA GLU B 482 -20.05 51.71 -56.14
C GLU B 482 -20.72 50.93 -55.02
N GLN B 483 -20.12 49.82 -54.61
CA GLN B 483 -20.74 48.96 -53.59
C GLN B 483 -20.74 49.64 -52.23
N VAL B 484 -21.79 49.40 -51.45
CA VAL B 484 -21.83 49.86 -50.08
C VAL B 484 -20.92 48.97 -49.24
N ALA B 485 -19.87 49.58 -48.67
CA ALA B 485 -18.92 48.85 -47.85
C ALA B 485 -19.37 48.75 -46.40
N VAL B 486 -19.82 49.86 -45.81
CA VAL B 486 -20.09 49.94 -44.39
C VAL B 486 -21.44 50.61 -44.19
N VAL B 487 -22.24 50.07 -43.27
CA VAL B 487 -23.59 50.56 -43.02
C VAL B 487 -23.76 50.79 -41.53
N PHE B 488 -24.39 51.90 -41.18
CA PHE B 488 -24.71 52.20 -39.80
C PHE B 488 -26.23 52.18 -39.63
N ALA B 489 -26.72 52.87 -38.60
CA ALA B 489 -28.15 52.89 -38.36
C ALA B 489 -28.92 53.36 -39.58
N ASP B 490 -28.38 54.34 -40.31
CA ASP B 490 -29.04 54.83 -41.51
C ASP B 490 -28.04 55.28 -42.57
N GLN B 491 -26.92 55.86 -42.14
CA GLN B 491 -25.90 56.27 -43.08
C GLN B 491 -25.02 55.08 -43.47
N HIS B 492 -24.32 55.22 -44.60
CA HIS B 492 -23.43 54.17 -45.09
C HIS B 492 -22.29 54.80 -45.86
N LEU B 493 -21.25 53.99 -46.08
CA LEU B 493 -20.14 54.35 -46.94
C LEU B 493 -19.94 53.29 -48.02
N THR B 494 -19.76 53.73 -49.25
CA THR B 494 -19.19 52.88 -50.29
C THR B 494 -17.68 52.72 -50.09
N TYR B 495 -17.11 51.75 -50.79
CA TYR B 495 -15.66 51.63 -50.83
C TYR B 495 -15.02 52.94 -51.30
N ARG B 496 -15.66 53.62 -52.24
CA ARG B 496 -15.13 54.90 -52.71
C ARG B 496 -15.15 55.94 -51.59
N GLU B 497 -16.26 56.04 -50.87
CA GLU B 497 -16.36 57.00 -49.78
C GLU B 497 -15.37 56.67 -48.67
N LEU B 498 -15.22 55.38 -48.36
CA LEU B 498 -14.22 54.95 -47.39
C LEU B 498 -12.82 55.35 -47.84
N ASP B 499 -12.49 55.06 -49.10
CA ASP B 499 -11.14 55.34 -49.59
C ASP B 499 -10.86 56.84 -49.54
N GLU B 500 -11.80 57.65 -50.03
CA GLU B 500 -11.62 59.11 -49.99
C GLU B 500 -11.42 59.60 -48.57
N LYS B 501 -12.38 59.31 -47.67
CA LYS B 501 -12.26 59.77 -46.29
C LYS B 501 -10.99 59.27 -45.60
N SER B 502 -10.56 58.05 -45.92
CA SER B 502 -9.32 57.53 -45.34
C SER B 502 -8.11 58.25 -45.91
N ASN B 503 -8.16 58.62 -47.20
CA ASN B 503 -7.09 59.42 -47.75
C ASN B 503 -7.02 60.76 -47.05
N GLN B 504 -8.17 61.39 -46.83
CA GLN B 504 -8.19 62.68 -46.17
C GLN B 504 -7.59 62.60 -44.77
N LEU B 505 -8.05 61.64 -43.97
CA LEU B 505 -7.50 61.47 -42.64
C LEU B 505 -6.02 61.14 -42.67
N ALA B 506 -5.58 60.31 -43.62
CA ALA B 506 -4.17 59.97 -43.73
C ALA B 506 -3.33 61.19 -44.10
N ARG B 507 -3.84 62.05 -44.97
CA ARG B 507 -3.13 63.29 -45.31
C ARG B 507 -3.02 64.17 -44.08
N PHE B 508 -4.11 64.32 -43.33
CA PHE B 508 -4.04 65.07 -42.09
C PHE B 508 -3.00 64.51 -41.14
N LEU B 509 -3.01 63.18 -40.95
CA LEU B 509 -2.07 62.55 -40.02
C LEU B 509 -0.63 62.74 -40.47
N ARG B 510 -0.35 62.52 -41.75
CA ARG B 510 1.01 62.68 -42.25
C ARG B 510 1.48 64.12 -42.12
N LYS B 511 0.60 65.08 -42.36
CA LYS B 511 0.94 66.46 -42.07
C LYS B 511 1.23 66.64 -40.59
N LYS B 512 0.50 65.92 -39.74
CA LYS B 512 0.71 65.80 -38.30
C LYS B 512 1.90 64.89 -37.92
N GLY B 513 2.75 64.44 -38.83
CA GLY B 513 3.95 63.72 -38.45
C GLY B 513 3.80 62.23 -38.23
N ILE B 514 2.64 61.67 -38.57
CA ILE B 514 2.43 60.23 -38.46
C ILE B 514 3.32 59.49 -39.46
N GLY B 515 3.77 58.30 -39.08
CA GLY B 515 4.60 57.52 -39.97
C GLY B 515 4.96 56.19 -39.37
N THR B 516 5.97 55.55 -39.99
CA THR B 516 6.34 54.17 -39.66
C THR B 516 6.54 53.98 -38.15
N GLY B 517 7.10 54.96 -37.48
CA GLY B 517 7.29 54.88 -36.05
C GLY B 517 6.08 55.13 -35.19
N SER B 518 4.91 55.39 -35.77
CA SER B 518 3.85 56.14 -35.11
C SER B 518 2.65 55.26 -34.84
N LEU B 519 2.17 55.31 -33.59
CA LEU B 519 0.93 54.66 -33.18
C LEU B 519 -0.10 55.76 -32.98
N VAL B 520 -1.26 55.59 -33.60
CA VAL B 520 -2.36 56.55 -33.48
C VAL B 520 -3.45 55.95 -32.61
N GLY B 521 -3.79 56.65 -31.53
CA GLY B 521 -4.93 56.26 -30.74
C GLY B 521 -6.23 56.47 -31.49
N THR B 522 -7.17 55.55 -31.29
CA THR B 522 -8.57 55.77 -31.66
C THR B 522 -9.45 55.50 -30.45
N LEU B 523 -10.20 56.51 -30.03
CA LEU B 523 -11.31 56.34 -29.10
C LEU B 523 -12.58 56.78 -29.84
N LEU B 524 -13.11 55.87 -30.64
CA LEU B 524 -14.26 56.12 -31.49
C LEU B 524 -15.39 55.17 -31.10
N ASP B 525 -16.62 55.67 -31.16
CA ASP B 525 -17.76 55.05 -30.49
C ASP B 525 -18.37 53.90 -31.28
N ARG B 526 -17.55 53.19 -32.06
CA ARG B 526 -18.07 52.16 -32.98
C ARG B 526 -19.11 52.71 -33.94
N SER B 527 -19.19 54.03 -34.08
CA SER B 527 -19.93 54.60 -35.19
C SER B 527 -19.12 54.50 -36.48
N LEU B 528 -19.76 54.90 -37.59
CA LEU B 528 -19.16 54.73 -38.91
C LEU B 528 -17.70 55.17 -38.93
N ASP B 529 -17.40 56.29 -38.29
CA ASP B 529 -16.07 56.88 -38.36
C ASP B 529 -14.99 55.93 -37.85
N MET B 530 -15.36 54.92 -37.05
CA MET B 530 -14.35 54.01 -36.51
C MET B 530 -13.63 53.26 -37.62
N ILE B 531 -14.36 52.78 -38.63
CA ILE B 531 -13.71 52.07 -39.73
C ILE B 531 -12.85 53.03 -40.55
N VAL B 532 -13.38 54.22 -40.84
CA VAL B 532 -12.58 55.27 -41.45
C VAL B 532 -11.36 55.56 -40.61
N GLY B 533 -11.53 55.65 -39.29
CA GLY B 533 -10.37 55.87 -38.43
C GLY B 533 -9.28 54.84 -38.65
N ILE B 534 -9.66 53.56 -38.62
CA ILE B 534 -8.71 52.48 -38.84
C ILE B 534 -7.98 52.69 -40.16
N LEU B 535 -8.76 52.82 -41.24
CA LEU B 535 -8.15 52.73 -42.56
C LEU B 535 -7.35 53.99 -42.87
N GLY B 536 -7.82 55.15 -42.41
CA GLY B 536 -7.04 56.36 -42.53
C GLY B 536 -5.73 56.32 -41.76
N VAL B 537 -5.77 55.81 -40.52
CA VAL B 537 -4.54 55.67 -39.75
C VAL B 537 -3.56 54.72 -40.42
N LEU B 538 -4.04 53.59 -40.91
CA LEU B 538 -3.16 52.68 -41.64
C LEU B 538 -2.64 53.32 -42.93
N LYS B 539 -3.52 54.00 -43.67
CA LYS B 539 -3.13 54.70 -44.89
C LYS B 539 -2.16 55.83 -44.59
N ALA B 540 -2.30 56.48 -43.45
CA ALA B 540 -1.28 57.36 -42.92
C ALA B 540 -0.03 56.60 -42.52
N GLY B 541 -0.03 55.27 -42.65
CA GLY B 541 1.13 54.46 -42.36
C GLY B 541 1.36 54.13 -40.91
N GLY B 542 0.45 54.52 -40.01
CA GLY B 542 0.60 54.30 -38.60
C GLY B 542 -0.36 53.23 -38.08
N ALA B 543 -0.09 52.79 -36.86
CA ALA B 543 -0.82 51.69 -36.24
C ALA B 543 -1.97 52.24 -35.41
N PHE B 544 -3.17 51.75 -35.67
CA PHE B 544 -4.32 52.15 -34.87
C PHE B 544 -4.32 51.40 -33.54
N VAL B 545 -4.67 52.13 -32.48
CA VAL B 545 -4.72 51.58 -31.12
C VAL B 545 -6.15 51.72 -30.63
N PRO B 546 -6.97 50.68 -30.75
CA PRO B 546 -8.40 50.83 -30.46
C PRO B 546 -8.66 50.88 -28.97
N ILE B 547 -9.47 51.85 -28.57
CA ILE B 547 -9.75 52.15 -27.17
C ILE B 547 -11.25 52.07 -26.97
N ASP B 548 -11.68 51.59 -25.80
CA ASP B 548 -13.09 51.33 -25.58
C ASP B 548 -13.69 52.49 -24.81
N PRO B 549 -14.71 53.16 -25.35
CA PRO B 549 -15.42 54.19 -24.58
C PRO B 549 -15.95 53.72 -23.23
N GLU B 550 -16.29 52.44 -23.11
CA GLU B 550 -16.86 51.90 -21.89
C GLU B 550 -15.81 51.44 -20.87
N LEU B 551 -14.55 51.30 -21.26
CA LEU B 551 -13.54 50.82 -20.33
C LEU B 551 -13.30 51.83 -19.22
N PRO B 552 -12.77 51.38 -18.08
CA PRO B 552 -12.43 52.31 -17.00
C PRO B 552 -11.47 53.39 -17.46
N ALA B 553 -11.64 54.58 -16.88
CA ALA B 553 -10.68 55.66 -17.12
C ALA B 553 -9.28 55.29 -16.69
N GLU B 554 -9.14 54.42 -15.68
CA GLU B 554 -7.83 53.95 -15.29
C GLU B 554 -7.13 53.22 -16.43
N ARG B 555 -7.86 52.39 -17.16
CA ARG B 555 -7.29 51.68 -18.30
C ARG B 555 -7.06 52.60 -19.50
N ILE B 556 -8.00 53.50 -19.76
CA ILE B 556 -7.80 54.49 -20.82
C ILE B 556 -6.57 55.35 -20.55
N ALA B 557 -6.27 55.61 -19.28
CA ALA B 557 -5.02 56.29 -18.94
C ALA B 557 -3.82 55.37 -19.11
N TYR B 558 -3.92 54.13 -18.62
CA TYR B 558 -2.76 53.24 -18.63
C TYR B 558 -2.29 52.96 -20.04
N MET B 559 -3.23 52.63 -20.93
CA MET B 559 -2.89 52.38 -22.32
C MET B 559 -2.18 53.57 -22.94
N LEU B 560 -2.74 54.76 -22.73
CA LEU B 560 -2.21 55.95 -23.40
C LEU B 560 -0.83 56.31 -22.86
N THR B 561 -0.62 56.17 -21.55
CA THR B 561 0.69 56.46 -20.97
C THR B 561 1.73 55.38 -21.22
N HIS B 562 1.32 54.13 -21.46
CA HIS B 562 2.26 53.05 -21.70
C HIS B 562 2.61 52.88 -23.17
N SER B 563 1.71 53.23 -24.09
CA SER B 563 1.97 53.10 -25.51
C SER B 563 2.87 54.21 -26.06
N ARG B 564 2.91 55.37 -25.40
CA ARG B 564 3.56 56.55 -25.96
C ARG B 564 2.93 56.95 -27.28
N VAL B 565 1.60 56.87 -27.34
CA VAL B 565 0.81 57.30 -28.50
C VAL B 565 0.95 58.82 -28.63
N PRO B 566 1.38 59.33 -29.78
CA PRO B 566 1.44 60.78 -29.97
C PRO B 566 0.08 61.43 -30.22
N LEU B 567 -0.84 60.69 -30.81
CA LEU B 567 -2.11 61.26 -31.25
C LEU B 567 -3.24 60.27 -30.97
N VAL B 568 -4.37 60.80 -30.52
CA VAL B 568 -5.60 60.03 -30.40
C VAL B 568 -6.69 60.68 -31.25
N VAL B 569 -7.53 59.86 -31.84
CA VAL B 569 -8.70 60.31 -32.61
C VAL B 569 -9.95 59.82 -31.89
N THR B 570 -10.92 60.72 -31.72
CA THR B 570 -12.15 60.41 -31.01
C THR B 570 -13.28 61.15 -31.69
N GLN B 571 -14.51 60.81 -31.31
CA GLN B 571 -15.62 61.74 -31.51
C GLN B 571 -15.57 62.87 -30.47
N ASN B 572 -16.29 63.95 -30.78
CA ASN B 572 -16.23 65.13 -29.93
C ASN B 572 -16.61 64.82 -28.50
N HIS B 573 -17.73 64.12 -28.30
CA HIS B 573 -18.22 63.87 -26.96
C HIS B 573 -17.33 62.92 -26.16
N LEU B 574 -16.50 62.13 -26.83
CA LEU B 574 -15.59 61.22 -26.15
C LEU B 574 -14.24 61.85 -25.87
N ARG B 575 -13.96 63.03 -26.42
CA ARG B 575 -12.68 63.68 -26.22
C ARG B 575 -12.34 63.81 -24.74
N ALA B 576 -13.33 64.15 -23.91
CA ALA B 576 -13.06 64.37 -22.49
C ALA B 576 -12.50 63.14 -21.80
N LYS B 577 -12.65 61.96 -22.41
CA LYS B 577 -12.03 60.76 -21.86
C LYS B 577 -10.51 60.84 -21.92
N VAL B 578 -9.96 61.64 -22.82
CA VAL B 578 -8.52 61.62 -23.10
C VAL B 578 -7.80 62.57 -22.16
N THR B 579 -7.73 62.22 -20.88
CA THR B 579 -7.18 63.11 -19.87
C THR B 579 -5.68 63.27 -19.97
N THR B 580 -5.01 62.56 -20.87
CA THR B 580 -3.57 62.67 -21.00
C THR B 580 -3.17 63.95 -21.73
N PRO B 581 -1.97 64.44 -21.47
CA PRO B 581 -1.44 65.55 -22.28
C PRO B 581 -1.04 65.11 -23.68
N THR B 582 -2.03 64.82 -24.51
CA THR B 582 -1.79 64.42 -25.90
C THR B 582 -2.85 65.07 -26.79
N GLU B 583 -2.45 65.39 -28.01
CA GLU B 583 -3.36 65.98 -28.97
C GLU B 583 -4.53 65.04 -29.23
N THR B 584 -5.73 65.62 -29.32
CA THR B 584 -6.98 64.85 -29.41
C THR B 584 -7.81 65.46 -30.53
N ILE B 585 -7.86 64.77 -31.66
CA ILE B 585 -8.45 65.29 -32.89
C ILE B 585 -9.84 64.70 -33.06
N ASP B 586 -10.81 65.57 -33.31
CA ASP B 586 -12.13 65.13 -33.78
C ASP B 586 -11.99 64.59 -35.20
N ILE B 587 -12.42 63.34 -35.40
CA ILE B 587 -12.38 62.74 -36.73
C ILE B 587 -13.33 63.42 -37.70
N ASN B 588 -14.19 64.31 -37.22
CA ASN B 588 -15.04 65.14 -38.08
C ASN B 588 -14.37 66.44 -38.49
N THR B 589 -13.13 66.68 -38.09
CA THR B 589 -12.50 67.98 -38.30
C THR B 589 -12.59 68.42 -39.76
N ALA B 590 -13.05 69.65 -39.97
CA ALA B 590 -13.33 70.12 -41.32
C ALA B 590 -12.06 70.15 -42.17
N VAL B 591 -10.92 70.50 -41.56
CA VAL B 591 -9.66 70.48 -42.28
C VAL B 591 -9.36 69.10 -42.85
N ILE B 592 -9.81 68.05 -42.18
CA ILE B 592 -9.65 66.71 -42.74
C ILE B 592 -10.70 66.44 -43.81
N GLY B 593 -11.91 66.97 -43.63
CA GLY B 593 -12.87 66.95 -44.72
C GLY B 593 -12.38 67.66 -45.96
N GLU B 594 -11.51 68.65 -45.80
CA GLU B 594 -10.94 69.41 -46.89
C GLU B 594 -9.67 68.81 -47.45
N GLU B 595 -9.17 67.72 -46.87
CA GLU B 595 -7.95 67.11 -47.36
C GLU B 595 -8.16 66.49 -48.74
N SER B 596 -7.04 66.29 -49.44
CA SER B 596 -7.07 65.71 -50.78
C SER B 596 -7.49 64.24 -50.73
N ARG B 597 -8.45 63.89 -51.59
CA ARG B 597 -9.14 62.61 -51.50
C ARG B 597 -8.46 61.53 -52.33
N ALA B 598 -7.53 61.88 -53.21
CA ALA B 598 -6.86 60.90 -54.05
C ALA B 598 -6.00 59.96 -53.22
N PRO B 599 -5.67 58.80 -53.78
CA PRO B 599 -4.82 57.84 -53.07
C PRO B 599 -3.56 58.46 -52.49
N ILE B 600 -3.32 58.19 -51.21
CA ILE B 600 -2.01 58.44 -50.63
C ILE B 600 -1.09 57.25 -50.96
N GLU B 601 0.21 57.48 -50.79
CA GLU B 601 1.20 56.49 -51.19
C GLU B 601 1.45 55.46 -50.09
N SER B 602 1.81 54.25 -50.51
CA SER B 602 2.14 53.15 -49.61
C SER B 602 3.56 53.35 -49.07
N LEU B 603 3.71 54.39 -48.26
CA LEU B 603 5.02 54.78 -47.74
C LEU B 603 5.42 53.92 -46.54
N ASN B 604 5.33 52.60 -46.67
CA ASN B 604 5.78 51.72 -45.59
C ASN B 604 6.21 50.38 -46.16
N GLN B 605 7.00 49.66 -45.37
CA GLN B 605 7.58 48.38 -45.73
C GLN B 605 6.63 47.24 -45.42
N PRO B 606 6.83 46.08 -46.05
CA PRO B 606 5.91 44.96 -45.86
C PRO B 606 5.86 44.40 -44.43
N HIS B 607 6.71 44.88 -43.53
CA HIS B 607 6.89 44.21 -42.24
C HIS B 607 6.63 45.09 -41.03
N ASP B 608 6.05 46.27 -41.20
CA ASP B 608 5.94 47.18 -40.07
C ASP B 608 4.73 46.84 -39.20
N LEU B 609 4.74 47.37 -37.98
CA LEU B 609 3.62 47.22 -37.06
C LEU B 609 2.42 48.05 -37.53
N PHE B 610 1.22 47.61 -37.14
CA PHE B 610 0.03 48.32 -37.56
C PHE B 610 -1.13 48.24 -36.57
N TYR B 611 -1.00 47.54 -35.45
CA TYR B 611 -2.15 47.29 -34.57
C TYR B 611 -1.66 46.86 -33.19
N ILE B 612 -1.97 47.64 -32.16
CA ILE B 612 -1.69 47.29 -30.77
C ILE B 612 -3.00 47.10 -30.01
N ILE B 613 -3.13 45.97 -29.31
CA ILE B 613 -4.19 45.73 -28.34
C ILE B 613 -3.56 45.17 -27.08
N TYR B 614 -4.16 45.48 -25.94
CA TYR B 614 -3.64 45.07 -24.64
C TYR B 614 -4.45 43.89 -24.12
N THR B 615 -3.75 42.82 -23.75
CA THR B 615 -4.37 41.66 -23.14
C THR B 615 -4.34 41.75 -21.62
N SER B 616 -5.35 41.16 -20.98
CA SER B 616 -5.25 40.77 -19.59
C SER B 616 -4.30 39.57 -19.44
N GLY B 617 -4.14 39.10 -18.21
CA GLY B 617 -3.25 37.98 -17.97
C GLY B 617 -3.00 37.77 -16.49
N THR B 618 -1.78 37.33 -16.18
CA THR B 618 -1.37 37.16 -14.79
C THR B 618 -0.81 38.42 -14.17
N THR B 619 -0.25 39.33 -14.97
CA THR B 619 0.12 40.65 -14.47
C THR B 619 -1.11 41.52 -14.30
N GLY B 620 -1.10 42.34 -13.24
CA GLY B 620 -2.12 43.37 -13.12
C GLY B 620 -2.03 44.40 -14.23
N GLN B 621 -0.83 44.67 -14.71
CA GLN B 621 -0.65 45.48 -15.91
C GLN B 621 -1.05 44.70 -17.15
N PRO B 622 -2.05 45.14 -17.91
CA PRO B 622 -2.18 44.66 -19.28
C PRO B 622 -0.91 44.95 -20.06
N LYS B 623 -0.56 44.04 -20.96
CA LYS B 623 0.59 44.20 -21.84
C LYS B 623 0.12 44.44 -23.26
N GLY B 624 0.68 45.47 -23.89
CA GLY B 624 0.36 45.79 -25.26
C GLY B 624 0.96 44.81 -26.25
N VAL B 625 0.09 44.04 -26.92
CA VAL B 625 0.49 43.13 -27.97
C VAL B 625 0.20 43.78 -29.30
N MET B 626 1.06 43.54 -30.27
CA MET B 626 1.08 44.27 -31.53
C MET B 626 1.20 43.29 -32.68
N LEU B 627 0.42 43.53 -33.73
CA LEU B 627 0.40 42.66 -34.91
C LEU B 627 1.13 43.32 -36.06
N GLU B 628 2.13 42.62 -36.60
CA GLU B 628 2.77 43.02 -37.84
C GLU B 628 1.84 42.79 -39.03
N HIS B 629 2.03 43.60 -40.07
CA HIS B 629 1.23 43.47 -41.28
C HIS B 629 1.25 42.05 -41.82
N ARG B 630 2.37 41.36 -41.68
CA ARG B 630 2.45 40.01 -42.21
C ARG B 630 1.52 39.05 -41.48
N ASN B 631 1.27 39.30 -40.20
CA ASN B 631 0.43 38.39 -39.43
C ASN B 631 -1.00 38.40 -39.94
N MET B 632 -1.56 39.58 -40.19
CA MET B 632 -2.94 39.64 -40.68
C MET B 632 -3.00 39.33 -42.17
N ALA B 633 -2.01 39.79 -42.94
CA ALA B 633 -1.99 39.46 -44.35
C ALA B 633 -1.98 37.96 -44.57
N ASN B 634 -1.22 37.21 -43.75
CA ASN B 634 -1.25 35.76 -43.86
C ASN B 634 -2.64 35.20 -43.63
N LEU B 635 -3.37 35.78 -42.67
CA LEU B 635 -4.71 35.30 -42.38
C LEU B 635 -5.64 35.50 -43.56
N MET B 636 -5.61 36.70 -44.15
CA MET B 636 -6.67 37.05 -45.09
C MET B 636 -6.64 36.16 -46.32
N HIS B 637 -5.45 35.90 -46.86
CA HIS B 637 -5.34 35.04 -48.03
C HIS B 637 -5.76 33.61 -47.72
N PHE B 638 -5.33 33.07 -46.57
CA PHE B 638 -5.78 31.74 -46.18
C PHE B 638 -7.30 31.68 -46.04
N THR B 639 -7.89 32.70 -45.44
CA THR B 639 -9.34 32.72 -45.22
C THR B 639 -10.08 32.74 -46.55
N PHE B 640 -9.56 33.47 -47.53
CA PHE B 640 -10.13 33.41 -48.86
C PHE B 640 -9.96 32.03 -49.48
N ASP B 641 -8.73 31.51 -49.48
CA ASP B 641 -8.42 30.27 -50.18
C ASP B 641 -9.23 29.08 -49.66
N GLN B 642 -9.34 28.94 -48.33
CA GLN B 642 -9.72 27.65 -47.78
C GLN B 642 -10.90 27.71 -46.81
N THR B 643 -11.66 28.80 -46.78
CA THR B 643 -12.75 28.88 -45.82
C THR B 643 -14.06 29.27 -46.51
N ASN B 644 -15.08 29.63 -45.73
CA ASN B 644 -16.40 29.84 -46.29
C ASN B 644 -16.99 31.19 -45.91
N ILE B 645 -16.12 32.18 -45.69
CA ILE B 645 -16.51 33.56 -45.89
C ILE B 645 -16.72 33.79 -47.38
N ALA B 646 -17.68 34.65 -47.71
CA ALA B 646 -17.98 34.90 -49.12
C ALA B 646 -18.20 36.39 -49.35
N PHE B 647 -18.09 36.77 -50.63
CA PHE B 647 -18.09 38.18 -51.01
C PHE B 647 -19.40 38.85 -50.62
N HIS B 648 -20.51 38.23 -51.00
CA HIS B 648 -21.83 38.86 -50.92
C HIS B 648 -22.44 38.79 -49.53
N GLU B 649 -21.69 38.39 -48.52
CA GLU B 649 -22.29 38.10 -47.23
C GLU B 649 -22.45 39.38 -46.41
N LYS B 650 -23.33 39.32 -45.43
CA LYS B 650 -23.62 40.43 -44.53
C LYS B 650 -23.24 40.04 -43.11
N VAL B 651 -22.41 40.86 -42.46
CA VAL B 651 -21.72 40.46 -41.24
C VAL B 651 -21.81 41.60 -40.23
N LEU B 652 -22.19 41.27 -39.00
CA LEU B 652 -22.13 42.22 -37.89
C LEU B 652 -20.71 42.31 -37.35
N GLN B 653 -20.25 43.54 -37.08
CA GLN B 653 -19.16 43.78 -36.15
C GLN B 653 -19.71 43.89 -34.74
N TYR B 654 -19.91 42.72 -34.11
CA TYR B 654 -20.60 42.67 -32.83
C TYR B 654 -19.65 42.91 -31.66
N THR B 655 -18.47 42.27 -31.67
CA THR B 655 -17.61 42.28 -30.50
C THR B 655 -17.17 43.69 -30.13
N THR B 656 -16.66 43.82 -28.90
CA THR B 656 -16.38 45.10 -28.27
C THR B 656 -15.08 45.73 -28.73
N CYS B 657 -14.84 45.77 -30.04
CA CYS B 657 -13.91 46.73 -30.65
C CYS B 657 -12.56 46.79 -29.93
N SER B 658 -12.17 45.73 -29.20
CA SER B 658 -10.87 45.78 -28.54
C SER B 658 -10.25 44.41 -28.30
N PHE B 659 -10.66 43.37 -29.00
CA PHE B 659 -10.02 42.07 -28.89
C PHE B 659 -9.86 41.44 -30.25
N ASP B 660 -8.79 40.66 -30.39
CA ASP B 660 -8.13 40.46 -31.68
C ASP B 660 -9.11 40.10 -32.79
N VAL B 661 -10.15 39.32 -32.47
CA VAL B 661 -11.08 38.87 -33.49
C VAL B 661 -11.84 40.03 -34.11
N CYS B 662 -12.11 41.08 -33.34
CA CYS B 662 -13.13 42.04 -33.76
C CYS B 662 -12.74 42.70 -35.07
N TYR B 663 -11.48 43.10 -35.19
CA TYR B 663 -11.03 43.74 -36.42
C TYR B 663 -10.82 42.72 -37.52
N GLN B 664 -10.60 41.46 -37.15
CA GLN B 664 -10.43 40.41 -38.14
C GLN B 664 -11.73 40.14 -38.89
N GLU B 665 -12.85 40.35 -38.22
CA GLU B 665 -14.13 40.41 -38.94
C GLU B 665 -14.18 41.59 -39.89
N ILE B 666 -13.69 42.75 -39.46
CA ILE B 666 -13.70 43.94 -40.31
C ILE B 666 -12.90 43.69 -41.58
N PHE B 667 -11.63 43.31 -41.43
CA PHE B 667 -10.78 43.08 -42.59
C PHE B 667 -11.33 41.97 -43.50
N SER B 668 -11.76 40.84 -42.94
CA SER B 668 -12.33 39.82 -43.81
C SER B 668 -13.56 40.31 -44.55
N THR B 669 -14.39 41.15 -43.90
CA THR B 669 -15.56 41.71 -44.55
C THR B 669 -15.18 42.76 -45.61
N LEU B 670 -14.32 43.71 -45.25
CA LEU B 670 -13.91 44.73 -46.20
C LEU B 670 -13.19 44.12 -47.40
N LEU B 671 -12.17 43.33 -47.16
CA LEU B 671 -11.35 42.78 -48.21
C LEU B 671 -12.08 41.73 -49.03
N SER B 672 -13.39 41.56 -48.86
CA SER B 672 -14.18 40.71 -49.73
C SER B 672 -15.46 41.40 -50.18
N GLY B 673 -15.50 42.73 -50.15
CA GLY B 673 -16.57 43.47 -50.79
C GLY B 673 -17.93 43.36 -50.12
N GLY B 674 -18.01 42.78 -48.94
CA GLY B 674 -19.27 42.58 -48.27
C GLY B 674 -19.80 43.88 -47.68
N GLN B 675 -20.87 43.74 -46.91
CA GLN B 675 -21.54 44.88 -46.30
C GLN B 675 -21.44 44.73 -44.78
N LEU B 676 -20.64 45.60 -44.17
CA LEU B 676 -20.56 45.66 -42.71
C LEU B 676 -21.73 46.45 -42.12
N TYR B 677 -22.27 45.95 -41.03
CA TYR B 677 -23.25 46.66 -40.23
C TYR B 677 -22.66 46.92 -38.85
N LEU B 678 -22.65 48.18 -38.43
CA LEU B 678 -22.07 48.55 -37.14
C LEU B 678 -23.11 48.35 -36.05
N ILE B 679 -22.83 47.41 -35.14
CA ILE B 679 -23.74 47.07 -34.05
C ILE B 679 -23.87 48.27 -33.10
N THR B 680 -25.10 48.71 -32.88
CA THR B 680 -25.36 49.68 -31.82
C THR B 680 -25.06 49.06 -30.47
N ASN B 681 -24.27 49.77 -29.65
CA ASN B 681 -23.76 49.16 -28.43
C ASN B 681 -24.85 48.81 -27.42
N GLU B 682 -26.09 49.25 -27.64
CA GLU B 682 -27.18 48.69 -26.84
C GLU B 682 -27.62 47.32 -27.34
N LEU B 683 -27.50 47.06 -28.64
CA LEU B 683 -27.85 45.75 -29.19
C LEU B 683 -26.84 44.70 -28.80
N ARG B 684 -25.68 45.11 -28.32
CA ARG B 684 -24.67 44.25 -27.73
C ARG B 684 -25.16 43.53 -26.48
N ARG B 685 -26.30 43.94 -25.92
CA ARG B 685 -26.83 43.30 -24.71
C ARG B 685 -28.23 42.75 -24.85
N HIS B 686 -29.13 43.44 -25.54
CA HIS B 686 -30.53 43.00 -25.68
C HIS B 686 -30.65 41.98 -26.80
N VAL B 687 -30.32 40.73 -26.48
CA VAL B 687 -30.37 39.64 -27.45
C VAL B 687 -31.73 39.55 -28.12
N GLU B 688 -32.79 39.95 -27.41
CA GLU B 688 -34.12 39.98 -28.01
C GLU B 688 -34.16 40.77 -29.30
N LYS B 689 -33.31 41.79 -29.43
CA LYS B 689 -33.26 42.60 -30.64
C LYS B 689 -32.24 42.11 -31.66
N LEU B 690 -31.18 41.43 -31.21
CA LEU B 690 -30.11 41.04 -32.11
C LEU B 690 -30.63 40.17 -33.26
N PHE B 691 -31.28 39.07 -32.93
CA PHE B 691 -31.76 38.16 -33.96
C PHE B 691 -32.83 38.81 -34.83
N ALA B 692 -33.61 39.73 -34.27
CA ALA B 692 -34.54 40.52 -35.07
C ALA B 692 -33.80 41.36 -36.11
N PHE B 693 -32.77 42.09 -35.68
CA PHE B 693 -31.97 42.86 -36.62
C PHE B 693 -31.32 41.96 -37.66
N ILE B 694 -30.87 40.77 -37.25
CA ILE B 694 -30.31 39.82 -38.21
C ILE B 694 -31.33 39.46 -39.28
N GLN B 695 -32.55 39.12 -38.86
CA GLN B 695 -33.59 38.82 -39.83
C GLN B 695 -33.87 40.00 -40.74
N GLU B 696 -34.03 41.19 -40.16
CA GLU B 696 -34.42 42.35 -40.95
C GLU B 696 -33.35 42.73 -41.96
N LYS B 697 -32.08 42.66 -41.57
CA LYS B 697 -30.98 42.92 -42.49
C LYS B 697 -30.47 41.67 -43.21
N GLN B 698 -31.11 40.51 -42.98
CA GLN B 698 -30.67 39.27 -43.62
C GLN B 698 -29.19 38.99 -43.32
N ILE B 699 -28.76 39.29 -42.10
CA ILE B 699 -27.37 39.10 -41.74
C ILE B 699 -27.00 37.62 -41.84
N SER B 700 -25.75 37.35 -42.19
CA SER B 700 -25.34 36.00 -42.55
C SER B 700 -24.03 35.53 -41.96
N ILE B 701 -23.07 36.41 -41.66
CA ILE B 701 -21.88 36.03 -40.91
C ILE B 701 -21.93 36.72 -39.55
N LEU B 702 -21.84 35.92 -38.48
CA LEU B 702 -21.79 36.41 -37.12
C LEU B 702 -20.49 35.99 -36.45
N SER B 703 -19.98 36.85 -35.57
CA SER B 703 -18.82 36.54 -34.73
C SER B 703 -19.29 36.52 -33.28
N LEU B 704 -19.24 35.35 -32.64
CA LEU B 704 -19.83 35.16 -31.32
C LEU B 704 -18.85 34.47 -30.37
N PRO B 705 -18.70 34.94 -29.13
CA PRO B 705 -17.86 34.24 -28.16
C PRO B 705 -18.40 32.84 -27.87
N VAL B 706 -17.49 31.98 -27.38
CA VAL B 706 -17.87 30.62 -27.04
C VAL B 706 -18.93 30.58 -25.96
N SER B 707 -18.83 31.46 -24.95
CA SER B 707 -19.85 31.51 -23.91
C SER B 707 -21.23 31.80 -24.48
N PHE B 708 -21.29 32.57 -25.57
CA PHE B 708 -22.55 32.85 -26.23
C PHE B 708 -23.17 31.56 -26.74
N LEU B 709 -22.35 30.66 -27.27
CA LEU B 709 -22.87 29.39 -27.75
C LEU B 709 -23.22 28.45 -26.61
N LYS B 710 -22.44 28.50 -25.52
CA LYS B 710 -22.79 27.70 -24.34
C LYS B 710 -24.17 28.07 -23.80
N PHE B 711 -24.55 29.34 -23.86
CA PHE B 711 -25.69 29.78 -23.06
C PHE B 711 -26.86 30.32 -23.89
N ILE B 712 -26.62 31.28 -24.78
CA ILE B 712 -27.72 32.12 -25.26
C ILE B 712 -28.73 31.32 -26.07
N PHE B 713 -28.26 30.38 -26.89
CA PHE B 713 -29.21 29.54 -27.63
C PHE B 713 -29.87 28.48 -26.77
N ASN B 714 -29.49 28.35 -25.50
CA ASN B 714 -30.15 27.38 -24.62
C ASN B 714 -31.39 27.95 -23.95
N GLU B 715 -31.46 29.27 -23.79
CA GLU B 715 -32.58 29.89 -23.11
C GLU B 715 -33.88 29.63 -23.87
N GLN B 716 -34.82 28.98 -23.20
CA GLN B 716 -35.98 28.45 -23.91
C GLN B 716 -36.84 29.55 -24.50
N ASP B 717 -36.78 30.76 -23.93
CA ASP B 717 -37.50 31.89 -24.49
C ASP B 717 -36.93 32.31 -25.83
N TYR B 718 -35.61 32.26 -25.98
CA TYR B 718 -34.96 32.67 -27.22
C TYR B 718 -35.11 31.63 -28.33
N ALA B 719 -35.38 30.38 -27.96
CA ALA B 719 -35.26 29.26 -28.90
C ALA B 719 -35.93 29.55 -30.24
N GLN B 720 -37.15 30.09 -30.21
CA GLN B 720 -37.89 30.30 -31.45
C GLN B 720 -37.52 31.58 -32.19
N SER B 721 -36.67 32.44 -31.63
CA SER B 721 -36.25 33.67 -32.30
C SER B 721 -34.95 33.51 -33.06
N PHE B 722 -34.41 32.30 -33.16
CA PHE B 722 -33.16 32.09 -33.86
C PHE B 722 -33.26 32.62 -35.30
N PRO B 723 -32.22 33.28 -35.82
CA PRO B 723 -32.33 33.94 -37.12
C PRO B 723 -32.30 32.92 -38.26
N ARG B 724 -33.22 33.06 -39.20
CA ARG B 724 -33.31 32.11 -40.30
C ARG B 724 -32.41 32.47 -41.49
N CYS B 725 -31.96 33.72 -41.59
CA CYS B 725 -31.08 34.14 -42.66
C CYS B 725 -29.61 33.81 -42.42
N VAL B 726 -29.25 33.37 -41.21
CA VAL B 726 -27.84 33.15 -40.90
C VAL B 726 -27.30 31.95 -41.67
N LYS B 727 -26.03 32.02 -42.06
CA LYS B 727 -25.40 30.94 -42.79
C LYS B 727 -24.08 30.52 -42.16
N HIS B 728 -23.34 31.48 -41.61
CA HIS B 728 -22.11 31.19 -40.88
C HIS B 728 -22.11 31.95 -39.56
N ILE B 729 -21.75 31.26 -38.48
CA ILE B 729 -21.43 31.86 -37.20
C ILE B 729 -19.99 31.50 -36.88
N ILE B 730 -19.16 32.51 -36.67
CA ILE B 730 -17.74 32.32 -36.37
C ILE B 730 -17.50 32.67 -34.92
N THR B 731 -16.80 31.79 -34.20
CA THR B 731 -16.60 31.97 -32.77
C THR B 731 -15.16 31.68 -32.39
N ALA B 732 -14.69 32.40 -31.38
CA ALA B 732 -13.41 32.12 -30.74
C ALA B 732 -13.49 32.57 -29.29
N GLY B 733 -12.67 31.95 -28.45
CA GLY B 733 -12.43 32.50 -27.12
C GLY B 733 -12.10 31.47 -26.07
N GLU B 734 -12.90 30.39 -26.01
CA GLU B 734 -12.86 29.45 -24.91
C GLU B 734 -13.11 28.05 -25.47
N GLN B 735 -12.91 27.05 -24.62
CA GLN B 735 -13.39 25.71 -24.96
C GLN B 735 -14.87 25.75 -25.30
N LEU B 736 -15.21 25.40 -26.53
CA LEU B 736 -16.57 25.51 -27.02
C LEU B 736 -17.42 24.36 -26.49
N VAL B 737 -18.59 24.70 -25.95
CA VAL B 737 -19.63 23.74 -25.63
C VAL B 737 -20.79 24.05 -26.58
N VAL B 738 -21.07 23.13 -27.50
CA VAL B 738 -22.26 23.20 -28.34
C VAL B 738 -23.37 22.46 -27.61
N THR B 739 -24.28 23.21 -27.00
CA THR B 739 -25.36 22.58 -26.26
C THR B 739 -26.26 21.80 -27.22
N HIS B 740 -27.03 20.87 -26.65
CA HIS B 740 -27.93 20.09 -27.48
C HIS B 740 -28.95 20.97 -28.17
N GLU B 741 -29.39 22.05 -27.51
CA GLU B 741 -30.26 22.99 -28.18
C GLU B 741 -29.54 23.63 -29.36
N LEU B 742 -28.29 24.04 -29.17
CA LEU B 742 -27.53 24.61 -30.28
C LEU B 742 -27.29 23.58 -31.37
N GLN B 743 -27.06 22.32 -30.99
CA GLN B 743 -26.98 21.25 -31.98
C GLN B 743 -28.22 21.23 -32.86
N LYS B 744 -29.40 21.27 -32.25
CA LYS B 744 -30.63 21.26 -33.02
C LYS B 744 -30.80 22.53 -33.86
N TYR B 745 -30.41 23.68 -33.31
CA TYR B 745 -30.46 24.95 -34.03
C TYR B 745 -29.30 25.15 -34.99
N LEU B 746 -28.45 24.14 -35.18
CA LEU B 746 -27.61 24.07 -36.36
C LEU B 746 -28.23 23.25 -37.48
N ARG B 747 -28.82 22.10 -37.16
CA ARG B 747 -29.42 21.27 -38.21
C ARG B 747 -30.47 22.05 -39.00
N GLN B 748 -31.39 22.71 -38.29
CA GLN B 748 -32.58 23.23 -38.94
C GLN B 748 -32.25 24.20 -40.08
N HIS B 749 -31.09 24.85 -40.03
CA HIS B 749 -30.72 25.79 -41.07
C HIS B 749 -29.35 25.50 -41.69
N ARG B 750 -28.75 24.36 -41.35
CA ARG B 750 -27.44 23.97 -41.85
C ARG B 750 -26.43 25.10 -41.75
N VAL B 751 -26.41 25.78 -40.60
CA VAL B 751 -25.50 26.89 -40.38
C VAL B 751 -24.11 26.34 -40.10
N PHE B 752 -23.10 26.89 -40.79
CA PHE B 752 -21.72 26.49 -40.54
C PHE B 752 -21.14 27.22 -39.34
N LEU B 753 -20.77 26.46 -38.31
CA LEU B 753 -20.16 26.99 -37.10
C LEU B 753 -18.65 26.76 -37.19
N HIS B 754 -17.87 27.82 -36.97
CA HIS B 754 -16.42 27.74 -37.07
C HIS B 754 -15.76 27.96 -35.71
N ASN B 755 -14.95 27.00 -35.29
CA ASN B 755 -14.16 27.12 -34.06
C ASN B 755 -12.73 27.50 -34.43
N HIS B 756 -12.24 28.62 -33.89
CA HIS B 756 -10.92 29.12 -34.20
C HIS B 756 -10.10 29.24 -32.91
N TYR B 757 -8.99 28.53 -32.84
CA TYR B 757 -8.03 28.74 -31.77
C TYR B 757 -7.15 29.95 -32.09
N GLY B 758 -6.93 30.79 -31.09
CA GLY B 758 -5.93 31.83 -31.23
C GLY B 758 -5.62 32.59 -29.97
N PRO B 759 -4.35 32.58 -29.58
CA PRO B 759 -3.84 33.64 -28.72
C PRO B 759 -3.65 34.93 -29.49
N SER B 760 -3.53 36.03 -28.75
CA SER B 760 -3.43 37.33 -29.41
C SER B 760 -2.08 37.51 -30.07
N GLU B 761 -1.01 37.06 -29.43
CA GLU B 761 0.32 37.38 -29.94
C GLU B 761 0.59 36.71 -31.28
N THR B 762 -0.03 35.55 -31.54
CA THR B 762 0.19 34.88 -32.82
C THR B 762 -0.65 35.58 -33.87
N HIS B 763 -1.95 35.31 -33.85
CA HIS B 763 -2.89 36.06 -34.68
C HIS B 763 -4.29 35.59 -34.34
N VAL B 764 -5.27 36.37 -34.78
CA VAL B 764 -6.65 36.25 -34.34
C VAL B 764 -7.08 34.79 -34.34
N VAL B 765 -6.60 34.01 -35.30
CA VAL B 765 -6.78 32.56 -35.32
C VAL B 765 -5.50 31.92 -35.82
N THR B 766 -5.28 30.67 -35.41
CA THR B 766 -4.25 29.85 -36.04
C THR B 766 -4.71 28.43 -36.36
N THR B 767 -5.81 27.96 -35.77
CA THR B 767 -6.48 26.75 -36.24
C THR B 767 -7.94 27.06 -36.51
N CYS B 768 -8.53 26.31 -37.44
CA CYS B 768 -9.95 26.38 -37.70
C CYS B 768 -10.54 24.98 -37.75
N THR B 769 -11.75 24.83 -37.23
CA THR B 769 -12.61 23.70 -37.58
C THR B 769 -13.98 24.22 -37.96
N MET B 770 -14.54 23.66 -39.03
CA MET B 770 -15.78 24.16 -39.60
C MET B 770 -16.80 23.03 -39.63
N ASP B 771 -17.97 23.28 -39.04
CA ASP B 771 -18.97 22.25 -38.80
C ASP B 771 -20.12 22.40 -39.78
N PRO B 772 -20.33 21.46 -40.69
CA PRO B 772 -21.43 21.61 -41.66
C PRO B 772 -22.75 21.06 -41.17
N GLY B 773 -22.71 20.19 -40.16
CA GLY B 773 -23.91 19.53 -39.68
C GLY B 773 -24.11 18.09 -40.09
N GLN B 774 -23.06 17.40 -40.53
CA GLN B 774 -23.12 15.94 -40.57
C GLN B 774 -23.18 15.36 -39.16
N ALA B 775 -22.23 15.75 -38.31
CA ALA B 775 -22.27 15.44 -36.89
C ALA B 775 -21.53 16.52 -36.14
N ILE B 776 -21.90 16.72 -34.87
CA ILE B 776 -21.30 17.77 -34.07
C ILE B 776 -21.09 17.29 -32.64
N PRO B 777 -19.88 16.90 -32.27
CA PRO B 777 -19.63 16.53 -30.87
C PRO B 777 -19.84 17.73 -29.95
N GLU B 778 -20.16 17.42 -28.69
CA GLU B 778 -20.45 18.49 -27.73
C GLU B 778 -19.23 19.36 -27.47
N LEU B 779 -18.02 18.79 -27.52
CA LEU B 779 -16.77 19.53 -27.33
C LEU B 779 -15.92 19.41 -28.58
N PRO B 780 -16.17 20.26 -29.58
CA PRO B 780 -15.48 20.13 -30.87
C PRO B 780 -13.98 20.38 -30.72
N PRO B 781 -13.18 19.92 -31.67
CA PRO B 781 -11.77 20.31 -31.70
C PRO B 781 -11.59 21.77 -32.11
N ILE B 782 -10.34 22.22 -32.03
CA ILE B 782 -9.97 23.55 -32.52
C ILE B 782 -9.49 23.54 -33.97
N GLY B 783 -9.24 22.35 -34.55
CA GLY B 783 -9.10 22.20 -35.98
C GLY B 783 -7.69 22.07 -36.51
N LYS B 784 -7.42 22.64 -37.69
CA LYS B 784 -6.18 22.45 -38.42
C LYS B 784 -5.38 23.75 -38.52
N PRO B 785 -4.05 23.69 -38.48
CA PRO B 785 -3.26 24.92 -38.58
C PRO B 785 -3.43 25.60 -39.92
N ILE B 786 -3.57 26.92 -39.88
CA ILE B 786 -3.83 27.73 -41.07
C ILE B 786 -2.56 27.83 -41.91
N SER B 787 -2.69 28.38 -43.11
CA SER B 787 -1.57 28.45 -44.04
C SER B 787 -0.34 29.08 -43.39
N ASN B 788 0.82 28.52 -43.71
CA ASN B 788 2.10 29.02 -43.23
C ASN B 788 2.13 29.12 -41.71
N THR B 789 1.60 28.10 -41.04
CA THR B 789 1.75 27.96 -39.60
C THR B 789 2.12 26.51 -39.26
N GLY B 790 2.97 26.36 -38.27
CA GLY B 790 3.19 25.08 -37.61
C GLY B 790 2.59 25.14 -36.21
N ILE B 791 1.98 24.04 -35.79
CA ILE B 791 1.72 23.82 -34.37
C ILE B 791 2.64 22.71 -33.87
N TYR B 792 3.37 22.99 -32.80
CA TYR B 792 4.34 22.08 -32.22
C TYR B 792 3.92 21.81 -30.79
N ILE B 793 3.52 20.57 -30.50
CA ILE B 793 3.22 20.18 -29.13
C ILE B 793 4.54 19.74 -28.51
N LEU B 794 5.13 20.63 -27.74
CA LEU B 794 6.44 20.44 -27.14
C LEU B 794 6.31 20.06 -25.67
N ASP B 795 7.39 19.50 -25.13
CA ASP B 795 7.59 19.49 -23.69
C ASP B 795 8.48 20.67 -23.28
N GLU B 796 8.70 20.78 -21.97
CA GLU B 796 9.37 21.97 -21.43
C GLU B 796 10.75 22.19 -22.02
N GLY B 797 11.33 21.19 -22.66
CA GLY B 797 12.64 21.36 -23.27
C GLY B 797 12.53 21.64 -24.75
N LEU B 798 11.38 22.12 -25.17
CA LEU B 798 11.10 22.39 -26.58
C LEU B 798 11.20 21.13 -27.44
N GLN B 799 11.22 19.96 -26.80
CA GLN B 799 11.24 18.69 -27.52
C GLN B 799 9.84 18.38 -28.04
N LEU B 800 9.77 18.01 -29.32
CA LEU B 800 8.51 17.54 -29.89
C LEU B 800 7.99 16.36 -29.09
N LYS B 801 6.67 16.30 -28.93
CA LYS B 801 6.13 15.20 -28.17
C LYS B 801 5.14 14.40 -29.01
N PRO B 802 4.98 13.12 -28.73
CA PRO B 802 4.25 12.24 -29.64
C PRO B 802 2.79 12.67 -29.81
N GLU B 803 2.23 12.26 -30.95
CA GLU B 803 0.84 12.52 -31.25
C GLU B 803 -0.09 11.88 -30.23
N GLY B 804 -1.23 12.53 -30.01
CA GLY B 804 -2.21 12.05 -29.05
C GLY B 804 -1.92 12.35 -27.61
N ILE B 805 -0.84 13.06 -27.29
CA ILE B 805 -0.39 13.27 -25.93
C ILE B 805 -0.39 14.76 -25.65
N VAL B 806 -0.78 15.13 -24.43
CA VAL B 806 -0.93 16.54 -24.08
C VAL B 806 0.44 17.16 -23.91
N GLY B 807 0.62 18.34 -24.50
CA GLY B 807 1.84 19.11 -24.33
C GLY B 807 1.59 20.55 -24.72
N GLU B 808 2.64 21.35 -24.61
CA GLU B 808 2.51 22.78 -24.84
C GLU B 808 2.25 23.06 -26.31
N LEU B 809 1.27 23.91 -26.57
CA LEU B 809 0.85 24.28 -27.93
C LEU B 809 1.65 25.51 -28.36
N TYR B 810 2.70 25.30 -29.14
CA TYR B 810 3.49 26.37 -29.73
C TYR B 810 3.03 26.66 -31.14
N ILE B 811 3.05 27.94 -31.51
CA ILE B 811 2.65 28.41 -32.84
C ILE B 811 3.86 29.00 -33.55
N SER B 812 3.88 28.84 -34.87
CA SER B 812 4.97 29.31 -35.71
C SER B 812 4.42 29.81 -37.03
N GLY B 813 5.23 30.57 -37.74
CA GLY B 813 4.89 31.06 -39.05
C GLY B 813 4.66 32.57 -39.04
N ALA B 814 4.04 33.04 -40.13
CA ALA B 814 3.94 34.48 -40.35
C ALA B 814 3.02 35.15 -39.36
N ASN B 815 2.04 34.43 -38.82
CA ASN B 815 1.24 34.95 -37.72
C ASN B 815 1.93 34.84 -36.37
N VAL B 816 3.15 35.38 -36.26
CA VAL B 816 3.79 35.58 -34.96
C VAL B 816 4.24 37.03 -34.89
N GLY B 817 3.80 37.73 -33.85
CA GLY B 817 4.08 39.14 -33.70
C GLY B 817 5.53 39.41 -33.32
N ARG B 818 5.85 40.71 -33.26
CA ARG B 818 7.21 41.13 -32.96
C ARG B 818 7.59 40.85 -31.51
N GLY B 819 6.62 40.89 -30.61
CA GLY B 819 6.88 40.74 -29.20
C GLY B 819 5.89 41.55 -28.39
N TYR B 820 6.28 41.89 -27.16
CA TYR B 820 5.47 42.75 -26.30
C TYR B 820 5.94 44.19 -26.43
N LEU B 821 5.00 45.11 -26.68
CA LEU B 821 5.36 46.45 -27.14
C LEU B 821 6.30 47.11 -26.14
N HIS B 822 5.83 47.27 -24.91
CA HIS B 822 6.68 47.55 -23.77
C HIS B 822 6.38 46.50 -22.70
N GLN B 823 7.12 46.57 -21.61
CA GLN B 823 7.39 45.36 -20.84
C GLN B 823 8.09 44.39 -21.79
N PRO B 824 9.06 44.86 -22.59
CA PRO B 824 9.62 44.00 -23.62
C PRO B 824 10.39 42.80 -23.09
N GLU B 825 10.88 42.86 -21.84
CA GLU B 825 11.63 41.73 -21.33
C GLU B 825 10.79 40.48 -21.17
N LEU B 826 9.46 40.62 -21.07
CA LEU B 826 8.61 39.43 -21.07
C LEU B 826 8.61 38.72 -22.41
N THR B 827 8.91 39.44 -23.50
CA THR B 827 8.87 38.82 -24.83
C THR B 827 9.85 37.66 -24.93
N ALA B 828 11.07 37.83 -24.41
CA ALA B 828 12.06 36.77 -24.49
C ALA B 828 11.64 35.53 -23.71
N GLU B 829 10.66 35.66 -22.82
CA GLU B 829 10.08 34.50 -22.14
C GLU B 829 9.04 33.78 -22.97
N LYS B 830 8.47 34.45 -23.98
CA LYS B 830 7.31 33.96 -24.71
C LYS B 830 7.54 33.74 -26.19
N PHE B 831 8.52 34.42 -26.78
CA PHE B 831 8.86 34.27 -28.18
C PHE B 831 10.31 33.81 -28.30
N LEU B 832 10.58 33.01 -29.31
CA LEU B 832 11.95 32.53 -29.55
C LEU B 832 12.04 32.03 -31.00
N ASP B 833 13.19 31.45 -31.34
CA ASP B 833 13.35 30.78 -32.63
C ASP B 833 12.82 29.34 -32.57
N ASN B 834 12.24 28.91 -33.67
CA ASN B 834 11.79 27.53 -33.82
C ASN B 834 12.98 26.59 -33.86
N PRO B 835 13.18 25.74 -32.86
CA PRO B 835 14.34 24.84 -32.88
C PRO B 835 14.33 23.89 -34.07
N TYR B 836 13.16 23.58 -34.62
CA TYR B 836 13.05 22.65 -35.73
C TYR B 836 12.93 23.34 -37.08
N GLN B 837 12.75 24.66 -37.10
CA GLN B 837 12.76 25.45 -38.33
C GLN B 837 13.44 26.78 -38.05
N PRO B 838 14.72 26.76 -37.73
CA PRO B 838 15.41 27.99 -37.30
C PRO B 838 15.30 29.08 -38.34
N GLY B 839 15.09 30.31 -37.86
CA GLY B 839 14.80 31.46 -38.70
C GLY B 839 13.35 31.92 -38.64
N GLU B 840 12.41 30.99 -38.50
CA GLU B 840 11.03 31.37 -38.22
C GLU B 840 10.85 31.65 -36.73
N ARG B 841 10.08 32.69 -36.42
CA ARG B 841 9.74 33.00 -35.04
C ARG B 841 8.79 31.97 -34.46
N MET B 842 8.85 31.81 -33.14
CA MET B 842 7.97 30.91 -32.40
C MET B 842 7.35 31.66 -31.22
N TYR B 843 6.10 31.30 -30.90
CA TYR B 843 5.41 31.88 -29.76
C TYR B 843 4.72 30.80 -28.95
N ARG B 844 4.80 30.93 -27.63
CA ARG B 844 4.21 29.97 -26.70
C ARG B 844 2.85 30.47 -26.21
N THR B 845 1.81 29.68 -26.44
CA THR B 845 0.60 29.77 -25.65
C THR B 845 0.75 28.95 -24.37
N GLY B 846 0.18 29.44 -23.29
CA GLY B 846 0.13 28.70 -22.05
C GLY B 846 -0.93 27.61 -22.04
N ASP B 847 -1.21 27.02 -23.19
CA ASP B 847 -2.28 26.04 -23.34
C ASP B 847 -1.70 24.68 -23.70
N LEU B 848 -2.34 23.63 -23.20
CA LEU B 848 -2.01 22.27 -23.56
C LEU B 848 -2.96 21.77 -24.63
N ALA B 849 -2.44 21.03 -25.61
CA ALA B 849 -3.25 20.50 -26.68
C ALA B 849 -2.77 19.11 -27.06
N ARG B 850 -3.55 18.46 -27.93
CA ARG B 850 -3.33 17.07 -28.35
C ARG B 850 -3.72 16.93 -29.81
N TRP B 851 -2.80 16.39 -30.62
CA TRP B 851 -3.17 15.95 -31.97
C TRP B 851 -4.10 14.76 -31.89
N LEU B 852 -5.23 14.83 -32.59
CA LEU B 852 -6.10 13.68 -32.69
C LEU B 852 -5.63 12.75 -33.80
N PRO B 853 -6.04 11.48 -33.77
CA PRO B 853 -5.59 10.55 -34.81
C PRO B 853 -5.95 11.01 -36.21
N ASP B 854 -7.05 11.75 -36.37
CA ASP B 854 -7.43 12.31 -37.66
C ASP B 854 -6.61 13.54 -38.04
N GLY B 855 -5.68 13.97 -37.19
CA GLY B 855 -4.88 15.15 -37.45
C GLY B 855 -5.48 16.47 -37.03
N GLN B 856 -6.69 16.46 -36.47
CA GLN B 856 -7.22 17.66 -35.83
C GLN B 856 -6.49 17.95 -34.52
N LEU B 857 -6.61 19.18 -34.06
CA LEU B 857 -5.99 19.64 -32.82
C LEU B 857 -7.05 19.75 -31.74
N GLU B 858 -6.76 19.23 -30.55
CA GLU B 858 -7.73 19.15 -29.47
C GLU B 858 -7.23 19.86 -28.21
N PHE B 859 -8.12 20.63 -27.61
CA PHE B 859 -7.78 21.62 -26.59
C PHE B 859 -7.88 21.01 -25.20
N LEU B 860 -6.96 21.41 -24.31
CA LEU B 860 -6.99 20.92 -22.94
C LEU B 860 -6.82 22.05 -21.93
N GLY B 861 -7.26 23.25 -22.29
CA GLY B 861 -7.28 24.36 -21.36
C GLY B 861 -5.90 24.89 -21.00
N ARG B 862 -5.89 25.79 -20.03
CA ARG B 862 -4.66 26.44 -19.62
C ARG B 862 -3.81 25.49 -18.78
N ILE B 863 -2.48 25.65 -18.87
CA ILE B 863 -1.58 24.87 -18.04
C ILE B 863 -1.59 25.33 -16.59
N ASP B 864 -1.94 26.59 -16.33
CA ASP B 864 -1.98 27.12 -14.97
C ASP B 864 -3.13 26.56 -14.14
N HIS B 865 -4.17 26.02 -14.77
CA HIS B 865 -5.42 25.71 -14.09
C HIS B 865 -5.82 24.25 -14.28
N GLN B 866 -4.86 23.34 -14.24
CA GLN B 866 -5.18 21.92 -14.30
C GLN B 866 -5.93 21.52 -13.02
N VAL B 867 -7.17 21.07 -13.17
CA VAL B 867 -8.08 20.98 -12.04
C VAL B 867 -7.71 19.81 -11.14
N LYS B 868 -7.63 18.60 -11.70
CA LYS B 868 -7.19 17.41 -10.98
C LYS B 868 -7.71 17.32 -9.55
N ILE B 869 -9.02 17.16 -9.40
CA ILE B 869 -9.67 17.07 -8.09
C ILE B 869 -9.96 15.61 -7.75
N ARG B 870 -9.82 15.27 -6.47
CA ARG B 870 -9.91 13.89 -5.99
C ARG B 870 -8.98 12.96 -6.76
N GLY B 871 -7.79 13.46 -7.09
CA GLY B 871 -6.81 12.69 -7.83
C GLY B 871 -7.06 12.58 -9.31
N HIS B 872 -8.27 12.89 -9.78
CA HIS B 872 -8.68 12.64 -11.15
C HIS B 872 -8.74 13.98 -11.88
N ARG B 873 -8.19 14.01 -13.09
CA ARG B 873 -8.43 15.15 -13.95
C ARG B 873 -9.88 15.15 -14.40
N ILE B 874 -10.44 16.35 -14.57
CA ILE B 874 -11.86 16.50 -14.81
C ILE B 874 -12.06 17.58 -15.88
N GLU B 875 -12.50 17.15 -17.06
CA GLU B 875 -12.97 18.09 -18.06
C GLU B 875 -14.16 18.87 -17.54
N LEU B 876 -13.94 20.11 -17.14
CA LEU B 876 -15.06 21.01 -16.85
C LEU B 876 -16.01 21.12 -18.03
N GLY B 877 -15.55 20.78 -19.24
CA GLY B 877 -16.46 20.75 -20.37
C GLY B 877 -17.46 19.62 -20.33
N GLU B 878 -17.10 18.47 -19.76
CA GLU B 878 -18.05 17.37 -19.65
C GLU B 878 -19.15 17.70 -18.63
N ILE B 879 -18.75 18.20 -17.46
CA ILE B 879 -19.71 18.63 -16.46
C ILE B 879 -20.57 19.77 -16.99
N GLU B 880 -19.95 20.76 -17.63
CA GLU B 880 -20.74 21.85 -18.21
C GLU B 880 -21.67 21.35 -19.30
N SER B 881 -21.31 20.27 -20.00
CA SER B 881 -22.19 19.69 -20.99
C SER B 881 -23.42 19.07 -20.34
N ARG B 882 -23.20 18.22 -19.34
CA ARG B 882 -24.33 17.57 -18.69
C ARG B 882 -25.23 18.59 -18.02
N LEU B 883 -24.65 19.57 -17.32
CA LEU B 883 -25.44 20.64 -16.73
C LEU B 883 -26.25 21.39 -17.78
N LEU B 884 -25.58 21.95 -18.80
CA LEU B 884 -26.27 22.78 -19.76
C LEU B 884 -27.34 22.01 -20.54
N ASN B 885 -27.18 20.71 -20.68
CA ASN B 885 -28.20 19.95 -21.40
C ASN B 885 -29.51 19.86 -20.63
N HIS B 886 -29.46 20.00 -19.31
CA HIS B 886 -30.68 19.91 -18.52
C HIS B 886 -31.59 21.07 -18.83
N PRO B 887 -32.85 20.82 -19.19
CA PRO B 887 -33.78 21.95 -19.48
C PRO B 887 -33.99 22.87 -18.29
N ALA B 888 -33.61 22.45 -17.08
CA ALA B 888 -33.65 23.33 -15.94
C ALA B 888 -32.52 24.35 -15.91
N ILE B 889 -31.42 24.10 -16.64
CA ILE B 889 -30.21 24.88 -16.53
C ILE B 889 -30.08 25.77 -17.76
N LYS B 890 -29.96 27.08 -17.54
CA LYS B 890 -29.66 28.00 -18.63
C LYS B 890 -28.17 28.06 -18.92
N GLU B 891 -27.35 28.09 -17.86
CA GLU B 891 -26.01 28.66 -17.97
C GLU B 891 -25.20 28.13 -16.78
N ALA B 892 -24.33 27.16 -17.04
CA ALA B 892 -23.49 26.57 -16.01
C ALA B 892 -22.04 26.93 -16.25
N VAL B 893 -21.35 27.37 -15.19
CA VAL B 893 -19.90 27.53 -15.18
C VAL B 893 -19.35 26.69 -14.04
N VAL B 894 -18.38 25.83 -14.35
CA VAL B 894 -17.79 24.95 -13.36
C VAL B 894 -16.34 25.39 -13.12
N ILE B 895 -16.00 25.58 -11.85
CA ILE B 895 -14.72 26.15 -11.44
C ILE B 895 -14.13 25.29 -10.34
N ASP B 896 -12.83 25.06 -10.40
CA ASP B 896 -12.08 24.60 -9.24
C ASP B 896 -11.84 25.80 -8.31
N ARG B 897 -12.40 25.74 -7.11
CA ARG B 897 -12.09 26.68 -6.05
C ARG B 897 -10.97 26.15 -5.15
N ALA B 898 -10.39 27.06 -4.39
CA ALA B 898 -9.53 26.72 -3.27
C ALA B 898 -10.27 26.99 -1.98
N ASP B 899 -10.29 26.00 -1.08
CA ASP B 899 -10.90 26.16 0.23
C ASP B 899 -10.01 27.01 1.14
N GLU B 900 -10.55 27.31 2.33
CA GLU B 900 -9.84 28.15 3.30
C GLU B 900 -8.71 27.40 3.99
N THR B 901 -8.44 26.17 3.56
CA THR B 901 -7.22 25.46 3.92
C THR B 901 -6.25 25.35 2.75
N GLY B 902 -6.64 25.79 1.56
CA GLY B 902 -5.86 25.62 0.35
C GLY B 902 -6.14 24.36 -0.42
N GLY B 903 -7.15 23.59 -0.01
CA GLY B 903 -7.54 22.40 -0.77
C GLY B 903 -8.49 22.79 -1.89
N LYS B 904 -8.20 22.30 -3.10
CA LYS B 904 -9.06 22.58 -4.23
C LYS B 904 -10.31 21.72 -4.14
N PHE B 905 -11.44 22.31 -4.53
CA PHE B 905 -12.69 21.56 -4.65
C PHE B 905 -13.52 22.16 -5.77
N LEU B 906 -14.41 21.34 -6.33
CA LEU B 906 -15.21 21.75 -7.47
C LEU B 906 -16.50 22.38 -6.99
N CYS B 907 -16.90 23.47 -7.64
CA CYS B 907 -18.24 23.97 -7.50
C CYS B 907 -18.79 24.37 -8.86
N ALA B 908 -20.07 24.09 -9.07
CA ALA B 908 -20.76 24.49 -10.28
C ALA B 908 -21.62 25.71 -9.98
N TYR B 909 -21.32 26.82 -10.65
CA TYR B 909 -22.20 27.99 -10.63
C TYR B 909 -23.22 27.83 -11.76
N VAL B 910 -24.50 27.79 -11.39
CA VAL B 910 -25.54 27.34 -12.29
C VAL B 910 -26.68 28.35 -12.29
N VAL B 911 -27.21 28.63 -13.48
CA VAL B 911 -28.37 29.49 -13.64
C VAL B 911 -29.54 28.60 -14.00
N LEU B 912 -30.64 28.73 -13.26
CA LEU B 912 -31.74 27.79 -13.33
C LEU B 912 -32.93 28.41 -14.04
N GLN B 913 -33.40 27.74 -15.08
CA GLN B 913 -34.60 28.14 -15.80
C GLN B 913 -35.85 27.80 -15.00
N LYS B 914 -35.83 26.66 -14.31
CA LYS B 914 -36.92 26.17 -13.48
C LYS B 914 -36.31 25.40 -12.33
N ALA B 915 -37.09 25.23 -11.27
CA ALA B 915 -36.55 24.81 -9.99
C ALA B 915 -35.88 23.44 -10.07
N LEU B 916 -34.82 23.29 -9.28
CA LEU B 916 -34.34 22.02 -8.79
C LEU B 916 -33.40 22.32 -7.63
N SER B 917 -32.93 21.26 -6.96
CA SER B 917 -32.15 21.45 -5.75
C SER B 917 -30.97 20.49 -5.72
N ASP B 918 -30.04 20.78 -4.80
CA ASP B 918 -28.68 20.25 -4.87
C ASP B 918 -28.67 18.75 -5.14
N GLU B 919 -29.43 17.98 -4.37
CA GLU B 919 -29.48 16.54 -4.56
C GLU B 919 -30.03 16.15 -5.91
N GLU B 920 -30.94 16.95 -6.47
CA GLU B 920 -31.54 16.60 -7.75
C GLU B 920 -30.53 16.71 -8.89
N MET B 921 -29.77 17.80 -8.94
CA MET B 921 -28.70 17.87 -9.93
C MET B 921 -27.55 16.93 -9.61
N ARG B 922 -27.26 16.68 -8.33
CA ARG B 922 -26.20 15.72 -8.01
C ARG B 922 -26.56 14.34 -8.55
N ALA B 923 -27.82 13.93 -8.40
CA ALA B 923 -28.29 12.70 -9.03
C ALA B 923 -28.22 12.78 -10.54
N TYR B 924 -28.59 13.93 -11.10
CA TYR B 924 -28.55 14.08 -12.55
C TYR B 924 -27.14 13.87 -13.09
N LEU B 925 -26.13 14.34 -12.35
CA LEU B 925 -24.74 14.09 -12.73
C LEU B 925 -24.38 12.62 -12.52
N ALA B 926 -24.75 12.05 -11.37
CA ALA B 926 -24.40 10.66 -11.10
C ALA B 926 -25.02 9.71 -12.12
N GLN B 927 -26.12 10.11 -12.75
CA GLN B 927 -26.68 9.31 -13.83
C GLN B 927 -25.72 9.20 -15.02
N ALA B 928 -24.72 10.08 -15.10
CA ALA B 928 -23.85 10.13 -16.27
C ALA B 928 -22.38 10.36 -15.95
N LEU B 929 -22.02 10.82 -14.77
CA LEU B 929 -20.66 11.27 -14.49
C LEU B 929 -20.14 10.64 -13.21
N PRO B 930 -18.88 10.19 -13.22
CA PRO B 930 -18.30 9.59 -12.02
C PRO B 930 -18.31 10.52 -10.81
N GLU B 931 -18.29 9.91 -9.64
CA GLU B 931 -18.35 10.65 -8.37
C GLU B 931 -17.18 11.60 -8.19
N TYR B 932 -16.01 11.30 -8.77
CA TYR B 932 -14.91 12.25 -8.65
C TYR B 932 -15.18 13.54 -9.39
N MET B 933 -16.10 13.54 -10.36
CA MET B 933 -16.35 14.69 -11.22
C MET B 933 -17.77 15.18 -11.04
N ILE B 934 -18.30 15.08 -9.82
CA ILE B 934 -19.52 15.76 -9.41
C ILE B 934 -19.11 16.85 -8.43
N PRO B 935 -19.54 18.09 -8.65
CA PRO B 935 -19.07 19.18 -7.78
C PRO B 935 -19.63 19.06 -6.37
N SER B 936 -18.80 19.46 -5.41
CA SER B 936 -19.17 19.35 -4.00
C SER B 936 -20.10 20.46 -3.54
N PHE B 937 -20.24 21.53 -4.33
CA PHE B 937 -21.15 22.61 -3.97
C PHE B 937 -21.70 23.23 -5.24
N PHE B 938 -22.86 23.88 -5.10
CA PHE B 938 -23.56 24.45 -6.23
C PHE B 938 -24.11 25.81 -5.83
N VAL B 939 -24.10 26.74 -6.77
CA VAL B 939 -24.49 28.12 -6.48
C VAL B 939 -25.40 28.63 -7.60
N THR B 940 -26.43 29.36 -7.24
CA THR B 940 -27.41 29.88 -8.18
C THR B 940 -27.22 31.38 -8.36
N LEU B 941 -27.21 31.83 -9.61
CA LEU B 941 -26.97 33.23 -9.93
C LEU B 941 -27.93 33.68 -11.02
N GLU B 942 -28.07 35.00 -11.16
CA GLU B 942 -28.97 35.54 -12.17
C GLU B 942 -28.34 35.51 -13.56
N ARG B 943 -27.05 35.76 -13.66
CA ARG B 943 -26.37 35.72 -14.94
C ARG B 943 -24.86 35.59 -14.71
N ILE B 944 -24.23 34.63 -15.38
CA ILE B 944 -22.78 34.54 -15.27
C ILE B 944 -22.15 35.82 -15.82
N PRO B 945 -21.31 36.51 -15.06
CA PRO B 945 -20.62 37.69 -15.58
C PRO B 945 -19.67 37.31 -16.70
N VAL B 946 -19.51 38.21 -17.66
CA VAL B 946 -18.63 38.01 -18.79
C VAL B 946 -17.68 39.19 -18.92
N THR B 947 -16.40 38.90 -19.10
CA THR B 947 -15.37 39.86 -19.50
C THR B 947 -15.85 40.55 -20.77
N PRO B 948 -15.50 41.81 -21.00
CA PRO B 948 -16.11 42.55 -22.12
C PRO B 948 -15.99 41.83 -23.44
N ASN B 949 -14.99 40.96 -23.59
CA ASN B 949 -14.84 40.16 -24.79
C ASN B 949 -15.81 38.99 -24.84
N GLY B 950 -16.55 38.73 -23.76
CA GLY B 950 -17.51 37.65 -23.69
C GLY B 950 -17.04 36.44 -22.91
N LYS B 951 -15.74 36.34 -22.65
CA LYS B 951 -15.20 35.27 -21.83
C LYS B 951 -15.67 35.42 -20.38
N THR B 952 -16.07 34.30 -19.77
CA THR B 952 -16.55 34.30 -18.39
C THR B 952 -15.46 34.77 -17.44
N ASP B 953 -15.88 35.42 -16.35
CA ASP B 953 -14.99 36.09 -15.41
C ASP B 953 -14.88 35.26 -14.13
N ARG B 954 -13.77 34.55 -13.97
CA ARG B 954 -13.52 33.80 -12.75
C ARG B 954 -13.38 34.68 -11.52
N ARG B 955 -13.20 36.00 -11.70
CA ARG B 955 -13.11 36.89 -10.55
C ARG B 955 -14.49 37.26 -9.99
N ALA B 956 -15.49 37.37 -10.85
CA ALA B 956 -16.75 38.01 -10.50
C ALA B 956 -17.75 37.05 -9.86
N LEU B 957 -17.36 35.80 -9.64
CA LEU B 957 -18.30 34.84 -9.07
C LEU B 957 -18.18 34.80 -7.54
N PRO B 958 -19.29 34.68 -6.83
CA PRO B 958 -19.23 34.66 -5.36
C PRO B 958 -18.56 33.41 -4.82
N LYS B 959 -17.96 33.57 -3.65
CA LYS B 959 -17.33 32.45 -2.96
C LYS B 959 -18.36 31.41 -2.54
N PRO B 960 -18.02 30.12 -2.61
CA PRO B 960 -18.83 29.09 -1.96
C PRO B 960 -19.03 29.35 -0.47
N GLU B 961 -19.96 28.60 0.11
CA GLU B 961 -20.26 28.70 1.53
C GLU B 961 -20.70 27.32 2.02
N GLY B 962 -20.52 27.11 3.33
CA GLY B 962 -20.78 25.81 3.92
C GLY B 962 -19.68 24.80 3.72
N ASP B 969 -20.83 16.90 -0.64
CA ASP B 969 -20.13 15.66 -0.33
C ASP B 969 -21.10 14.48 -0.22
N TYR B 970 -20.54 13.29 0.06
CA TYR B 970 -21.31 12.06 0.06
C TYR B 970 -22.36 12.01 1.16
N VAL B 971 -22.31 12.92 2.13
CA VAL B 971 -23.12 12.78 3.34
C VAL B 971 -24.62 12.72 2.98
N ALA B 972 -25.35 11.96 3.76
CA ALA B 972 -26.79 11.76 3.60
C ALA B 972 -27.38 11.42 4.95
N PRO B 973 -28.70 11.54 5.11
CA PRO B 973 -29.30 11.36 6.42
C PRO B 973 -29.35 9.89 6.83
N THR B 974 -29.69 9.69 8.10
CA THR B 974 -30.17 8.40 8.57
C THR B 974 -31.54 8.08 7.98
N THR B 975 -31.72 6.82 7.57
CA THR B 975 -32.89 6.44 6.80
C THR B 975 -33.23 4.96 6.97
N GLU B 976 -32.58 4.24 7.87
CA GLU B 976 -32.64 2.79 7.88
C GLU B 976 -34.08 2.31 8.03
N LEU B 977 -34.51 1.46 7.11
CA LEU B 977 -35.78 0.75 7.24
C LEU B 977 -35.65 -0.51 8.09
N GLU B 978 -34.49 -1.16 8.06
CA GLU B 978 -34.28 -2.39 8.83
C GLU B 978 -32.81 -2.40 9.26
N GLN B 979 -32.55 -1.92 10.49
CA GLN B 979 -31.20 -1.93 11.02
C GLN B 979 -30.65 -3.35 11.11
N LYS B 980 -31.51 -4.37 11.09
CA LYS B 980 -31.03 -5.73 10.94
C LYS B 980 -30.19 -5.87 9.68
N LEU B 981 -30.51 -5.09 8.65
CA LEU B 981 -29.75 -5.03 7.41
C LEU B 981 -28.47 -4.22 7.51
N VAL B 982 -28.36 -3.33 8.51
CA VAL B 982 -27.27 -2.36 8.59
C VAL B 982 -26.23 -2.79 9.63
N ALA B 983 -26.66 -3.56 10.63
CA ALA B 983 -25.75 -3.92 11.70
C ALA B 983 -24.53 -4.69 11.21
N ILE B 984 -24.62 -5.35 10.05
CA ILE B 984 -23.43 -5.94 9.46
C ILE B 984 -22.43 -4.87 9.07
N TRP B 985 -22.91 -3.80 8.41
CA TRP B 985 -22.03 -2.67 8.13
C TRP B 985 -21.47 -2.10 9.42
N GLU B 986 -22.32 -1.95 10.43
CA GLU B 986 -21.89 -1.38 11.71
C GLU B 986 -20.73 -2.18 12.29
N GLN B 987 -20.84 -3.50 12.28
CA GLN B 987 -19.84 -4.35 12.90
C GLN B 987 -18.58 -4.51 12.04
N ILE B 988 -18.71 -4.49 10.72
CA ILE B 988 -17.54 -4.66 9.86
C ILE B 988 -16.75 -3.36 9.76
N LEU B 989 -17.42 -2.26 9.43
CA LEU B 989 -16.72 -0.99 9.25
C LEU B 989 -16.39 -0.34 10.59
N GLY B 990 -17.28 -0.48 11.59
CA GLY B 990 -17.01 0.06 12.90
C GLY B 990 -17.18 1.55 13.06
N VAL B 991 -17.61 2.26 12.02
CA VAL B 991 -17.53 3.72 12.04
C VAL B 991 -18.60 4.33 12.93
N SER B 992 -19.85 3.89 12.77
CA SER B 992 -20.97 4.58 13.38
C SER B 992 -22.26 3.88 13.02
N PRO B 993 -23.38 4.20 13.65
CA PRO B 993 -24.67 4.02 12.98
C PRO B 993 -24.64 4.63 11.58
N ILE B 994 -25.27 3.94 10.64
CA ILE B 994 -25.04 4.14 9.22
C ILE B 994 -26.33 4.60 8.55
N GLY B 995 -26.19 5.42 7.52
CA GLY B 995 -27.29 5.76 6.67
C GLY B 995 -27.42 4.82 5.48
N ILE B 996 -28.66 4.61 5.05
CA ILE B 996 -28.92 3.65 3.98
C ILE B 996 -28.20 4.04 2.70
N GLN B 997 -28.12 5.34 2.43
CA GLN B 997 -27.54 5.83 1.18
C GLN B 997 -26.03 5.71 1.12
N ASP B 998 -25.37 5.42 2.23
CA ASP B 998 -23.92 5.58 2.30
C ASP B 998 -23.21 4.52 1.46
N HIS B 999 -22.00 4.86 1.02
CA HIS B 999 -21.27 4.12 0.00
C HIS B 999 -20.15 3.34 0.66
N PHE B 1000 -20.09 2.04 0.35
CA PHE B 1000 -19.26 1.12 1.13
C PHE B 1000 -17.81 1.60 1.21
N PHE B 1001 -17.17 1.79 0.06
CA PHE B 1001 -15.75 2.12 0.06
C PHE B 1001 -15.51 3.56 0.50
N THR B 1002 -16.44 4.47 0.17
CA THR B 1002 -16.32 5.83 0.67
C THR B 1002 -16.31 5.84 2.19
N LEU B 1003 -17.13 4.99 2.81
CA LEU B 1003 -17.14 4.87 4.26
C LEU B 1003 -15.92 4.14 4.80
N GLY B 1004 -14.98 3.78 3.94
CA GLY B 1004 -13.75 3.13 4.33
C GLY B 1004 -13.72 1.63 4.25
N GLY B 1005 -14.73 1.00 3.64
CA GLY B 1005 -14.62 -0.40 3.29
C GLY B 1005 -13.56 -0.66 2.24
N HIS B 1006 -13.17 -1.94 2.13
CA HIS B 1006 -12.23 -2.35 1.11
C HIS B 1006 -12.54 -3.79 0.71
N SER B 1007 -11.97 -4.20 -0.43
CA SER B 1007 -12.27 -5.51 -1.01
C SER B 1007 -12.48 -6.61 0.03
N LEU B 1008 -11.47 -6.87 0.87
CA LEU B 1008 -11.59 -8.00 1.79
C LEU B 1008 -12.75 -7.83 2.75
N LYS B 1009 -12.99 -6.59 3.22
CA LYS B 1009 -14.15 -6.41 4.07
C LYS B 1009 -15.44 -6.66 3.32
N ALA B 1010 -15.43 -6.52 1.99
CA ALA B 1010 -16.58 -6.93 1.19
C ALA B 1010 -16.80 -8.43 1.27
N ILE B 1011 -15.71 -9.21 1.32
CA ILE B 1011 -15.84 -10.65 1.50
C ILE B 1011 -16.45 -10.96 2.86
N GLN B 1012 -15.99 -10.24 3.89
CA GLN B 1012 -16.58 -10.41 5.22
C GLN B 1012 -18.06 -10.05 5.20
N LEU B 1013 -18.41 -8.98 4.48
CA LEU B 1013 -19.80 -8.55 4.37
C LEU B 1013 -20.66 -9.60 3.69
N ILE B 1014 -20.18 -10.16 2.58
CA ILE B 1014 -20.95 -11.18 1.87
C ILE B 1014 -21.12 -12.42 2.75
N SER B 1015 -20.05 -12.88 3.39
CA SER B 1015 -20.18 -14.10 4.19
C SER B 1015 -21.11 -13.88 5.38
N ARG B 1016 -21.11 -12.68 5.95
CA ARG B 1016 -22.08 -12.38 6.99
C ARG B 1016 -23.49 -12.35 6.43
N ILE B 1017 -23.70 -11.66 5.31
CA ILE B 1017 -25.05 -11.59 4.77
C ILE B 1017 -25.57 -12.98 4.45
N GLN B 1018 -24.72 -13.82 3.84
CA GLN B 1018 -25.10 -15.18 3.46
C GLN B 1018 -25.13 -16.13 4.64
N LYS B 1019 -24.86 -15.64 5.86
CA LYS B 1019 -25.23 -16.41 7.05
C LYS B 1019 -26.48 -15.84 7.72
N GLU B 1020 -26.47 -14.56 8.05
CA GLU B 1020 -27.52 -13.94 8.85
C GLU B 1020 -28.78 -13.68 8.04
N CYS B 1021 -28.67 -13.61 6.71
CA CYS B 1021 -29.82 -13.43 5.83
C CYS B 1021 -30.01 -14.57 4.84
N GLN B 1022 -29.07 -15.51 4.76
CA GLN B 1022 -29.21 -16.69 3.91
C GLN B 1022 -29.47 -16.31 2.45
N ALA B 1023 -28.80 -15.26 1.98
CA ALA B 1023 -28.78 -14.93 0.56
C ALA B 1023 -27.34 -14.78 0.10
N ASP B 1024 -27.04 -15.35 -1.07
CA ASP B 1024 -25.68 -15.39 -1.61
C ASP B 1024 -25.45 -14.20 -2.55
N VAL B 1025 -25.33 -13.02 -1.95
CA VAL B 1025 -25.18 -11.80 -2.75
C VAL B 1025 -23.81 -11.78 -3.42
N PRO B 1026 -23.76 -11.77 -4.75
CA PRO B 1026 -22.47 -11.84 -5.44
C PRO B 1026 -21.57 -10.67 -5.08
N LEU B 1027 -20.26 -10.95 -5.05
CA LEU B 1027 -19.29 -9.91 -4.75
C LEU B 1027 -19.27 -8.80 -5.79
N ARG B 1028 -19.83 -9.05 -6.97
CA ARG B 1028 -19.96 -7.99 -7.97
C ARG B 1028 -21.06 -7.00 -7.60
N VAL B 1029 -22.12 -7.46 -6.95
CA VAL B 1029 -23.24 -6.57 -6.64
C VAL B 1029 -22.82 -5.48 -5.67
N LEU B 1030 -21.94 -5.80 -4.72
CA LEU B 1030 -21.41 -4.78 -3.82
C LEU B 1030 -20.56 -3.75 -4.54
N PHE B 1031 -20.20 -3.99 -5.80
CA PHE B 1031 -19.48 -3.01 -6.59
C PHE B 1031 -20.36 -2.29 -7.60
N GLU B 1032 -21.36 -2.97 -8.17
CA GLU B 1032 -22.32 -2.28 -9.03
C GLU B 1032 -23.16 -1.29 -8.25
N GLN B 1033 -23.62 -1.69 -7.07
CA GLN B 1033 -24.53 -0.88 -6.24
C GLN B 1033 -24.00 -0.86 -4.81
N PRO B 1034 -22.87 -0.21 -4.59
CA PRO B 1034 -22.15 -0.38 -3.32
C PRO B 1034 -22.82 0.30 -2.13
N THR B 1035 -24.15 0.25 -2.07
CA THR B 1035 -24.88 0.85 -0.96
C THR B 1035 -25.98 -0.10 -0.50
N ILE B 1036 -26.43 0.11 0.74
CA ILE B 1036 -27.46 -0.74 1.33
C ILE B 1036 -28.79 -0.64 0.61
N GLN B 1037 -28.99 0.41 -0.20
CA GLN B 1037 -30.19 0.47 -1.04
C GLN B 1037 -30.26 -0.68 -2.03
N ALA B 1038 -29.12 -1.27 -2.40
CA ALA B 1038 -29.10 -2.24 -3.48
C ALA B 1038 -29.85 -3.52 -3.18
N LEU B 1039 -30.17 -3.78 -1.91
CA LEU B 1039 -30.77 -5.06 -1.54
C LEU B 1039 -32.17 -5.26 -2.11
N ALA B 1040 -32.86 -4.17 -2.48
CA ALA B 1040 -34.29 -4.25 -2.77
C ALA B 1040 -34.62 -5.33 -3.79
N ALA B 1041 -33.79 -5.45 -4.83
CA ALA B 1041 -34.04 -6.46 -5.87
C ALA B 1041 -34.02 -7.88 -5.33
N TYR B 1042 -33.47 -8.11 -4.14
CA TYR B 1042 -33.37 -9.44 -3.56
C TYR B 1042 -34.42 -9.73 -2.51
N VAL B 1043 -35.29 -8.77 -2.20
CA VAL B 1043 -36.30 -8.95 -1.16
C VAL B 1043 -37.70 -8.57 -1.58
N GLU B 1044 -37.88 -7.70 -2.58
CA GLU B 1044 -39.20 -7.36 -3.09
C GLU B 1044 -39.75 -8.50 -3.94
C4 A1AN1 C . 1.08 -11.60 -10.38
C14 A1AN1 C . -6.94 -5.27 -4.69
C5 A1AN1 C . 0.73 -10.44 -11.07
C6 A1AN1 C . -0.05 -9.48 -10.45
C11 A1AN1 C . -3.20 -6.57 -6.31
C7 A1AN1 C . -0.53 -9.65 -9.16
C8 A1AN1 C . -1.38 -8.60 -8.49
C9 A1AN1 C . -2.79 -8.56 -9.02
C10 A1AN1 C . -3.48 -6.54 -7.80
C12 A1AN1 C . -5.52 -7.06 -5.77
C13 A1AN1 C . -6.29 -6.65 -4.54
N1 A1AN1 C . 1.73 -14.95 -11.72
N2 A1AN1 C . 1.56 -13.93 -10.81
C3 A1AN1 C . 1.90 -12.67 -11.03
N3 A1AN1 C . -3.70 -7.89 -8.31
C1 A1AN1 C . 2.51 -15.73 -13.82
C15 A1AN1 C . -8.27 -5.42 -5.44
C16 A1AN1 C . -6.02 -4.32 -5.45
C17 A1AN1 C . -7.26 -4.70 -3.31
C18 A1AN1 C . -0.19 -10.81 -8.49
C19 A1AN1 C . 0.61 -11.78 -9.10
C2 A1AN1 C . 2.36 -14.66 -12.79
C20 A1AN1 C . 2.90 -12.41 -11.91
C21 A1AN1 C . 3.99 -11.38 -11.71
C22 A1AN1 C . 5.27 -11.93 -11.09
C23 A1AN1 C . 6.39 -12.12 -12.09
C24 A1AN1 C . 8.47 -12.39 -10.84
C25 A1AN1 C . 7.79 -11.87 -8.56
C26 A1AN1 C . 8.94 -10.90 -8.44
C27 A1AN1 C . 10.73 -12.61 -8.49
C28 A1AN1 C . 12.00 -12.35 -9.26
C29 A1AN1 C . 12.00 -11.01 -9.97
C30 A1AN1 C . 12.50 -9.71 -7.95
C31 A1AN1 C . 11.43 -8.67 -7.64
C32 A1AN1 C . 12.04 -7.27 -7.43
C33 A1AN1 C . 12.69 -7.20 -6.05
C34 A1AN1 C . 10.91 -6.23 -7.48
C35 A1AN1 C . 13.06 -6.94 -8.51
C36 A1AN1 C . 6.60 -13.57 -12.50
C37 A1AN1 C . 5.33 -14.31 -12.90
C38 A1AN1 C . 4.35 -13.50 -13.74
C39 A1AN1 C . 2.95 -13.30 -13.13
N4 A1AN1 C . -4.23 -7.36 -5.64
N5 A1AN1 C . 7.93 -12.77 -9.68
N6 A1AN1 C . 10.15 -11.54 -7.93
N7 A1AN1 C . 12.73 -9.98 -9.24
O1 A1AN1 C . -3.09 -9.18 -10.05
O10 A1AN1 C . 10.24 -13.74 -8.42
O11 A1AN1 C . 13.10 -10.27 -7.03
O12 A1AN1 C . 10.47 -8.63 -8.67
O13 A1AN1 C . 14.35 -7.42 -8.06
O14 A1AN1 C . 15.11 -5.14 -7.31
O16 A1AN1 C . 16.01 -6.13 -9.46
O2 A1AN1 C . -6.14 -7.28 -6.81
O3 A1AN1 C . -7.27 -7.63 -4.22
O4 A1AN1 C . -8.34 -3.74 -3.44
O5 A1AN1 C . -10.14 -2.36 -2.35
O6 A1AN1 C . -9.14 -4.34 -1.10
O8 A1AN1 C . 7.62 -11.58 -11.50
O9 A1AN1 C . 9.54 -12.76 -11.25
P1 A1AN1 C . -9.60 -3.77 -2.43
P2 A1AN1 C . 15.58 -6.38 -8.03
H5 A1AN1 C . 1.03 -10.30 -11.95
H6 A1AN1 C . -0.28 -8.70 -10.93
H12 A1AN1 C . -3.20 -5.65 -5.96
H13 A1AN1 C . -2.32 -6.97 -6.16
H8 A1AN1 C . -1.41 -8.77 -7.53
H7 A1AN1 C . -0.97 -7.72 -8.63
H10 A1AN1 C . -4.28 -5.99 -7.97
H11 A1AN1 C . -2.73 -6.13 -8.27
H15 A1AN1 C . -5.66 -6.59 -3.78
H4 A1AN1 C . 1.16 -14.16 -10.06
H9 A1AN1 C . -4.45 -8.27 -8.14
H1 A1AN1 C . 2.46 -15.34 -14.70
H2 A1AN1 C . 1.80 -16.38 -13.71
H3 A1AN1 C . 3.36 -16.18 -13.70
H19 A1AN1 C . -8.54 -4.55 -5.81
H17 A1AN1 C . -8.95 -5.74 -4.84
H18 A1AN1 C . -8.15 -6.05 -6.17
H20 A1AN1 C . -6.27 -3.40 -5.26
H21 A1AN1 C . -6.09 -4.50 -6.41
H22 A1AN1 C . -5.10 -4.46 -5.17
H24 A1AN1 C . -7.54 -5.43 -2.71
H23 A1AN1 C . -6.47 -4.28 -2.93
H25 A1AN1 C . -0.49 -10.95 -7.61
H26 A1AN1 C . 0.83 -12.56 -8.61
H28 A1AN1 C . 3.65 -10.66 -11.13
H27 A1AN1 C . 4.20 -10.98 -12.58
H29 A1AN1 C . 5.07 -12.80 -10.67
H30 A1AN1 C . 5.58 -11.33 -10.38
H31 A1AN1 C . 6.18 -11.59 -12.91
H34 A1AN1 C . 6.96 -11.36 -8.66
H33 A1AN1 C . 7.74 -12.38 -7.73
H35 A1AN1 C . 8.69 -10.17 -7.83
H36 A1AN1 C . 9.14 -10.50 -9.31
H39 A1AN1 C . 12.76 -12.39 -8.65
H38 A1AN1 C . 12.13 -13.05 -9.92
H41 A1AN1 C . 12.41 -11.11 -10.86
H40 A1AN1 C . 11.07 -10.71 -10.10
H43 A1AN1 C . 10.98 -8.93 -6.80
H46 A1AN1 C . 13.19 -6.37 -5.97
H47 A1AN1 C . 13.30 -7.96 -5.93
H45 A1AN1 C . 12.01 -7.23 -5.36
H49 A1AN1 C . 10.71 -6.02 -8.40
H50 A1AN1 C . 11.19 -5.43 -7.01
H48 A1AN1 C . 10.12 -6.60 -7.05
H52 A1AN1 C . 12.81 -7.38 -9.35
H51 A1AN1 C . 13.08 -5.97 -8.65
H53 A1AN1 C . 7.01 -14.06 -11.75
H54 A1AN1 C . 7.24 -13.60 -13.24
H56 A1AN1 C . 5.59 -15.13 -13.40
H55 A1AN1 C . 4.88 -14.61 -12.09
H58 A1AN1 C . 4.74 -12.63 -13.92
H57 A1AN1 C . 4.25 -13.96 -14.61
H59 A1AN1 C . 2.40 -12.88 -13.85
H14 A1AN1 C . -3.99 -8.02 -5.14
H32 A1AN1 C . 7.64 -13.60 -9.59
H37 A1AN1 C . 10.51 -11.23 -7.20
H42 A1AN1 C . 13.34 -9.53 -9.65
H44 A1AN1 C . 10.82 -8.30 -9.37
H16 A1AN1 C . -7.47 -8.05 -4.93
C PR8 D . -8.54 35.93 -26.19
N PR8 D . -9.84 36.26 -28.25
O PR8 D . -9.01 34.87 -25.85
P PR8 D . -6.31 35.60 -24.83
N1 PR8 D . -10.70 27.71 -27.81
C2 PR8 D . -9.90 27.63 -26.75
N3 PR8 D . -9.13 28.56 -26.20
C4 PR8 D . -9.26 29.73 -26.85
C5 PR8 D . -10.03 29.97 -27.97
C6 PR8 D . -10.78 28.89 -28.48
N6 PR8 D . -11.57 28.98 -29.54
N7 PR8 D . -9.87 31.28 -28.39
C8 PR8 D . -8.99 31.79 -27.56
N9 PR8 D . -8.56 30.88 -26.62
CA PR8 D . -9.21 36.93 -27.12
CB PR8 D . -10.35 37.70 -26.43
CD PR8 D . -11.28 36.55 -28.26
CG PR8 D . -11.40 37.85 -27.50
C1' PR8 D . -7.71 31.14 -25.46
O10 PR8 D . -7.32 36.34 -25.86
O1P PR8 D . -5.31 36.63 -24.41
C2' PR8 D . -6.68 30.07 -25.08
O2' PR8 D . -7.02 29.49 -23.85
O2P PR8 D . -7.08 34.87 -23.78
C3' PR8 D . -5.38 30.87 -24.97
O3' PR8 D . -4.49 30.45 -23.94
C4' PR8 D . -5.87 32.30 -24.77
O4' PR8 D . -7.00 32.34 -25.67
C5' PR8 D . -4.88 33.38 -25.10
O5' PR8 D . -5.52 34.53 -25.72
#